data_7X9Q
# 
_entry.id   7X9Q 
# 
_audit_conform.dict_name       mmcif_pdbx.dic 
_audit_conform.dict_version    5.380 
_audit_conform.dict_location   http://mmcif.pdb.org/dictionaries/ascii/mmcif_pdbx.dic 
# 
loop_
_database_2.database_id 
_database_2.database_code 
_database_2.pdbx_database_accession 
_database_2.pdbx_DOI 
PDB   7X9Q         pdb_00007x9q 10.2210/pdb7x9q/pdb 
WWPDB D_1300028385 ?            ?                   
# 
_pdbx_database_status.status_code                     REL 
_pdbx_database_status.status_code_sf                  REL 
_pdbx_database_status.status_code_mr                  ? 
_pdbx_database_status.entry_id                        7X9Q 
_pdbx_database_status.recvd_initial_deposition_date   2022-03-15 
_pdbx_database_status.SG_entry                        N 
_pdbx_database_status.deposit_site                    PDBJ 
_pdbx_database_status.process_site                    PDBJ 
_pdbx_database_status.status_code_cs                  ? 
_pdbx_database_status.status_code_nmr_data            ? 
_pdbx_database_status.methods_development_category    ? 
_pdbx_database_status.pdb_format_compatible           Y 
# 
loop_
_audit_author.name 
_audit_author.pdbx_ordinal 
_audit_author.identifier_ORCID 
'Pan, L.'  1 ? 
'Guan, X.' 2 ? 
'Feng, X.' 3 ? 
'Li, Z.'   4 ? 
'Bian, J.' 5 ? 
# 
_citation.abstract                  ? 
_citation.abstract_id_CAS           ? 
_citation.book_id_ISBN              ? 
_citation.book_publisher            ? 
_citation.book_publisher_city       ? 
_citation.book_title                ? 
_citation.coordinate_linkage        ? 
_citation.country                   US 
_citation.database_id_Medline       ? 
_citation.details                   ? 
_citation.id                        primary 
_citation.journal_abbrev            J.Med.Chem. 
_citation.journal_id_ASTM           JMCMAR 
_citation.journal_id_CSD            0151 
_citation.journal_id_ISSN           0022-2623 
_citation.journal_full              ? 
_citation.journal_issue             ? 
_citation.journal_volume            65 
_citation.language                  ? 
_citation.page_first                15048 
_citation.page_last                 15065 
_citation.title                     'Discovery of Selenium-Containing STING Agonists as Orally Available Antitumor Agents.' 
_citation.year                      2022 
_citation.database_id_CSD           ? 
_citation.pdbx_database_id_DOI      10.1021/acs.jmedchem.2c00634 
_citation.pdbx_database_id_PubMed   36069713 
_citation.pdbx_database_id_patent   ? 
_citation.unpublished_flag          ? 
# 
loop_
_citation_author.citation_id 
_citation_author.name 
_citation_author.ordinal 
_citation_author.identifier_ORCID 
primary 'Feng, X.' 1  ? 
primary 'Pan, L.'  2  ? 
primary 'Qian, Z.' 3  ? 
primary 'Liu, D.'  4  ? 
primary 'Guan, X.' 5  ? 
primary 'Feng, L.' 6  ? 
primary 'Song, B.' 7  ? 
primary 'Xu, X.'   8  ? 
primary 'Tan, N.'  9  ? 
primary 'Ma, Y.'   10 ? 
primary 'Li, Z.'   11 ? 
primary 'Wang, Z.' 12 ? 
primary 'Bian, J.' 13 ? 
# 
_cell.angle_alpha                  90.000 
_cell.angle_alpha_esd              ? 
_cell.angle_beta                   98.400 
_cell.angle_beta_esd               ? 
_cell.angle_gamma                  90.000 
_cell.angle_gamma_esd              ? 
_cell.entry_id                     7X9Q 
_cell.details                      ? 
_cell.formula_units_Z              ? 
_cell.length_a                     33.649 
_cell.length_a_esd                 ? 
_cell.length_b                     54.502 
_cell.length_b_esd                 ? 
_cell.length_c                     101.943 
_cell.length_c_esd                 ? 
_cell.volume                       ? 
_cell.volume_esd                   ? 
_cell.Z_PDB                        4 
_cell.reciprocal_angle_alpha       ? 
_cell.reciprocal_angle_beta        ? 
_cell.reciprocal_angle_gamma       ? 
_cell.reciprocal_angle_alpha_esd   ? 
_cell.reciprocal_angle_beta_esd    ? 
_cell.reciprocal_angle_gamma_esd   ? 
_cell.reciprocal_length_a          ? 
_cell.reciprocal_length_b          ? 
_cell.reciprocal_length_c          ? 
_cell.reciprocal_length_a_esd      ? 
_cell.reciprocal_length_b_esd      ? 
_cell.reciprocal_length_c_esd      ? 
_cell.pdbx_unique_axis             ? 
# 
_symmetry.entry_id                         7X9Q 
_symmetry.cell_setting                     ? 
_symmetry.Int_Tables_number                5 
_symmetry.space_group_name_Hall            ? 
_symmetry.space_group_name_H-M             'I 1 2 1' 
_symmetry.pdbx_full_space_group_name_H-M   ? 
# 
loop_
_entity.id 
_entity.type 
_entity.src_method 
_entity.pdbx_description 
_entity.formula_weight 
_entity.pdbx_number_of_molecules 
_entity.pdbx_ec 
_entity.pdbx_mutation 
_entity.pdbx_fragment 
_entity.details 
1 polymer     man 'Stimulator of interferon genes protein'                                              26020.299 1 ? ? ? ? 
2 non-polymer syn '(2R)-4-(5,6-dimethoxy-1-benzoselenophen-2-yl)-2-ethyl-4-oxidanylidene-butanoic acid' 369.271   1 ? ? ? ? 
3 water       nat water                                                                                 18.015    4 ? ? ? ? 
# 
_entity_name_com.entity_id   1 
_entity_name_com.name        'hSTING,Endoplasmic reticulum interferon stimulator' 
# 
_entity_poly.entity_id                      1 
_entity_poly.type                           'polypeptide(L)' 
_entity_poly.nstd_linkage                   no 
_entity_poly.nstd_monomer                   no 
_entity_poly.pdbx_seq_one_letter_code       
;KGNFNVAHGLAWSYYIGYLRLILPELQARIRTYNQHYNNLLRGAVSQRLYILLPLDCGVPDNLSMADPNIRFLDKLPQQT
GDHAGIKDRVYSNSIYELLENGQRAGTCVLEYATPLQTLFAMSQYSQAGFSREDRLEQAKLFCRTLEDILADAPESQNNC
RLIAYQEPADDSSFSLSQEVLRHLRQEEKEEVTVGSLKTSAVPSTSTMSQEPELLISGMEKPLPLRTDFS
;
_entity_poly.pdbx_seq_one_letter_code_can   
;KGNFNVAHGLAWSYYIGYLRLILPELQARIRTYNQHYNNLLRGAVSQRLYILLPLDCGVPDNLSMADPNIRFLDKLPQQT
GDHAGIKDRVYSNSIYELLENGQRAGTCVLEYATPLQTLFAMSQYSQAGFSREDRLEQAKLFCRTLEDILADAPESQNNC
RLIAYQEPADDSSFSLSQEVLRHLRQEEKEEVTVGSLKTSAVPSTSTMSQEPELLISGMEKPLPLRTDFS
;
_entity_poly.pdbx_strand_id                 A 
_entity_poly.pdbx_target_identifier         ? 
# 
loop_
_entity_poly_seq.entity_id 
_entity_poly_seq.num 
_entity_poly_seq.mon_id 
_entity_poly_seq.hetero 
1 1   LYS n 
1 2   GLY n 
1 3   ASN n 
1 4   PHE n 
1 5   ASN n 
1 6   VAL n 
1 7   ALA n 
1 8   HIS n 
1 9   GLY n 
1 10  LEU n 
1 11  ALA n 
1 12  TRP n 
1 13  SER n 
1 14  TYR n 
1 15  TYR n 
1 16  ILE n 
1 17  GLY n 
1 18  TYR n 
1 19  LEU n 
1 20  ARG n 
1 21  LEU n 
1 22  ILE n 
1 23  LEU n 
1 24  PRO n 
1 25  GLU n 
1 26  LEU n 
1 27  GLN n 
1 28  ALA n 
1 29  ARG n 
1 30  ILE n 
1 31  ARG n 
1 32  THR n 
1 33  TYR n 
1 34  ASN n 
1 35  GLN n 
1 36  HIS n 
1 37  TYR n 
1 38  ASN n 
1 39  ASN n 
1 40  LEU n 
1 41  LEU n 
1 42  ARG n 
1 43  GLY n 
1 44  ALA n 
1 45  VAL n 
1 46  SER n 
1 47  GLN n 
1 48  ARG n 
1 49  LEU n 
1 50  TYR n 
1 51  ILE n 
1 52  LEU n 
1 53  LEU n 
1 54  PRO n 
1 55  LEU n 
1 56  ASP n 
1 57  CYS n 
1 58  GLY n 
1 59  VAL n 
1 60  PRO n 
1 61  ASP n 
1 62  ASN n 
1 63  LEU n 
1 64  SER n 
1 65  MET n 
1 66  ALA n 
1 67  ASP n 
1 68  PRO n 
1 69  ASN n 
1 70  ILE n 
1 71  ARG n 
1 72  PHE n 
1 73  LEU n 
1 74  ASP n 
1 75  LYS n 
1 76  LEU n 
1 77  PRO n 
1 78  GLN n 
1 79  GLN n 
1 80  THR n 
1 81  GLY n 
1 82  ASP n 
1 83  HIS n 
1 84  ALA n 
1 85  GLY n 
1 86  ILE n 
1 87  LYS n 
1 88  ASP n 
1 89  ARG n 
1 90  VAL n 
1 91  TYR n 
1 92  SER n 
1 93  ASN n 
1 94  SER n 
1 95  ILE n 
1 96  TYR n 
1 97  GLU n 
1 98  LEU n 
1 99  LEU n 
1 100 GLU n 
1 101 ASN n 
1 102 GLY n 
1 103 GLN n 
1 104 ARG n 
1 105 ALA n 
1 106 GLY n 
1 107 THR n 
1 108 CYS n 
1 109 VAL n 
1 110 LEU n 
1 111 GLU n 
1 112 TYR n 
1 113 ALA n 
1 114 THR n 
1 115 PRO n 
1 116 LEU n 
1 117 GLN n 
1 118 THR n 
1 119 LEU n 
1 120 PHE n 
1 121 ALA n 
1 122 MET n 
1 123 SER n 
1 124 GLN n 
1 125 TYR n 
1 126 SER n 
1 127 GLN n 
1 128 ALA n 
1 129 GLY n 
1 130 PHE n 
1 131 SER n 
1 132 ARG n 
1 133 GLU n 
1 134 ASP n 
1 135 ARG n 
1 136 LEU n 
1 137 GLU n 
1 138 GLN n 
1 139 ALA n 
1 140 LYS n 
1 141 LEU n 
1 142 PHE n 
1 143 CYS n 
1 144 ARG n 
1 145 THR n 
1 146 LEU n 
1 147 GLU n 
1 148 ASP n 
1 149 ILE n 
1 150 LEU n 
1 151 ALA n 
1 152 ASP n 
1 153 ALA n 
1 154 PRO n 
1 155 GLU n 
1 156 SER n 
1 157 GLN n 
1 158 ASN n 
1 159 ASN n 
1 160 CYS n 
1 161 ARG n 
1 162 LEU n 
1 163 ILE n 
1 164 ALA n 
1 165 TYR n 
1 166 GLN n 
1 167 GLU n 
1 168 PRO n 
1 169 ALA n 
1 170 ASP n 
1 171 ASP n 
1 172 SER n 
1 173 SER n 
1 174 PHE n 
1 175 SER n 
1 176 LEU n 
1 177 SER n 
1 178 GLN n 
1 179 GLU n 
1 180 VAL n 
1 181 LEU n 
1 182 ARG n 
1 183 HIS n 
1 184 LEU n 
1 185 ARG n 
1 186 GLN n 
1 187 GLU n 
1 188 GLU n 
1 189 LYS n 
1 190 GLU n 
1 191 GLU n 
1 192 VAL n 
1 193 THR n 
1 194 VAL n 
1 195 GLY n 
1 196 SER n 
1 197 LEU n 
1 198 LYS n 
1 199 THR n 
1 200 SER n 
1 201 ALA n 
1 202 VAL n 
1 203 PRO n 
1 204 SER n 
1 205 THR n 
1 206 SER n 
1 207 THR n 
1 208 MET n 
1 209 SER n 
1 210 GLN n 
1 211 GLU n 
1 212 PRO n 
1 213 GLU n 
1 214 LEU n 
1 215 LEU n 
1 216 ILE n 
1 217 SER n 
1 218 GLY n 
1 219 MET n 
1 220 GLU n 
1 221 LYS n 
1 222 PRO n 
1 223 LEU n 
1 224 PRO n 
1 225 LEU n 
1 226 ARG n 
1 227 THR n 
1 228 ASP n 
1 229 PHE n 
1 230 SER n 
# 
_entity_src_gen.entity_id                          1 
_entity_src_gen.pdbx_src_id                        1 
_entity_src_gen.pdbx_alt_source_flag               sample 
_entity_src_gen.pdbx_seq_type                      'Biological sequence' 
_entity_src_gen.pdbx_beg_seq_num                   1 
_entity_src_gen.pdbx_end_seq_num                   230 
_entity_src_gen.gene_src_common_name               human 
_entity_src_gen.gene_src_genus                     ? 
_entity_src_gen.pdbx_gene_src_gene                 STING1 
_entity_src_gen.gene_src_species                   ? 
_entity_src_gen.gene_src_strain                    ? 
_entity_src_gen.gene_src_tissue                    ? 
_entity_src_gen.gene_src_tissue_fraction           ? 
_entity_src_gen.gene_src_details                   ? 
_entity_src_gen.pdbx_gene_src_fragment             ? 
_entity_src_gen.pdbx_gene_src_scientific_name      'Homo sapiens' 
_entity_src_gen.pdbx_gene_src_ncbi_taxonomy_id     9606 
_entity_src_gen.pdbx_gene_src_variant              ? 
_entity_src_gen.pdbx_gene_src_cell_line            ? 
_entity_src_gen.pdbx_gene_src_atcc                 ? 
_entity_src_gen.pdbx_gene_src_organ                ? 
_entity_src_gen.pdbx_gene_src_organelle            ? 
_entity_src_gen.pdbx_gene_src_cell                 ? 
_entity_src_gen.pdbx_gene_src_cellular_location    ? 
_entity_src_gen.host_org_common_name               ? 
_entity_src_gen.pdbx_host_org_scientific_name      'Escherichia coli BL21(DE3)' 
_entity_src_gen.pdbx_host_org_ncbi_taxonomy_id     469008 
_entity_src_gen.host_org_genus                     ? 
_entity_src_gen.pdbx_host_org_gene                 ? 
_entity_src_gen.pdbx_host_org_organ                ? 
_entity_src_gen.host_org_species                   ? 
_entity_src_gen.pdbx_host_org_tissue               ? 
_entity_src_gen.pdbx_host_org_tissue_fraction      ? 
_entity_src_gen.pdbx_host_org_strain               'BL21(DE3)' 
_entity_src_gen.pdbx_host_org_variant              RIL 
_entity_src_gen.pdbx_host_org_cell_line            ? 
_entity_src_gen.pdbx_host_org_atcc                 ? 
_entity_src_gen.pdbx_host_org_culture_collection   ? 
_entity_src_gen.pdbx_host_org_cell                 ? 
_entity_src_gen.pdbx_host_org_organelle            ? 
_entity_src_gen.pdbx_host_org_cellular_location    ? 
_entity_src_gen.pdbx_host_org_vector_type          plasmid 
_entity_src_gen.pdbx_host_org_vector               ? 
_entity_src_gen.host_org_details                   ? 
_entity_src_gen.expression_system_id               ? 
_entity_src_gen.plasmid_name                       pET28a 
_entity_src_gen.plasmid_details                    ? 
_entity_src_gen.pdbx_description                   ? 
# 
_struct_ref.id                         1 
_struct_ref.db_name                    UNP 
_struct_ref.db_code                    STING_HUMAN 
_struct_ref.pdbx_db_accession          Q86WV6 
_struct_ref.pdbx_db_isoform            ? 
_struct_ref.entity_id                  1 
_struct_ref.pdbx_seq_one_letter_code   
;KGNFNVAHGLAWSYYIGYLRLILPELQARIRTYNQHYNNLLRGAVSQRLYILLPLDCGVPDNLSMADPNIRFLDKLPQQT
GDHAGIKDRVYSNSIYELLENGQRAGTCVLEYATPLQTLFAMSQYSQAGFSREDRLEQAKLFCRTLEDILADAPESQNNC
RLIAYQEPADDSSFSLSQEVLRHLRQEEKEEVTVGSLKTSAVPSTSTMSQEPELLISGMEKPLPLRTDFS
;
_struct_ref.pdbx_align_begin           150 
# 
_struct_ref_seq.align_id                      1 
_struct_ref_seq.ref_id                        1 
_struct_ref_seq.pdbx_PDB_id_code              7X9Q 
_struct_ref_seq.pdbx_strand_id                A 
_struct_ref_seq.seq_align_beg                 1 
_struct_ref_seq.pdbx_seq_align_beg_ins_code   ? 
_struct_ref_seq.seq_align_end                 230 
_struct_ref_seq.pdbx_seq_align_end_ins_code   ? 
_struct_ref_seq.pdbx_db_accession             Q86WV6 
_struct_ref_seq.db_align_beg                  150 
_struct_ref_seq.pdbx_db_align_beg_ins_code    ? 
_struct_ref_seq.db_align_end                  379 
_struct_ref_seq.pdbx_db_align_end_ins_code    ? 
_struct_ref_seq.pdbx_auth_seq_align_beg       150 
_struct_ref_seq.pdbx_auth_seq_align_end       379 
# 
loop_
_chem_comp.id 
_chem_comp.type 
_chem_comp.mon_nstd_flag 
_chem_comp.name 
_chem_comp.pdbx_synonyms 
_chem_comp.formula 
_chem_comp.formula_weight 
A9X non-polymer         . '(2R)-4-(5,6-dimethoxy-1-benzoselenophen-2-yl)-2-ethyl-4-oxidanylidene-butanoic acid' ? 'C16 H18 O5 Se'  
369.271 
ALA 'L-peptide linking' y ALANINE                                                                               ? 'C3 H7 N O2'     
89.093  
ARG 'L-peptide linking' y ARGININE                                                                              ? 'C6 H15 N4 O2 1' 
175.209 
ASN 'L-peptide linking' y ASPARAGINE                                                                            ? 'C4 H8 N2 O3'    
132.118 
ASP 'L-peptide linking' y 'ASPARTIC ACID'                                                                       ? 'C4 H7 N O4'     
133.103 
CYS 'L-peptide linking' y CYSTEINE                                                                              ? 'C3 H7 N O2 S'   
121.158 
GLN 'L-peptide linking' y GLUTAMINE                                                                             ? 'C5 H10 N2 O3'   
146.144 
GLU 'L-peptide linking' y 'GLUTAMIC ACID'                                                                       ? 'C5 H9 N O4'     
147.129 
GLY 'peptide linking'   y GLYCINE                                                                               ? 'C2 H5 N O2'     
75.067  
HIS 'L-peptide linking' y HISTIDINE                                                                             ? 'C6 H10 N3 O2 1' 
156.162 
HOH non-polymer         . WATER                                                                                 ? 'H2 O'           
18.015  
ILE 'L-peptide linking' y ISOLEUCINE                                                                            ? 'C6 H13 N O2'    
131.173 
LEU 'L-peptide linking' y LEUCINE                                                                               ? 'C6 H13 N O2'    
131.173 
LYS 'L-peptide linking' y LYSINE                                                                                ? 'C6 H15 N2 O2 1' 
147.195 
MET 'L-peptide linking' y METHIONINE                                                                            ? 'C5 H11 N O2 S'  
149.211 
PHE 'L-peptide linking' y PHENYLALANINE                                                                         ? 'C9 H11 N O2'    
165.189 
PRO 'L-peptide linking' y PROLINE                                                                               ? 'C5 H9 N O2'     
115.130 
SER 'L-peptide linking' y SERINE                                                                                ? 'C3 H7 N O3'     
105.093 
THR 'L-peptide linking' y THREONINE                                                                             ? 'C4 H9 N O3'     
119.119 
TRP 'L-peptide linking' y TRYPTOPHAN                                                                            ? 'C11 H12 N2 O2'  
204.225 
TYR 'L-peptide linking' y TYROSINE                                                                              ? 'C9 H11 N O3'    
181.189 
VAL 'L-peptide linking' y VALINE                                                                                ? 'C5 H11 N O2'    
117.146 
# 
_exptl.absorpt_coefficient_mu     ? 
_exptl.absorpt_correction_T_max   ? 
_exptl.absorpt_correction_T_min   ? 
_exptl.absorpt_correction_type    ? 
_exptl.absorpt_process_details    ? 
_exptl.entry_id                   7X9Q 
_exptl.crystals_number            1 
_exptl.details                    ? 
_exptl.method                     'X-RAY DIFFRACTION' 
_exptl.method_details             ? 
# 
_exptl_crystal.colour                      ? 
_exptl_crystal.density_diffrn              ? 
_exptl_crystal.density_Matthews            1.78 
_exptl_crystal.density_method              ? 
_exptl_crystal.density_percent_sol         30.78 
_exptl_crystal.description                 ? 
_exptl_crystal.F_000                       ? 
_exptl_crystal.id                          1 
_exptl_crystal.preparation                 ? 
_exptl_crystal.size_max                    ? 
_exptl_crystal.size_mid                    ? 
_exptl_crystal.size_min                    ? 
_exptl_crystal.size_rad                    ? 
_exptl_crystal.colour_lustre               ? 
_exptl_crystal.colour_modifier             ? 
_exptl_crystal.colour_primary              ? 
_exptl_crystal.density_meas                ? 
_exptl_crystal.density_meas_esd            ? 
_exptl_crystal.density_meas_gt             ? 
_exptl_crystal.density_meas_lt             ? 
_exptl_crystal.density_meas_temp           ? 
_exptl_crystal.density_meas_temp_esd       ? 
_exptl_crystal.density_meas_temp_gt        ? 
_exptl_crystal.density_meas_temp_lt        ? 
_exptl_crystal.pdbx_crystal_image_url      ? 
_exptl_crystal.pdbx_crystal_image_format   ? 
_exptl_crystal.pdbx_mosaicity              0.360 
_exptl_crystal.pdbx_mosaicity_esd          ? 
# 
_exptl_crystal_grow.apparatus       ? 
_exptl_crystal_grow.atmosphere      ? 
_exptl_crystal_grow.crystal_id      1 
_exptl_crystal_grow.details         ? 
_exptl_crystal_grow.method          EVAPORATION 
_exptl_crystal_grow.method_ref      ? 
_exptl_crystal_grow.pH              7.5 
_exptl_crystal_grow.pressure        ? 
_exptl_crystal_grow.pressure_esd    ? 
_exptl_crystal_grow.seeding         ? 
_exptl_crystal_grow.seeding_ref     ? 
_exptl_crystal_grow.temp            293 
_exptl_crystal_grow.temp_details    ? 
_exptl_crystal_grow.temp_esd        ? 
_exptl_crystal_grow.time            ? 
_exptl_crystal_grow.pdbx_details    PEG3350 
_exptl_crystal_grow.pdbx_pH_range   ? 
# 
_diffrn.ambient_environment              ? 
_diffrn.ambient_temp                     100 
_diffrn.ambient_temp_details             ? 
_diffrn.ambient_temp_esd                 ? 
_diffrn.crystal_id                       1 
_diffrn.crystal_support                  ? 
_diffrn.crystal_treatment                ? 
_diffrn.details                          ? 
_diffrn.id                               1 
_diffrn.ambient_pressure                 ? 
_diffrn.ambient_pressure_esd             ? 
_diffrn.ambient_pressure_gt              ? 
_diffrn.ambient_pressure_lt              ? 
_diffrn.ambient_temp_gt                  ? 
_diffrn.ambient_temp_lt                  ? 
_diffrn.pdbx_serial_crystal_experiment   N 
# 
_diffrn_detector.details                      ? 
_diffrn_detector.detector                     PIXEL 
_diffrn_detector.diffrn_id                    1 
_diffrn_detector.type                         'DECTRIS PILATUS3 6M' 
_diffrn_detector.area_resol_mean              ? 
_diffrn_detector.dtime                        ? 
_diffrn_detector.pdbx_frames_total            ? 
_diffrn_detector.pdbx_collection_time_total   ? 
_diffrn_detector.pdbx_collection_date         2021-11-01 
_diffrn_detector.pdbx_frequency               ? 
# 
_diffrn_radiation.collimation                      ? 
_diffrn_radiation.diffrn_id                        1 
_diffrn_radiation.filter_edge                      ? 
_diffrn_radiation.inhomogeneity                    ? 
_diffrn_radiation.monochromator                    ? 
_diffrn_radiation.polarisn_norm                    ? 
_diffrn_radiation.polarisn_ratio                   ? 
_diffrn_radiation.probe                            ? 
_diffrn_radiation.type                             ? 
_diffrn_radiation.xray_symbol                      ? 
_diffrn_radiation.wavelength_id                    1 
_diffrn_radiation.pdbx_monochromatic_or_laue_m_l   M 
_diffrn_radiation.pdbx_wavelength_list             ? 
_diffrn_radiation.pdbx_wavelength                  ? 
_diffrn_radiation.pdbx_diffrn_protocol             'SINGLE WAVELENGTH' 
_diffrn_radiation.pdbx_analyzer                    ? 
_diffrn_radiation.pdbx_scattering_type             x-ray 
# 
_diffrn_radiation_wavelength.id           1 
_diffrn_radiation_wavelength.wavelength   0.979183 
_diffrn_radiation_wavelength.wt           1.0 
# 
_diffrn_source.current                     ? 
_diffrn_source.details                     ? 
_diffrn_source.diffrn_id                   1 
_diffrn_source.power                       ? 
_diffrn_source.size                        ? 
_diffrn_source.source                      SYNCHROTRON 
_diffrn_source.target                      ? 
_diffrn_source.type                        'SSRF BEAMLINE BL19U1' 
_diffrn_source.voltage                     ? 
_diffrn_source.take-off_angle              ? 
_diffrn_source.pdbx_wavelength_list        0.979183 
_diffrn_source.pdbx_wavelength             ? 
_diffrn_source.pdbx_synchrotron_beamline   BL19U1 
_diffrn_source.pdbx_synchrotron_site       SSRF 
# 
_reflns.B_iso_Wilson_estimate                          53.100 
_reflns.entry_id                                       7X9Q 
_reflns.data_reduction_details                         ? 
_reflns.data_reduction_method                          ? 
_reflns.d_resolution_high                              2.400 
_reflns.d_resolution_low                               47.950 
_reflns.details                                        ? 
_reflns.limit_h_max                                    ? 
_reflns.limit_h_min                                    ? 
_reflns.limit_k_max                                    ? 
_reflns.limit_k_min                                    ? 
_reflns.limit_l_max                                    ? 
_reflns.limit_l_min                                    ? 
_reflns.number_all                                     ? 
_reflns.number_obs                                     12879 
_reflns.observed_criterion                             ? 
_reflns.observed_criterion_F_max                       ? 
_reflns.observed_criterion_F_min                       ? 
_reflns.observed_criterion_I_max                       ? 
_reflns.observed_criterion_I_min                       ? 
_reflns.observed_criterion_sigma_F                     ? 
_reflns.observed_criterion_sigma_I                     ? 
_reflns.percent_possible_obs                           98.800 
_reflns.R_free_details                                 ? 
_reflns.Rmerge_F_all                                   ? 
_reflns.Rmerge_F_obs                                   ? 
_reflns.Friedel_coverage                               ? 
_reflns.number_gt                                      ? 
_reflns.threshold_expression                           ? 
_reflns.pdbx_redundancy                                2.800 
_reflns.pdbx_Rmerge_I_obs                              0.082 
_reflns.pdbx_Rmerge_I_all                              ? 
_reflns.pdbx_Rsym_value                                ? 
_reflns.pdbx_netI_over_av_sigmaI                       ? 
_reflns.pdbx_netI_over_sigmaI                          8.800 
_reflns.pdbx_res_netI_over_av_sigmaI_2                 ? 
_reflns.pdbx_res_netI_over_sigmaI_2                    ? 
_reflns.pdbx_chi_squared                               ? 
_reflns.pdbx_scaling_rejects                           ? 
_reflns.pdbx_d_res_high_opt                            ? 
_reflns.pdbx_d_res_low_opt                             ? 
_reflns.pdbx_d_res_opt_method                          ? 
_reflns.phase_calculation_details                      ? 
_reflns.pdbx_Rrim_I_all                                0.102 
_reflns.pdbx_Rpim_I_all                                0.059 
_reflns.pdbx_d_opt                                     ? 
_reflns.pdbx_number_measured_all                       ? 
_reflns.pdbx_diffrn_id                                 1 
_reflns.pdbx_ordinal                                   1 
_reflns.pdbx_CC_half                                   0.992 
_reflns.pdbx_CC_star                                   ? 
_reflns.pdbx_R_split                                   ? 
_reflns.pdbx_aniso_diffraction_limit_axis_1_ortho[1]   ? 
_reflns.pdbx_aniso_diffraction_limit_axis_1_ortho[2]   ? 
_reflns.pdbx_aniso_diffraction_limit_axis_1_ortho[3]   ? 
_reflns.pdbx_aniso_diffraction_limit_axis_2_ortho[1]   ? 
_reflns.pdbx_aniso_diffraction_limit_axis_2_ortho[2]   ? 
_reflns.pdbx_aniso_diffraction_limit_axis_2_ortho[3]   ? 
_reflns.pdbx_aniso_diffraction_limit_axis_3_ortho[1]   ? 
_reflns.pdbx_aniso_diffraction_limit_axis_3_ortho[2]   ? 
_reflns.pdbx_aniso_diffraction_limit_axis_3_ortho[3]   ? 
_reflns.pdbx_aniso_diffraction_limit_1                 ? 
_reflns.pdbx_aniso_diffraction_limit_2                 ? 
_reflns.pdbx_aniso_diffraction_limit_3                 ? 
_reflns.pdbx_aniso_B_tensor_eigenvector_1_ortho[1]     ? 
_reflns.pdbx_aniso_B_tensor_eigenvector_1_ortho[2]     ? 
_reflns.pdbx_aniso_B_tensor_eigenvector_1_ortho[3]     ? 
_reflns.pdbx_aniso_B_tensor_eigenvector_2_ortho[1]     ? 
_reflns.pdbx_aniso_B_tensor_eigenvector_2_ortho[2]     ? 
_reflns.pdbx_aniso_B_tensor_eigenvector_2_ortho[3]     ? 
_reflns.pdbx_aniso_B_tensor_eigenvector_3_ortho[1]     ? 
_reflns.pdbx_aniso_B_tensor_eigenvector_3_ortho[2]     ? 
_reflns.pdbx_aniso_B_tensor_eigenvector_3_ortho[3]     ? 
_reflns.pdbx_aniso_B_tensor_eigenvalue_1               ? 
_reflns.pdbx_aniso_B_tensor_eigenvalue_2               ? 
_reflns.pdbx_aniso_B_tensor_eigenvalue_3               ? 
_reflns.pdbx_orthogonalization_convention              ? 
_reflns.pdbx_percent_possible_ellipsoidal              ? 
_reflns.pdbx_percent_possible_spherical                ? 
_reflns.pdbx_percent_possible_ellipsoidal_anomalous    ? 
_reflns.pdbx_percent_possible_spherical_anomalous      ? 
_reflns.pdbx_redundancy_anomalous                      ? 
_reflns.pdbx_CC_half_anomalous                         ? 
_reflns.pdbx_absDiff_over_sigma_anomalous              ? 
_reflns.pdbx_percent_possible_anomalous                ? 
_reflns.pdbx_observed_signal_threshold                 ? 
_reflns.pdbx_signal_type                               ? 
_reflns.pdbx_signal_details                            ? 
_reflns.pdbx_signal_software_id                        ? 
# 
loop_
_reflns_shell.d_res_high 
_reflns_shell.d_res_low 
_reflns_shell.meanI_over_sigI_all 
_reflns_shell.meanI_over_sigI_obs 
_reflns_shell.number_measured_all 
_reflns_shell.number_measured_obs 
_reflns_shell.number_possible 
_reflns_shell.number_unique_all 
_reflns_shell.number_unique_obs 
_reflns_shell.percent_possible_all 
_reflns_shell.percent_possible_obs 
_reflns_shell.Rmerge_F_all 
_reflns_shell.Rmerge_F_obs 
_reflns_shell.Rmerge_I_all 
_reflns_shell.Rmerge_I_obs 
_reflns_shell.meanI_over_sigI_gt 
_reflns_shell.meanI_over_uI_all 
_reflns_shell.meanI_over_uI_gt 
_reflns_shell.number_measured_gt 
_reflns_shell.number_unique_gt 
_reflns_shell.percent_possible_gt 
_reflns_shell.Rmerge_F_gt 
_reflns_shell.Rmerge_I_gt 
_reflns_shell.pdbx_redundancy 
_reflns_shell.pdbx_Rsym_value 
_reflns_shell.pdbx_chi_squared 
_reflns_shell.pdbx_netI_over_sigmaI_all 
_reflns_shell.pdbx_netI_over_sigmaI_obs 
_reflns_shell.pdbx_Rrim_I_all 
_reflns_shell.pdbx_Rpim_I_all 
_reflns_shell.pdbx_rejects 
_reflns_shell.pdbx_ordinal 
_reflns_shell.pdbx_diffrn_id 
_reflns_shell.pdbx_CC_half 
_reflns_shell.pdbx_CC_star 
_reflns_shell.pdbx_R_split 
_reflns_shell.pdbx_percent_possible_ellipsoidal 
_reflns_shell.pdbx_percent_possible_spherical 
_reflns_shell.pdbx_percent_possible_ellipsoidal_anomalous 
_reflns_shell.pdbx_percent_possible_spherical_anomalous 
_reflns_shell.pdbx_redundancy_anomalous 
_reflns_shell.pdbx_CC_half_anomalous 
_reflns_shell.pdbx_absDiff_over_sigma_anomalous 
_reflns_shell.pdbx_percent_possible_anomalous 
2.400 2.490  ? ? 2131 ? ? ? 737 99.800 ? ? ? ? 0.644 ? ? ? ? ? ? ? ? 2.900 ? ? ? 1.900  0.786 0.445 ? 1 1 0.650 ? ? ? ? ? ? ? ? ? 
? 
8.980 47.950 ? ? 357  ? ? ? 141 94.400 ? ? ? ? 0.058 ? ? ? ? ? ? ? ? 2.500 ? ? ? 19.600 0.074 0.044 ? 2 1 0.984 ? ? ? ? ? ? ? ? ? 
? 
# 
_refine.aniso_B[1][1]                            ? 
_refine.aniso_B[1][2]                            ? 
_refine.aniso_B[1][3]                            ? 
_refine.aniso_B[2][2]                            ? 
_refine.aniso_B[2][3]                            ? 
_refine.aniso_B[3][3]                            ? 
_refine.B_iso_max                                155.900 
_refine.B_iso_mean                               69.4296 
_refine.B_iso_min                                28.280 
_refine.correlation_coeff_Fo_to_Fc               ? 
_refine.correlation_coeff_Fo_to_Fc_free          ? 
_refine.details                                  ? 
_refine.diff_density_max                         ? 
_refine.diff_density_max_esd                     ? 
_refine.diff_density_min                         ? 
_refine.diff_density_min_esd                     ? 
_refine.diff_density_rms                         ? 
_refine.diff_density_rms_esd                     ? 
_refine.entry_id                                 7X9Q 
_refine.pdbx_refine_id                           'X-RAY DIFFRACTION' 
_refine.ls_abs_structure_details                 ? 
_refine.ls_abs_structure_Flack                   ? 
_refine.ls_abs_structure_Flack_esd               ? 
_refine.ls_abs_structure_Rogers                  ? 
_refine.ls_abs_structure_Rogers_esd              ? 
_refine.ls_d_res_high                            2.4000 
_refine.ls_d_res_low                             33.0800 
_refine.ls_extinction_coef                       ? 
_refine.ls_extinction_coef_esd                   ? 
_refine.ls_extinction_expression                 ? 
_refine.ls_extinction_method                     ? 
_refine.ls_goodness_of_fit_all                   ? 
_refine.ls_goodness_of_fit_all_esd               ? 
_refine.ls_goodness_of_fit_obs                   ? 
_refine.ls_goodness_of_fit_obs_esd               ? 
_refine.ls_hydrogen_treatment                    ? 
_refine.ls_matrix_type                           ? 
_refine.ls_number_constraints                    ? 
_refine.ls_number_parameters                     ? 
_refine.ls_number_reflns_all                     ? 
_refine.ls_number_reflns_obs                     12879 
_refine.ls_number_reflns_R_free                  702 
_refine.ls_number_reflns_R_work                  12177 
_refine.ls_number_restraints                     ? 
_refine.ls_percent_reflns_obs                    92.1000 
_refine.ls_percent_reflns_R_free                 5.4500 
_refine.ls_R_factor_all                          ? 
_refine.ls_R_factor_obs                          0.2163 
_refine.ls_R_factor_R_free                       0.2674 
_refine.ls_R_factor_R_free_error                 ? 
_refine.ls_R_factor_R_free_error_details         ? 
_refine.ls_R_factor_R_work                       0.2135 
_refine.ls_R_Fsqd_factor_obs                     ? 
_refine.ls_R_I_factor_obs                        ? 
_refine.ls_redundancy_reflns_all                 ? 
_refine.ls_redundancy_reflns_obs                 ? 
_refine.ls_restrained_S_all                      ? 
_refine.ls_restrained_S_obs                      ? 
_refine.ls_shift_over_esd_max                    ? 
_refine.ls_shift_over_esd_mean                   ? 
_refine.ls_structure_factor_coef                 ? 
_refine.ls_weighting_details                     ? 
_refine.ls_weighting_scheme                      ? 
_refine.ls_wR_factor_all                         ? 
_refine.ls_wR_factor_obs                         ? 
_refine.ls_wR_factor_R_free                      ? 
_refine.ls_wR_factor_R_work                      ? 
_refine.occupancy_max                            ? 
_refine.occupancy_min                            ? 
_refine.solvent_model_details                    'FLAT BULK SOLVENT MODEL' 
_refine.solvent_model_param_bsol                 ? 
_refine.solvent_model_param_ksol                 ? 
_refine.pdbx_R_complete                          ? 
_refine.ls_R_factor_gt                           ? 
_refine.ls_goodness_of_fit_gt                    ? 
_refine.ls_goodness_of_fit_ref                   ? 
_refine.ls_shift_over_su_max                     ? 
_refine.ls_shift_over_su_max_lt                  ? 
_refine.ls_shift_over_su_mean                    ? 
_refine.ls_shift_over_su_mean_lt                 ? 
_refine.pdbx_ls_sigma_I                          ? 
_refine.pdbx_ls_sigma_F                          1.350 
_refine.pdbx_ls_sigma_Fsqd                       ? 
_refine.pdbx_data_cutoff_high_absF               ? 
_refine.pdbx_data_cutoff_high_rms_absF           ? 
_refine.pdbx_data_cutoff_low_absF                ? 
_refine.pdbx_isotropic_thermal_model             ? 
_refine.pdbx_ls_cross_valid_method               THROUGHOUT 
_refine.pdbx_method_to_determine_struct          'MOLECULAR REPLACEMENT' 
_refine.pdbx_starting_model                      6UKM 
_refine.pdbx_stereochemistry_target_values       ML 
_refine.pdbx_R_Free_selection_details            ? 
_refine.pdbx_stereochem_target_val_spec_case     ? 
_refine.pdbx_overall_ESU_R                       ? 
_refine.pdbx_overall_ESU_R_Free                  ? 
_refine.pdbx_solvent_vdw_probe_radii             1.1100 
_refine.pdbx_solvent_ion_probe_radii             ? 
_refine.pdbx_solvent_shrinkage_radii             0.9000 
_refine.pdbx_real_space_R                        ? 
_refine.pdbx_density_correlation                 ? 
_refine.pdbx_pd_number_of_powder_patterns        ? 
_refine.pdbx_pd_number_of_points                 ? 
_refine.pdbx_pd_meas_number_of_points            ? 
_refine.pdbx_pd_proc_ls_prof_R_factor            ? 
_refine.pdbx_pd_proc_ls_prof_wR_factor           ? 
_refine.pdbx_pd_Marquardt_correlation_coeff      ? 
_refine.pdbx_pd_Fsqrd_R_factor                   ? 
_refine.pdbx_pd_ls_matrix_band_width             ? 
_refine.pdbx_overall_phase_error                 33.1400 
_refine.pdbx_overall_SU_R_free_Cruickshank_DPI   ? 
_refine.pdbx_overall_SU_R_free_Blow_DPI          ? 
_refine.pdbx_overall_SU_R_Blow_DPI               ? 
_refine.pdbx_TLS_residual_ADP_flag               ? 
_refine.pdbx_diffrn_id                           1 
_refine.overall_SU_B                             ? 
_refine.overall_SU_ML                            0.3300 
_refine.overall_SU_R_Cruickshank_DPI             ? 
_refine.overall_SU_R_free                        ? 
_refine.overall_FOM_free_R_set                   ? 
_refine.overall_FOM_work_R_set                   ? 
_refine.pdbx_average_fsc_overall                 ? 
_refine.pdbx_average_fsc_work                    ? 
_refine.pdbx_average_fsc_free                    ? 
# 
_refine_hist.pdbx_refine_id                   'X-RAY DIFFRACTION' 
_refine_hist.cycle_id                         final 
_refine_hist.details                          ? 
_refine_hist.d_res_high                       2.4000 
_refine_hist.d_res_low                        33.0800 
_refine_hist.number_atoms_solvent             4 
_refine_hist.number_atoms_total               1400 
_refine_hist.number_reflns_all                ? 
_refine_hist.number_reflns_obs                ? 
_refine_hist.number_reflns_R_free             ? 
_refine_hist.number_reflns_R_work             ? 
_refine_hist.R_factor_all                     ? 
_refine_hist.R_factor_obs                     ? 
_refine_hist.R_factor_R_free                  ? 
_refine_hist.R_factor_R_work                  ? 
_refine_hist.pdbx_number_residues_total       179 
_refine_hist.pdbx_B_iso_mean_ligand           36.29 
_refine_hist.pdbx_B_iso_mean_solvent          55.99 
_refine_hist.pdbx_number_atoms_protein        1374 
_refine_hist.pdbx_number_atoms_nucleic_acid   0 
_refine_hist.pdbx_number_atoms_ligand         22 
_refine_hist.pdbx_number_atoms_lipid          ? 
_refine_hist.pdbx_number_atoms_carb           ? 
_refine_hist.pdbx_pseudo_atom_details         ? 
# 
loop_
_refine_ls_shell.pdbx_refine_id 
_refine_ls_shell.d_res_high 
_refine_ls_shell.d_res_low 
_refine_ls_shell.number_reflns_all 
_refine_ls_shell.number_reflns_obs 
_refine_ls_shell.number_reflns_R_free 
_refine_ls_shell.number_reflns_R_work 
_refine_ls_shell.percent_reflns_obs 
_refine_ls_shell.percent_reflns_R_free 
_refine_ls_shell.R_factor_all 
_refine_ls_shell.R_factor_obs 
_refine_ls_shell.R_factor_R_free 
_refine_ls_shell.R_factor_R_free_error 
_refine_ls_shell.R_factor_R_work 
_refine_ls_shell.redundancy_reflns_all 
_refine_ls_shell.redundancy_reflns_obs 
_refine_ls_shell.wR_factor_all 
_refine_ls_shell.wR_factor_obs 
_refine_ls_shell.wR_factor_R_free 
_refine_ls_shell.wR_factor_R_work 
_refine_ls_shell.pdbx_R_complete 
_refine_ls_shell.pdbx_total_number_of_bins_used 
_refine_ls_shell.pdbx_phase_error 
_refine_ls_shell.pdbx_fsc_work 
_refine_ls_shell.pdbx_fsc_free 
'X-RAY DIFFRACTION' 2.4000 2.5800  2635 . 127 2508 95.0000 . . . 0.3301 0.0000 0.3116 . . . . . . . 5 . . . 
'X-RAY DIFFRACTION' 2.5900 2.8500  2613 . 164 2449 94.0000 . . . 0.3651 0.0000 0.2708 . . . . . . . 5 . . . 
'X-RAY DIFFRACTION' 2.8500 3.2600  2622 . 170 2452 93.0000 . . . 0.2984 0.0000 0.2545 . . . . . . . 5 . . . 
'X-RAY DIFFRACTION' 3.2600 4.1000  2479 . 125 2354 88.0000 . . . 0.2897 0.0000 0.2125 . . . . . . . 5 . . . 
'X-RAY DIFFRACTION' 4.1000 33.0800 2530 . 116 2414 90.0000 . . . 0.2095 0.0000 0.1750 . . . . . . . 5 . . . 
# 
_struct.entry_id                     7X9Q 
_struct.title                        'Crystal structure of human STING complexed with compound BSP16' 
_struct.pdbx_model_details           ? 
_struct.pdbx_formula_weight          ? 
_struct.pdbx_formula_weight_method   ? 
_struct.pdbx_model_type_details      ? 
_struct.pdbx_CASP_flag               N 
# 
_struct_keywords.entry_id        7X9Q 
_struct_keywords.text            'STING agonists, IMMUNE SYSTEM' 
_struct_keywords.pdbx_keywords   'IMMUNE SYSTEM' 
# 
loop_
_struct_asym.id 
_struct_asym.pdbx_blank_PDB_chainid_flag 
_struct_asym.pdbx_modified 
_struct_asym.entity_id 
_struct_asym.details 
A N N 1 ? 
B N N 2 ? 
C N N 3 ? 
# 
loop_
_struct_conf.conf_type_id 
_struct_conf.id 
_struct_conf.pdbx_PDB_helix_id 
_struct_conf.beg_label_comp_id 
_struct_conf.beg_label_asym_id 
_struct_conf.beg_label_seq_id 
_struct_conf.pdbx_beg_PDB_ins_code 
_struct_conf.end_label_comp_id 
_struct_conf.end_label_asym_id 
_struct_conf.end_label_seq_id 
_struct_conf.pdbx_end_PDB_ins_code 
_struct_conf.beg_auth_comp_id 
_struct_conf.beg_auth_asym_id 
_struct_conf.beg_auth_seq_id 
_struct_conf.end_auth_comp_id 
_struct_conf.end_auth_asym_id 
_struct_conf.end_auth_seq_id 
_struct_conf.pdbx_PDB_helix_class 
_struct_conf.details 
_struct_conf.pdbx_PDB_helix_length 
HELX_P HELX_P1 AA1 PHE A 4   ? TYR A 18  ? PHE A 153 TYR A 167 1 ? 15 
HELX_P HELX_P2 AA2 TYR A 18  ? TYR A 37  ? TYR A 167 TYR A 186 1 ? 20 
HELX_P HELX_P3 AA3 THR A 114 ? MET A 122 ? THR A 263 MET A 271 1 ? 9  
HELX_P HELX_P4 AA4 SER A 131 ? ALA A 153 ? SER A 280 ALA A 302 1 ? 23 
HELX_P HELX_P5 AA5 LEU A 176 ? LYS A 189 ? LEU A 325 LYS A 338 1 ? 14 
# 
_struct_conf_type.id          HELX_P 
_struct_conf_type.criteria    ? 
_struct_conf_type.reference   ? 
# 
loop_
_struct_sheet.id 
_struct_sheet.type 
_struct_sheet.number_strands 
_struct_sheet.details 
AA1 ? 5 ? 
AA2 ? 2 ? 
# 
loop_
_struct_sheet_order.sheet_id 
_struct_sheet_order.range_id_1 
_struct_sheet_order.range_id_2 
_struct_sheet_order.offset 
_struct_sheet_order.sense 
AA1 1 2 ? anti-parallel 
AA1 2 3 ? anti-parallel 
AA1 3 4 ? parallel      
AA1 4 5 ? parallel      
AA2 1 2 ? anti-parallel 
# 
loop_
_struct_sheet_range.sheet_id 
_struct_sheet_range.id 
_struct_sheet_range.beg_label_comp_id 
_struct_sheet_range.beg_label_asym_id 
_struct_sheet_range.beg_label_seq_id 
_struct_sheet_range.pdbx_beg_PDB_ins_code 
_struct_sheet_range.end_label_comp_id 
_struct_sheet_range.end_label_asym_id 
_struct_sheet_range.end_label_seq_id 
_struct_sheet_range.pdbx_end_PDB_ins_code 
_struct_sheet_range.beg_auth_comp_id 
_struct_sheet_range.beg_auth_asym_id 
_struct_sheet_range.beg_auth_seq_id 
_struct_sheet_range.end_auth_comp_id 
_struct_sheet_range.end_auth_asym_id 
_struct_sheet_range.end_auth_seq_id 
AA1 1 ILE A 70  ? LYS A 75  ? ILE A 219 LYS A 224 
AA1 2 SER A 94  ? GLU A 100 ? SER A 243 GLU A 249 
AA1 3 GLN A 103 ? TYR A 112 ? GLN A 252 TYR A 261 
AA1 4 LEU A 49  ? PRO A 54  ? LEU A 198 PRO A 203 
AA1 5 CYS A 160 ? TYR A 165 ? CYS A 309 TYR A 314 
AA2 1 GLN A 79  ? HIS A 83  ? GLN A 228 HIS A 232 
AA2 2 ILE A 86  ? TYR A 91  ? ILE A 235 TYR A 240 
# 
loop_
_pdbx_struct_sheet_hbond.sheet_id 
_pdbx_struct_sheet_hbond.range_id_1 
_pdbx_struct_sheet_hbond.range_id_2 
_pdbx_struct_sheet_hbond.range_1_label_atom_id 
_pdbx_struct_sheet_hbond.range_1_label_comp_id 
_pdbx_struct_sheet_hbond.range_1_label_asym_id 
_pdbx_struct_sheet_hbond.range_1_label_seq_id 
_pdbx_struct_sheet_hbond.range_1_PDB_ins_code 
_pdbx_struct_sheet_hbond.range_1_auth_atom_id 
_pdbx_struct_sheet_hbond.range_1_auth_comp_id 
_pdbx_struct_sheet_hbond.range_1_auth_asym_id 
_pdbx_struct_sheet_hbond.range_1_auth_seq_id 
_pdbx_struct_sheet_hbond.range_2_label_atom_id 
_pdbx_struct_sheet_hbond.range_2_label_comp_id 
_pdbx_struct_sheet_hbond.range_2_label_asym_id 
_pdbx_struct_sheet_hbond.range_2_label_seq_id 
_pdbx_struct_sheet_hbond.range_2_PDB_ins_code 
_pdbx_struct_sheet_hbond.range_2_auth_atom_id 
_pdbx_struct_sheet_hbond.range_2_auth_comp_id 
_pdbx_struct_sheet_hbond.range_2_auth_asym_id 
_pdbx_struct_sheet_hbond.range_2_auth_seq_id 
AA1 1 2 N ASP A 74  ? N ASP A 223 O ILE A 95  ? O ILE A 244 
AA1 2 3 N LEU A 98  ? N LEU A 247 O ALA A 105 ? O ALA A 254 
AA1 3 4 O GLU A 111 ? O GLU A 260 N LEU A 52  ? N LEU A 201 
AA1 4 5 N LEU A 53  ? N LEU A 202 O ILE A 163 ? O ILE A 312 
AA2 1 2 N GLN A 79  ? N GLN A 228 O TYR A 91  ? O TYR A 240 
# 
_atom_sites.entry_id                    7X9Q 
_atom_sites.Cartn_transf_matrix[1][1]   ? 
_atom_sites.Cartn_transf_matrix[1][2]   ? 
_atom_sites.Cartn_transf_matrix[1][3]   ? 
_atom_sites.Cartn_transf_matrix[2][1]   ? 
_atom_sites.Cartn_transf_matrix[2][2]   ? 
_atom_sites.Cartn_transf_matrix[2][3]   ? 
_atom_sites.Cartn_transf_matrix[3][1]   ? 
_atom_sites.Cartn_transf_matrix[3][2]   ? 
_atom_sites.Cartn_transf_matrix[3][3]   ? 
_atom_sites.Cartn_transf_vector[1]      ? 
_atom_sites.Cartn_transf_vector[2]      ? 
_atom_sites.Cartn_transf_vector[3]      ? 
_atom_sites.fract_transf_matrix[1][1]   0.02034874 
_atom_sites.fract_transf_matrix[1][2]   -0.00409233 
_atom_sites.fract_transf_matrix[1][3]   -0.02171823 
_atom_sites.fract_transf_matrix[2][1]   0.01319037 
_atom_sites.fract_transf_matrix[2][2]   -0.00157799 
_atom_sites.fract_transf_matrix[2][3]   0.01265596 
_atom_sites.fract_transf_matrix[3][1]   -0.00054990 
_atom_sites.fract_transf_matrix[3][2]   -0.00987881 
_atom_sites.fract_transf_matrix[3][3]   -0.00065860 
_atom_sites.fract_transf_vector[1]      -0.049483 
_atom_sites.fract_transf_vector[2]      -0.369890 
_atom_sites.fract_transf_vector[3]      -0.136246 
_atom_sites.solution_primary            ? 
_atom_sites.solution_secondary          ? 
_atom_sites.solution_hydrogens          ? 
_atom_sites.special_details             ? 
# 
loop_
_atom_type.symbol 
C  
N  
O  
S  
SE 
# 
loop_
_atom_site.group_PDB 
_atom_site.id 
_atom_site.type_symbol 
_atom_site.label_atom_id 
_atom_site.label_alt_id 
_atom_site.label_comp_id 
_atom_site.label_asym_id 
_atom_site.label_entity_id 
_atom_site.label_seq_id 
_atom_site.pdbx_PDB_ins_code 
_atom_site.Cartn_x 
_atom_site.Cartn_y 
_atom_site.Cartn_z 
_atom_site.occupancy 
_atom_site.B_iso_or_equiv 
_atom_site.pdbx_formal_charge 
_atom_site.auth_seq_id 
_atom_site.auth_comp_id 
_atom_site.auth_asym_id 
_atom_site.auth_atom_id 
_atom_site.pdbx_PDB_model_num 
ATOM   1    N  N    . PHE A 1 4   ? -14.478 -6.764  -16.164 1.00 79.95  ?  153 PHE A N    1 
ATOM   2    C  CA   . PHE A 1 4   ? -15.409 -6.140  -15.232 1.00 71.07  ?  153 PHE A CA   1 
ATOM   3    C  C    . PHE A 1 4   ? -15.427 -6.943  -13.947 1.00 73.75  ?  153 PHE A C    1 
ATOM   4    O  O    . PHE A 1 4   ? -15.397 -6.391  -12.839 1.00 74.20  ?  153 PHE A O    1 
ATOM   5    C  CB   . PHE A 1 4   ? -16.823 -6.054  -15.819 1.00 78.93  ?  153 PHE A CB   1 
ATOM   6    N  N    . ASN A 1 5   ? -15.460 -8.261  -14.103 1.00 68.29  ?  154 ASN A N    1 
ATOM   7    C  CA   . ASN A 1 5   ? -15.505 -9.138  -12.950 1.00 72.36  ?  154 ASN A CA   1 
ATOM   8    C  C    . ASN A 1 5   ? -14.140 -9.611  -12.488 1.00 69.44  ?  154 ASN A C    1 
ATOM   9    O  O    . ASN A 1 5   ? -13.953 -9.839  -11.286 1.00 70.34  ?  154 ASN A O    1 
ATOM   10   C  CB   . ASN A 1 5   ? -16.406 -10.334 -13.249 1.00 76.35  ?  154 ASN A CB   1 
ATOM   11   C  CG   . ASN A 1 5   ? -17.864 -9.963  -13.165 1.00 80.28  ?  154 ASN A CG   1 
ATOM   12   O  OD1  . ASN A 1 5   ? -18.210 -8.853  -12.715 1.00 85.71  ?  154 ASN A OD1  1 
ATOM   13   N  ND2  . ASN A 1 5   ? -18.734 -10.888 -13.551 1.00 81.62  ?  154 ASN A ND2  1 
ATOM   14   N  N    . VAL A 1 6   ? -13.187 -9.772  -13.391 1.00 62.32  ?  155 VAL A N    1 
ATOM   15   C  CA   . VAL A 1 6   ? -11.830 -10.035 -12.937 1.00 60.72  ?  155 VAL A CA   1 
ATOM   16   C  C    . VAL A 1 6   ? -11.404 -9.008  -11.904 1.00 57.35  ?  155 VAL A C    1 
ATOM   17   O  O    . VAL A 1 6   ? -10.879 -9.355  -10.840 1.00 56.72  ?  155 VAL A O    1 
ATOM   18   C  CB   . VAL A 1 6   ? -10.878 -10.050 -14.131 1.00 62.67  ?  155 VAL A CB   1 
ATOM   19   C  CG1  . VAL A 1 6   ? -9.440  -9.869  -13.656 1.00 67.96  ?  155 VAL A CG1  1 
ATOM   20   C  CG2  . VAL A 1 6   ? -11.073 -11.377 -14.836 1.00 61.61  ?  155 VAL A CG2  1 
ATOM   21   N  N    . ALA A 1 7   ? -11.614 -7.724  -12.208 1.00 58.15  ?  156 ALA A N    1 
ATOM   22   C  CA   . ALA A 1 7   ? -11.268 -6.674  -11.269 1.00 60.51  ?  156 ALA A CA   1 
ATOM   23   C  C    . ALA A 1 7   ? -12.133 -6.753  -10.016 1.00 54.78  ?  156 ALA A C    1 
ATOM   24   O  O    . ALA A 1 7   ? -11.621 -6.594  -8.906  1.00 51.76  ?  156 ALA A O    1 
ATOM   25   C  CB   . ALA A 1 7   ? -11.384 -5.311  -11.950 1.00 61.18  ?  156 ALA A CB   1 
ATOM   26   N  N    . HIS A 1 8   ? -13.429 -7.039  -10.161 1.00 63.42  ?  157 HIS A N    1 
ATOM   27   C  CA   . HIS A 1 8   ? -14.275 -7.253  -8.987  1.00 61.58  ?  157 HIS A CA   1 
ATOM   28   C  C    . HIS A 1 8   ? -13.713 -8.350  -8.114  1.00 60.65  ?  157 HIS A C    1 
ATOM   29   O  O    . HIS A 1 8   ? -13.490 -8.154  -6.914  1.00 56.53  ?  157 HIS A O    1 
ATOM   30   C  CB   . HIS A 1 8   ? -15.694 -7.603  -9.412  1.00 64.29  ?  157 HIS A CB   1 
ATOM   31   C  CG   . HIS A 1 8   ? -16.528 -6.396  -9.715  1.00 66.76  ?  157 HIS A CG   1 
ATOM   32   N  ND1  . HIS A 1 8   ? -16.847 -6.001  -11.006 1.00 66.39  ?  157 HIS A ND1  1 
ATOM   33   C  CD2  . HIS A 1 8   ? -17.084 -5.467  -8.895  1.00 69.35  ?  157 HIS A CD2  1 
ATOM   34   C  CE1  . HIS A 1 8   ? -17.557 -4.882  -10.967 1.00 64.19  ?  157 HIS A CE1  1 
ATOM   35   N  NE2  . HIS A 1 8   ? -17.719 -4.539  -9.698  1.00 66.46  ?  157 HIS A NE2  1 
ATOM   36   N  N    . GLY A 1 9   ? -13.442 -9.506  -8.720  1.00 48.33  ?  158 GLY A N    1 
ATOM   37   C  CA   . GLY A 1 9   ? -13.059 -10.666 -7.940  1.00 44.81  ?  158 GLY A CA   1 
ATOM   38   C  C    . GLY A 1 9   ? -11.716 -10.471 -7.275  1.00 48.93  ?  158 GLY A C    1 
ATOM   39   O  O    . GLY A 1 9   ? -11.526 -10.875 -6.115  1.00 50.03  ?  158 GLY A O    1 
ATOM   40   N  N    . LEU A 1 10  ? -10.786 -9.790  -7.974  1.00 41.41  ?  159 LEU A N    1 
ATOM   41   C  CA   . LEU A 1 10  ? -9.462  -9.555  -7.414  1.00 45.85  ?  159 LEU A CA   1 
ATOM   42   C  C    . LEU A 1 10  ? -9.527  -8.596  -6.235  1.00 41.07  ?  159 LEU A C    1 
ATOM   43   O  O    . LEU A 1 10  ? -8.803  -8.768  -5.244  1.00 41.64  ?  159 LEU A O    1 
ATOM   44   C  CB   . LEU A 1 10  ? -8.523  -9.003  -8.479  1.00 43.86  ?  159 LEU A CB   1 
ATOM   45   C  CG   . LEU A 1 10  ? -8.169  -9.937  -9.646  1.00 50.02  ?  159 LEU A CG   1 
ATOM   46   C  CD1  . LEU A 1 10  ? -7.013  -9.376  -10.442 1.00 49.10  ?  159 LEU A CD1  1 
ATOM   47   C  CD2  . LEU A 1 10  ? -7.881  -11.337 -9.146  1.00 42.58  ?  159 LEU A CD2  1 
ATOM   48   N  N    . ALA A 1 11  ? -10.381 -7.579  -6.323  1.00 43.65  ?  160 ALA A N    1 
ATOM   49   C  CA   . ALA A 1 11  ? -10.551 -6.691  -5.185  1.00 45.52  ?  160 ALA A CA   1 
ATOM   50   C  C    . ALA A 1 11  ? -11.071 -7.463  -3.982  1.00 37.47  ?  160 ALA A C    1 
ATOM   51   O  O    . ALA A 1 11  ? -10.472 -7.418  -2.905  1.00 43.37  ?  160 ALA A O    1 
ATOM   52   C  CB   . ALA A 1 11  ? -11.468 -5.527  -5.562  1.00 42.05  ?  160 ALA A CB   1 
ATOM   53   N  N    . TRP A 1 12  ? -12.165 -8.224  -4.153  1.00 38.90  ?  161 TRP A N    1 
ATOM   54   C  CA   . TRP A 1 12  ? -12.703 -8.980  -3.012  1.00 47.37  ?  161 TRP A CA   1 
ATOM   55   C  C    . TRP A 1 12  ? -11.660 -9.921  -2.431  1.00 44.35  ?  161 TRP A C    1 
ATOM   56   O  O    . TRP A 1 12  ? -11.538 -10.028 -1.204  1.00 42.53  ?  161 TRP A O    1 
ATOM   57   C  CB   . TRP A 1 12  ? -13.931 -9.783  -3.431  1.00 44.19  ?  161 TRP A CB   1 
ATOM   58   C  CG   . TRP A 1 12  ? -15.072 -8.931  -3.406  1.00 53.93  ?  161 TRP A CG   1 
ATOM   59   C  CD1  . TRP A 1 12  ? -15.702 -8.360  -4.472  1.00 49.29  ?  161 TRP A CD1  1 
ATOM   60   C  CD2  . TRP A 1 12  ? -15.747 -8.486  -2.241  1.00 48.11  ?  161 TRP A CD2  1 
ATOM   61   N  NE1  . TRP A 1 12  ? -16.734 -7.594  -4.040  1.00 56.18  ?  161 TRP A NE1  1 
ATOM   62   C  CE2  . TRP A 1 12  ? -16.783 -7.642  -2.669  1.00 57.16  ?  161 TRP A CE2  1 
ATOM   63   C  CE3  . TRP A 1 12  ? -15.559 -8.707  -0.869  1.00 47.90  ?  161 TRP A CE3  1 
ATOM   64   C  CZ2  . TRP A 1 12  ? -17.659 -7.022  -1.776  1.00 62.75  ?  161 TRP A CZ2  1 
ATOM   65   C  CZ3  . TRP A 1 12  ? -16.411 -8.078  0.026   1.00 59.60  ?  161 TRP A CZ3  1 
ATOM   66   C  CH2  . TRP A 1 12  ? -17.465 -7.251  -0.433  1.00 56.77  ?  161 TRP A CH2  1 
ATOM   67   N  N    . SER A 1 13  ? -10.915 -10.640 -3.309  1.00 46.31  ?  162 SER A N    1 
ATOM   68   C  CA   . SER A 1 13  ? -9.926  -11.617 -2.853  1.00 42.03  ?  162 SER A CA   1 
ATOM   69   C  C    . SER A 1 13  ? -8.778  -10.928 -2.141  1.00 41.52  ?  162 SER A C    1 
ATOM   70   O  O    . SER A 1 13  ? -8.314  -11.383 -1.092  1.00 43.23  ?  162 SER A O    1 
ATOM   71   C  CB   . SER A 1 13  ? -9.393  -12.437 -4.027  1.00 44.68  ?  162 SER A CB   1 
ATOM   72   O  OG   . SER A 1 13  ? -8.581  -13.513 -3.562  1.00 42.96  ?  162 SER A OG   1 
ATOM   73   N  N    . TYR A 1 14  ? -8.293  -9.826  -2.701  1.00 40.44  ?  163 TYR A N    1 
ATOM   74   C  CA   . TYR A 1 14  ? -7.311  -9.041  -1.979  1.00 46.38  ?  163 TYR A CA   1 
ATOM   75   C  C    . TYR A 1 14  ? -7.869  -8.636  -0.630  1.00 46.39  ?  163 TYR A C    1 
ATOM   76   O  O    . TYR A 1 14  ? -7.223  -8.836  0.408   1.00 42.16  ?  163 TYR A O    1 
ATOM   77   C  CB   . TYR A 1 14  ? -6.961  -7.822  -2.804  1.00 46.79  ?  163 TYR A CB   1 
ATOM   78   C  CG   . TYR A 1 14  ? -5.814  -7.026  -2.304  1.00 46.73  ?  163 TYR A CG   1 
ATOM   79   C  CD1  . TYR A 1 14  ? -4.591  -7.641  -1.982  1.00 42.81  ?  163 TYR A CD1  1 
ATOM   80   C  CD2  . TYR A 1 14  ? -5.929  -5.636  -2.183  1.00 44.18  ?  163 TYR A CD2  1 
ATOM   81   C  CE1  . TYR A 1 14  ? -3.515  -6.880  -1.534  1.00 46.84  ?  163 TYR A CE1  1 
ATOM   82   C  CE2  . TYR A 1 14  ? -4.866  -4.882  -1.770  1.00 44.20  ?  163 TYR A CE2  1 
ATOM   83   C  CZ   . TYR A 1 14  ? -3.670  -5.497  -1.437  1.00 45.67  ?  163 TYR A CZ   1 
ATOM   84   O  OH   . TYR A 1 14  ? -2.656  -4.677  -1.001  1.00 50.96  ?  163 TYR A OH   1 
ATOM   85   N  N    . TYR A 1 15  ? -9.087  -8.100  -0.604  1.00 43.96  ?  164 TYR A N    1 
ATOM   86   C  CA   . TYR A 1 15  ? -9.629  -7.774  0.713   1.00 49.88  ?  164 TYR A CA   1 
ATOM   87   C  C    . TYR A 1 15  ? -9.789  -9.037  1.561   1.00 45.43  ?  164 TYR A C    1 
ATOM   88   O  O    . TYR A 1 15  ? -9.295  -9.095  2.696   1.00 45.10  ?  164 TYR A O    1 
ATOM   89   C  CB   . TYR A 1 15  ? -10.965 -7.022  0.636   1.00 45.59  ?  164 TYR A CB   1 
ATOM   90   C  CG   . TYR A 1 15  ? -11.697 -7.097  1.950   1.00 49.28  ?  164 TYR A CG   1 
ATOM   91   C  CD1  . TYR A 1 15  ? -11.249 -6.381  3.061   1.00 51.17  ?  164 TYR A CD1  1 
ATOM   92   C  CD2  . TYR A 1 15  ? -12.805 -7.906  2.099   1.00 52.00  ?  164 TYR A CD2  1 
ATOM   93   C  CE1  . TYR A 1 15  ? -11.898 -6.490  4.297   1.00 53.26  ?  164 TYR A CE1  1 
ATOM   94   C  CE2  . TYR A 1 15  ? -13.466 -8.006  3.318   1.00 58.69  ?  164 TYR A CE2  1 
ATOM   95   C  CZ   . TYR A 1 15  ? -13.026 -7.291  4.413   1.00 62.84  ?  164 TYR A CZ   1 
ATOM   96   O  OH   . TYR A 1 15  ? -13.749 -7.421  5.595   1.00 57.27  ?  164 TYR A OH   1 
ATOM   97   N  N    . ILE A 1 16  ? -10.453 -10.073 1.027   1.00 37.95  ?  165 ILE A N    1 
ATOM   98   C  CA   . ILE A 1 16  ? -10.737 -11.272 1.833   1.00 45.13  ?  165 ILE A CA   1 
ATOM   99   C  C    . ILE A 1 16  ? -9.466  -12.092 2.146   1.00 49.55  ?  165 ILE A C    1 
ATOM   100  O  O    . ILE A 1 16  ? -9.334  -12.663 3.238   1.00 43.27  ?  165 ILE A O    1 
ATOM   101  C  CB   . ILE A 1 16  ? -11.774 -12.163 1.123   1.00 47.37  ?  165 ILE A CB   1 
ATOM   102  C  CG1  . ILE A 1 16  ? -13.153 -11.524 1.111   1.00 47.86  ?  165 ILE A CG1  1 
ATOM   103  C  CG2  . ILE A 1 16  ? -11.792 -13.588 1.734   1.00 45.85  ?  165 ILE A CG2  1 
ATOM   104  C  CD1  . ILE A 1 16  ? -14.025 -12.052 -0.013  1.00 56.49  ?  165 ILE A CD1  1 
ATOM   105  N  N    . GLY A 1 17  ? -8.530  -12.210 1.206   1.00 42.61  ?  166 GLY A N    1 
ATOM   106  C  CA   . GLY A 1 17  ? -7.364  -13.016 1.476   1.00 37.20  ?  166 GLY A CA   1 
ATOM   107  C  C    . GLY A 1 17  ? -6.233  -12.309 2.201   1.00 39.74  ?  166 GLY A C    1 
ATOM   108  O  O    . GLY A 1 17  ? -5.257  -12.950 2.658   1.00 45.62  ?  166 GLY A O    1 
ATOM   109  N  N    . TYR A 1 18  ? -6.323  -10.989 2.328   1.00 38.75  ?  167 TYR A N    1 
ATOM   110  C  CA   . TYR A 1 18  ? -5.142  -10.301 2.844   1.00 43.85  ?  167 TYR A CA   1 
ATOM   111  C  C    . TYR A 1 18  ? -5.498  -9.188  3.817   1.00 40.10  ?  167 TYR A C    1 
ATOM   112  O  O    . TYR A 1 18  ? -5.068  -9.231  4.972   1.00 43.18  ?  167 TYR A O    1 
ATOM   113  C  CB   . TYR A 1 18  ? -4.302  -9.733  1.684   1.00 34.70  ?  167 TYR A CB   1 
ATOM   114  C  CG   . TYR A 1 18  ? -3.036  -9.041  2.158   1.00 38.36  ?  167 TYR A CG   1 
ATOM   115  C  CD1  . TYR A 1 18  ? -2.104  -9.746  2.921   1.00 39.99  ?  167 TYR A CD1  1 
ATOM   116  C  CD2  . TYR A 1 18  ? -2.746  -7.690  1.820   1.00 43.20  ?  167 TYR A CD2  1 
ATOM   117  C  CE1  . TYR A 1 18  ? -0.935  -9.161  3.357   1.00 41.92  ?  167 TYR A CE1  1 
ATOM   118  C  CE2  . TYR A 1 18  ? -1.568  -7.099  2.240   1.00 46.19  ?  167 TYR A CE2  1 
ATOM   119  C  CZ   . TYR A 1 18  ? -0.661  -7.845  3.014   1.00 52.41  ?  167 TYR A CZ   1 
ATOM   120  O  OH   . TYR A 1 18  ? 0.531   -7.300  3.455   1.00 57.90  ?  167 TYR A OH   1 
ATOM   121  N  N    . LEU A 1 19  ? -6.201  -8.152  3.336   1.00 45.70  ?  168 LEU A N    1 
ATOM   122  C  CA   . LEU A 1 19  ? -6.444  -6.970  4.152   1.00 50.41  ?  168 LEU A CA   1 
ATOM   123  C  C    . LEU A 1 19  ? -7.297  -7.318  5.366   1.00 49.93  ?  168 LEU A C    1 
ATOM   124  O  O    . LEU A 1 19  ? -7.015  -6.863  6.484   1.00 47.28  ?  168 LEU A O    1 
ATOM   125  C  CB   . LEU A 1 19  ? -7.106  -5.877  3.308   1.00 44.09  ?  168 LEU A CB   1 
ATOM   126  C  CG   . LEU A 1 19  ? -6.215  -5.389  2.163   1.00 49.23  ?  168 LEU A CG   1 
ATOM   127  C  CD1  . LEU A 1 19  ? -6.929  -4.408  1.240   1.00 51.62  ?  168 LEU A CD1  1 
ATOM   128  C  CD2  . LEU A 1 19  ? -4.919  -4.760  2.710   1.00 40.56  ?  168 LEU A CD2  1 
ATOM   129  N  N    . ARG A 1 20  ? -8.313  -8.172  5.188   1.00 48.04  ?  169 ARG A N    1 
ATOM   130  C  CA   . ARG A 1 20  ? -9.161  -8.486  6.335   1.00 51.29  ?  169 ARG A CA   1 
ATOM   131  C  C    . ARG A 1 20  ? -8.347  -9.129  7.437   1.00 53.98  ?  169 ARG A C    1 
ATOM   132  O  O    . ARG A 1 20  ? -8.692  -8.952  8.611   1.00 49.23  ?  169 ARG A O    1 
ATOM   133  C  CB   . ARG A 1 20  ? -10.355 -9.375  5.903   1.00 52.19  ?  169 ARG A CB   1 
ATOM   134  C  CG   . ARG A 1 20  ? -10.795 -10.427 6.901   1.00 56.91  ?  169 ARG A CG   1 
ATOM   135  C  CD   . ARG A 1 20  ? -11.751 -11.455 6.275   1.00 56.94  ?  169 ARG A CD   1 
ATOM   136  N  NE   . ARG A 1 20  ? -11.065 -12.640 5.719   1.00 59.19  ?  169 ARG A NE   1 
ATOM   137  C  CZ   . ARG A 1 20  ? -10.791 -13.782 6.359   1.00 61.08  ?  169 ARG A CZ   1 
ATOM   138  N  NH1  . ARG A 1 20  ? -11.209 -14.005 7.609   1.00 56.23  ?  169 ARG A NH1  1 
ATOM   139  N  NH2  . ARG A 1 20  ? -10.088 -14.734 5.725   1.00 55.80  ?  169 ARG A NH2  1 
ATOM   140  N  N    . LEU A 1 21  ? -7.218  -9.776  7.086   1.00 44.63  ?  170 LEU A N    1 
ATOM   141  C  CA   . LEU A 1 21  ? -6.322  -10.485 8.007   1.00 42.18  ?  170 LEU A CA   1 
ATOM   142  C  C    . LEU A 1 21  ? -5.230  -9.597  8.649   1.00 48.95  ?  170 LEU A C    1 
ATOM   143  O  O    . LEU A 1 21  ? -4.796  -9.894  9.773   1.00 54.64  ?  170 LEU A O    1 
ATOM   144  C  CB   . LEU A 1 21  ? -5.660  -11.650 7.264   1.00 50.86  ?  170 LEU A CB   1 
ATOM   145  C  CG   . LEU A 1 21  ? -6.165  -13.095 7.372   1.00 57.43  ?  170 LEU A CG   1 
ATOM   146  C  CD1  . LEU A 1 21  ? -7.639  -13.101 7.273   1.00 54.06  ?  170 LEU A CD1  1 
ATOM   147  C  CD2  . LEU A 1 21  ? -5.589  -13.936 6.199   1.00 49.56  ?  170 LEU A CD2  1 
ATOM   148  N  N    . ILE A 1 22  ? -4.752  -8.523  7.987   1.00 40.58  ?  171 ILE A N    1 
ATOM   149  C  CA   . ILE A 1 22  ? -3.606  -7.772  8.513   1.00 45.48  ?  171 ILE A CA   1 
ATOM   150  C  C    . ILE A 1 22  ? -4.027  -6.407  9.031   1.00 48.88  ?  171 ILE A C    1 
ATOM   151  O  O    . ILE A 1 22  ? -3.359  -5.841  9.895   1.00 50.57  ?  171 ILE A O    1 
ATOM   152  C  CB   . ILE A 1 22  ? -2.490  -7.635  7.449   1.00 48.55  ?  171 ILE A CB   1 
ATOM   153  C  CG1  . ILE A 1 22  ? -2.891  -6.702  6.303   1.00 50.14  ?  171 ILE A CG1  1 
ATOM   154  C  CG2  . ILE A 1 22  ? -2.170  -9.000  6.898   1.00 53.03  ?  171 ILE A CG2  1 
ATOM   155  C  CD1  . ILE A 1 22  ? -1.713  -5.872  5.675   1.00 60.99  ?  171 ILE A CD1  1 
ATOM   156  N  N    . LEU A 1 23  ? -5.116  -5.879  8.526   1.00 48.77  ?  172 LEU A N    1 
ATOM   157  C  CA   . LEU A 1 23  ? -5.511  -4.535  8.928   1.00 51.95  ?  172 LEU A CA   1 
ATOM   158  C  C    . LEU A 1 23  ? -5.874  -4.402  10.407  1.00 62.04  ?  172 LEU A C    1 
ATOM   159  O  O    . LEU A 1 23  ? -5.510  -3.392  11.040  1.00 67.65  ?  172 LEU A O    1 
ATOM   160  C  CB   . LEU A 1 23  ? -6.685  -4.027  8.081   1.00 46.46  ?  172 LEU A CB   1 
ATOM   161  C  CG   . LEU A 1 23  ? -6.084  -3.340  6.855   1.00 58.53  ?  172 LEU A CG   1 
ATOM   162  C  CD1  . LEU A 1 23  ? -7.096  -2.472  6.059   1.00 67.07  ?  172 LEU A CD1  1 
ATOM   163  C  CD2  . LEU A 1 23  ? -4.864  -2.587  7.322   1.00 55.17  ?  172 LEU A CD2  1 
ATOM   164  N  N    . PRO A 1 24  ? -6.613  -5.342  11.004  1.00 60.81  ?  173 PRO A N    1 
ATOM   165  C  CA   . PRO A 1 24  ? -7.060  -5.098  12.387  1.00 62.99  ?  173 PRO A CA   1 
ATOM   166  C  C    . PRO A 1 24  ? -5.913  -4.999  13.375  1.00 62.14  ?  173 PRO A C    1 
ATOM   167  O  O    . PRO A 1 24  ? -6.072  -4.326  14.398  1.00 63.18  ?  173 PRO A O    1 
ATOM   168  C  CB   . PRO A 1 24  ? -7.996  -6.278  12.691  1.00 61.11  ?  173 PRO A CB   1 
ATOM   169  C  CG   . PRO A 1 24  ? -7.891  -7.226  11.566  1.00 60.29  ?  173 PRO A CG   1 
ATOM   170  C  CD   . PRO A 1 24  ? -7.257  -6.524  10.398  1.00 49.33  ?  173 PRO A CD   1 
ATOM   171  N  N    . GLU A 1 25  ? -4.742  -5.564  13.074  1.00 60.58  ?  174 GLU A N    1 
ATOM   172  C  CA   . GLU A 1 25  ? -3.601  -5.479  13.985  1.00 58.54  ?  174 GLU A CA   1 
ATOM   173  C  C    . GLU A 1 25  ? -2.504  -4.551  13.492  1.00 61.95  ?  174 GLU A C    1 
ATOM   174  O  O    . GLU A 1 25  ? -1.476  -4.394  14.164  1.00 56.49  ?  174 GLU A O    1 
ATOM   175  C  CB   . GLU A 1 25  ? -3.011  -6.869  14.212  1.00 74.00  ?  174 GLU A CB   1 
ATOM   176  C  CG   . GLU A 1 25  ? -4.010  -7.844  14.794  1.00 74.58  ?  174 GLU A CG   1 
ATOM   177  C  CD   . GLU A 1 25  ? -3.385  -8.804  15.782  1.00 92.06  ?  174 GLU A CD   1 
ATOM   178  O  OE1  . GLU A 1 25  ? -2.238  -8.537  16.227  1.00 102.73 ?  174 GLU A OE1  1 
ATOM   179  O  OE2  . GLU A 1 25  ? -4.020  -9.859  16.053  1.00 85.65  ?  174 GLU A OE2  1 
ATOM   180  N  N    . LEU A 1 26  ? -2.675  -3.950  12.324  1.00 64.15  ?  175 LEU A N    1 
ATOM   181  C  CA   . LEU A 1 26  ? -1.596  -3.150  11.783  1.00 63.52  ?  175 LEU A CA   1 
ATOM   182  C  C    . LEU A 1 26  ? -1.217  -2.036  12.739  1.00 68.22  ?  175 LEU A C    1 
ATOM   183  O  O    . LEU A 1 26  ? -0.028  -1.853  13.046  1.00 66.98  ?  175 LEU A O    1 
ATOM   184  C  CB   . LEU A 1 26  ? -2.009  -2.575  10.446  1.00 53.54  ?  175 LEU A CB   1 
ATOM   185  C  CG   . LEU A 1 26  ? -0.758  -1.885  9.940   1.00 57.31  ?  175 LEU A CG   1 
ATOM   186  C  CD1  . LEU A 1 26  ? 0.052   -2.944  9.245   1.00 68.05  ?  175 LEU A CD1  1 
ATOM   187  C  CD2  . LEU A 1 26  ? -1.203  -0.734  9.030   1.00 59.52  ?  175 LEU A CD2  1 
ATOM   188  N  N    . GLN A 1 27  ? -2.229  -1.319  13.262  1.00 62.67  ?  176 GLN A N    1 
ATOM   189  C  CA   . GLN A 1 27  ? -1.997  -0.158  14.123  1.00 69.06  ?  176 GLN A CA   1 
ATOM   190  C  C    . GLN A 1 27  ? -1.313  -0.527  15.432  1.00 62.77  ?  176 GLN A C    1 
ATOM   191  O  O    . GLN A 1 27  ? -0.548  0.281   15.966  1.00 65.31  ?  176 GLN A O    1 
ATOM   192  C  CB   . GLN A 1 27  ? -3.311  0.586   14.377  1.00 68.20  ?  176 GLN A CB   1 
ATOM   193  C  CG   . GLN A 1 27  ? -3.498  1.645   13.330  1.00 67.76  ?  176 GLN A CG   1 
ATOM   194  C  CD   . GLN A 1 27  ? -4.787  2.404   13.423  1.00 75.24  ?  176 GLN A CD   1 
ATOM   195  O  OE1  . GLN A 1 27  ? -5.791  1.909   13.952  1.00 75.05  ?  176 GLN A OE1  1 
ATOM   196  N  NE2  . GLN A 1 27  ? -4.783  3.623   12.866  1.00 71.80  ?  176 GLN A NE2  1 
ATOM   197  N  N    . ALA A 1 28  ? -1.520  -1.735  15.949  1.00 65.73  ?  177 ALA A N    1 
ATOM   198  C  CA   . ALA A 1 28  ? -0.745  -2.114  17.128  1.00 68.67  ?  177 ALA A CA   1 
ATOM   199  C  C    . ALA A 1 28  ? 0.717   -2.381  16.785  1.00 68.69  ?  177 ALA A C    1 
ATOM   200  O  O    . ALA A 1 28  ? 1.612   -1.934  17.517  1.00 73.64  ?  177 ALA A O    1 
ATOM   201  C  CB   . ALA A 1 28  ? -1.350  -3.331  17.814  1.00 62.64  ?  177 ALA A CB   1 
ATOM   202  N  N    . ARG A 1 29  ? 0.984   -3.128  15.698  1.00 63.91  ?  178 ARG A N    1 
ATOM   203  C  CA   . ARG A 1 29  ? 2.366   -3.359  15.282  1.00 64.92  ?  178 ARG A CA   1 
ATOM   204  C  C    . ARG A 1 29  ? 3.089   -2.043  15.078  1.00 65.41  ?  178 ARG A C    1 
ATOM   205  O  O    . ARG A 1 29  ? 4.252   -1.901  15.463  1.00 64.06  ?  178 ARG A O    1 
ATOM   206  C  CB   . ARG A 1 29  ? 2.393   -4.187  14.004  1.00 55.63  ?  178 ARG A CB   1 
ATOM   207  C  CG   . ARG A 1 29  ? 1.621   -5.483  14.183  1.00 56.11  ?  178 ARG A CG   1 
ATOM   208  C  CD   . ARG A 1 29  ? 1.496   -6.334  12.935  1.00 56.13  ?  178 ARG A CD   1 
ATOM   209  N  NE   . ARG A 1 29  ? 2.755   -6.484  12.218  1.00 61.96  ?  178 ARG A NE   1 
ATOM   210  C  CZ   . ARG A 1 29  ? 2.834   -6.445  10.898  1.00 55.27  ?  178 ARG A CZ   1 
ATOM   211  N  NH1  . ARG A 1 29  ? 1.749   -6.292  10.153  1.00 54.38  ?  178 ARG A NH1  1 
ATOM   212  N  NH2  . ARG A 1 29  ? 4.023   -6.553  10.314  1.00 65.18  ?  178 ARG A NH2  1 
ATOM   213  N  N    . ILE A 1 30  ? 2.383   -1.058  14.516  1.00 66.32  ?  179 ILE A N    1 
ATOM   214  C  CA   . ILE A 1 30  ? 2.937   0.270   14.251  1.00 71.39  ?  179 ILE A CA   1 
ATOM   215  C  C    . ILE A 1 30  ? 3.272   1.008   15.548  1.00 75.31  ?  179 ILE A C    1 
ATOM   216  O  O    . ILE A 1 30  ? 4.273   1.734   15.614  1.00 81.14  ?  179 ILE A O    1 
ATOM   217  C  CB   . ILE A 1 30  ? 1.956   1.088   13.393  1.00 67.97  ?  179 ILE A CB   1 
ATOM   218  C  CG1  . ILE A 1 30  ? 2.198   0.876   11.907  1.00 64.41  ?  179 ILE A CG1  1 
ATOM   219  C  CG2  . ILE A 1 30  ? 2.100   2.552   13.675  1.00 73.25  ?  179 ILE A CG2  1 
ATOM   220  C  CD1  . ILE A 1 30  ? 0.964   1.183   11.069  1.00 60.66  ?  179 ILE A CD1  1 
ATOM   221  N  N    . ARG A 1 31  ? 2.424   0.901   16.580  1.00 79.99  ?  180 ARG A N    1 
ATOM   222  C  CA   . ARG A 1 31  ? 2.774   1.571   17.831  1.00 91.13  ?  180 ARG A CA   1 
ATOM   223  C  C    . ARG A 1 31  ? 3.963   0.887   18.488  1.00 92.76  ?  180 ARG A C    1 
ATOM   224  O  O    . ARG A 1 31  ? 4.829   1.553   19.067  1.00 97.30  ?  180 ARG A O    1 
ATOM   225  C  CB   . ARG A 1 31  ? 1.580   1.627   18.789  1.00 39.75  ?  180 ARG A CB   1 
ATOM   226  N  N    . THR A 1 32  ? 4.043   -0.441  18.369  1.00 80.36  ?  181 THR A N    1 
ATOM   227  C  CA   . THR A 1 32  ? 5.175   -1.171  18.928  1.00 83.92  ?  181 THR A CA   1 
ATOM   228  C  C    . THR A 1 32  ? 6.471   -0.700  18.309  1.00 87.86  ?  181 THR A C    1 
ATOM   229  O  O    . THR A 1 32  ? 7.465   -0.475  19.008  1.00 91.51  ?  181 THR A O    1 
ATOM   230  C  CB   . THR A 1 32  ? 5.016   -2.665  18.691  1.00 76.54  ?  181 THR A CB   1 
ATOM   231  O  OG1  . THR A 1 32  ? 3.709   -3.066  19.107  1.00 74.95  ?  181 THR A OG1  1 
ATOM   232  C  CG2  . THR A 1 32  ? 6.074   -3.438  19.475  1.00 79.91  ?  181 THR A CG2  1 
ATOM   233  N  N    . TYR A 1 33  ? 6.493   -0.576  16.986  1.00 85.35  ?  182 TYR A N    1 
ATOM   234  C  CA   . TYR A 1 33  ? 7.656   0.011   16.344  1.00 83.50  ?  182 TYR A CA   1 
ATOM   235  C  C    . TYR A 1 33  ? 7.899   1.411   16.876  1.00 86.74  ?  182 TYR A C    1 
ATOM   236  O  O    . TYR A 1 33  ? 8.990   1.731   17.356  1.00 93.31  ?  182 TYR A O    1 
ATOM   237  C  CB   . TYR A 1 33  ? 7.466   0.047   14.835  1.00 70.41  ?  182 TYR A CB   1 
ATOM   238  C  CG   . TYR A 1 33  ? 8.667   0.604   14.119  1.00 76.29  ?  182 TYR A CG   1 
ATOM   239  C  CD1  . TYR A 1 33  ? 8.823   1.975   13.920  1.00 73.48  ?  182 TYR A CD1  1 
ATOM   240  C  CD2  . TYR A 1 33  ? 9.673   -0.244  13.687  1.00 79.02  ?  182 TYR A CD2  1 
ATOM   241  C  CE1  . TYR A 1 33  ? 9.947   2.465   13.280  1.00 83.61  ?  182 TYR A CE1  1 
ATOM   242  C  CE2  . TYR A 1 33  ? 10.777  0.230   13.054  1.00 84.94  ?  182 TYR A CE2  1 
ATOM   243  C  CZ   . TYR A 1 33  ? 10.918  1.569   12.843  1.00 83.23  ?  182 TYR A CZ   1 
ATOM   244  O  OH   . TYR A 1 33  ? 12.052  1.981   12.188  1.00 82.35  ?  182 TYR A OH   1 
ATOM   245  N  N    . ASN A 1 34  ? 6.868   2.257   16.803  1.00 84.10  ?  183 ASN A N    1 
ATOM   246  C  CA   . ASN A 1 34  ? 7.026   3.667   17.110  1.00 89.14  ?  183 ASN A CA   1 
ATOM   247  C  C    . ASN A 1 34  ? 7.534   3.889   18.524  1.00 95.01  ?  183 ASN A C    1 
ATOM   248  O  O    . ASN A 1 34  ? 8.119   4.938   18.794  1.00 97.35  ?  183 ASN A O    1 
ATOM   249  C  CB   . ASN A 1 34  ? 5.704   4.407   16.874  1.00 80.92  ?  183 ASN A CB   1 
ATOM   250  C  CG   . ASN A 1 34  ? 5.639   5.053   15.494  1.00 83.72  ?  183 ASN A CG   1 
ATOM   251  O  OD1  . ASN A 1 34  ? 6.611   4.978   14.724  1.00 78.94  ?  183 ASN A OD1  1 
ATOM   252  N  ND2  . ASN A 1 34  ? 4.503   5.676   15.163  1.00 85.92  ?  183 ASN A ND2  1 
ATOM   253  N  N    . GLN A 1 35  ? 7.363   2.923   19.427  1.00 90.32  ?  184 GLN A N    1 
ATOM   254  C  CA   . GLN A 1 35  ? 7.948   3.048   20.762  1.00 95.81  ?  184 GLN A CA   1 
ATOM   255  C  C    . GLN A 1 35  ? 9.353   2.458   20.784  1.00 97.06  ?  184 GLN A C    1 
ATOM   256  O  O    . GLN A 1 35  ? 10.342  3.199   20.828  1.00 103.95 ?  184 GLN A O    1 
ATOM   257  C  CB   . GLN A 1 35  ? 7.063   2.367   21.809  1.00 92.82  ?  184 GLN A CB   1 
ATOM   258  N  N    . HIS A 1 36  ? 9.439   1.126   20.722  1.00 105.45 ?  185 HIS A N    1 
ATOM   259  C  CA   . HIS A 1 36  ? 10.686  0.359   20.803  1.00 98.89  ?  185 HIS A CA   1 
ATOM   260  C  C    . HIS A 1 36  ? 11.761  0.862   19.849  1.00 105.99 ?  185 HIS A C    1 
ATOM   261  O  O    . HIS A 1 36  ? 12.958  0.686   20.083  1.00 108.83 ?  185 HIS A O    1 
ATOM   262  C  CB   . HIS A 1 36  ? 10.397  -1.118  20.526  1.00 93.28  ?  185 HIS A CB   1 
ATOM   263  C  CG   . HIS A 1 36  ? 9.684   -1.804  21.651  1.00 97.65  ?  185 HIS A CG   1 
ATOM   264  N  ND1  . HIS A 1 36  ? 8.917   -1.115  22.569  1.00 100.01 ?  185 HIS A ND1  1 
ATOM   265  C  CD2  . HIS A 1 36  ? 9.606   -3.111  22.003  1.00 95.81  ?  185 HIS A CD2  1 
ATOM   266  C  CE1  . HIS A 1 36  ? 8.406   -1.964  23.443  1.00 100.01 ?  185 HIS A CE1  1 
ATOM   267  N  NE2  . HIS A 1 36  ? 8.803   -3.182  23.120  1.00 104.20 ?  185 HIS A NE2  1 
ATOM   268  N  N    . TYR A 1 37  ? 11.334  1.478   18.767  1.00 103.63 ?  186 TYR A N    1 
ATOM   269  C  CA   . TYR A 1 37  ? 12.195  2.154   17.815  1.00 104.76 ?  186 TYR A CA   1 
ATOM   270  C  C    . TYR A 1 37  ? 11.692  3.588   17.690  1.00 107.98 ?  186 TYR A C    1 
ATOM   271  O  O    . TYR A 1 37  ? 10.549  3.889   18.052  1.00 109.09 ?  186 TYR A O    1 
ATOM   272  C  CB   . TYR A 1 37  ? 12.156  1.419   16.477  1.00 92.78  ?  186 TYR A CB   1 
ATOM   273  C  CG   . TYR A 1 37  ? 13.286  1.717   15.544  1.00 98.05  ?  186 TYR A CG   1 
ATOM   274  C  CD1  . TYR A 1 37  ? 13.354  2.949   14.882  1.00 105.21 ?  186 TYR A CD1  1 
ATOM   275  C  CD2  . TYR A 1 37  ? 14.263  0.753   15.268  1.00 97.42  ?  186 TYR A CD2  1 
ATOM   276  C  CE1  . TYR A 1 37  ? 14.381  3.243   13.994  1.00 100.09 ?  186 TYR A CE1  1 
ATOM   277  C  CE2  . TYR A 1 37  ? 15.301  1.033   14.378  1.00 100.50 ?  186 TYR A CE2  1 
ATOM   278  C  CZ   . TYR A 1 37  ? 15.353  2.290   13.737  1.00 102.62 ?  186 TYR A CZ   1 
ATOM   279  O  OH   . TYR A 1 37  ? 16.367  2.603   12.841  1.00 98.47  ?  186 TYR A OH   1 
ATOM   280  N  N    . ASN A 1 38  ? 12.549  4.486   17.221  1.00 118.99 ?  187 ASN A N    1 
ATOM   281  C  CA   . ASN A 1 38  ? 12.125  5.862   16.944  1.00 120.70 ?  187 ASN A CA   1 
ATOM   282  C  C    . ASN A 1 38  ? 11.697  6.601   18.197  1.00 129.30 ?  187 ASN A C    1 
ATOM   283  O  O    . ASN A 1 38  ? 10.895  7.525   18.125  1.00 134.94 ?  187 ASN A O    1 
ATOM   284  C  CB   . ASN A 1 38  ? 10.978  5.880   15.932  1.00 56.65  ?  187 ASN A CB   1 
ATOM   285  N  N    . LEU A 1 40  ? 12.328  10.872  16.778  1.00 101.74 ?  189 LEU A N    1 
ATOM   286  C  CA   . LEU A 1 40  ? 12.065  12.155  16.123  1.00 100.50 ?  189 LEU A CA   1 
ATOM   287  C  C    . LEU A 1 40  ? 10.554  12.370  15.935  1.00 101.31 ?  189 LEU A C    1 
ATOM   288  O  O    . LEU A 1 40  ? 9.870   11.484  15.418  1.00 101.32 ?  189 LEU A O    1 
ATOM   289  C  CB   . LEU A 1 40  ? 12.779  12.232  14.762  1.00 95.02  ?  189 LEU A CB   1 
ATOM   290  C  CG   . LEU A 1 40  ? 14.297  12.016  14.593  1.00 92.15  ?  189 LEU A CG   1 
ATOM   291  C  CD1  . LEU A 1 40  ? 15.083  12.758  15.666  1.00 94.31  ?  189 LEU A CD1  1 
ATOM   292  C  CD2  . LEU A 1 40  ? 14.713  10.533  14.502  1.00 97.89  ?  189 LEU A CD2  1 
ATOM   293  N  N    . LEU A 1 41  ? 10.035  13.544  16.333  1.00 120.46 ?  190 LEU A N    1 
ATOM   294  C  CA   . LEU A 1 41  ? 8.586   13.766  16.323  1.00 121.05 ?  190 LEU A CA   1 
ATOM   295  C  C    . LEU A 1 41  ? 8.004   13.758  14.913  1.00 118.42 ?  190 LEU A C    1 
ATOM   296  O  O    . LEU A 1 41  ? 6.793   13.564  14.752  1.00 123.90 ?  190 LEU A O    1 
ATOM   297  C  CB   . LEU A 1 41  ? 8.216   15.086  17.041  1.00 57.33  ?  190 LEU A CB   1 
ATOM   298  N  N    . ARG A 1 42  ? 8.831   13.962  13.891  1.00 99.84  ?  191 ARG A N    1 
ATOM   299  C  CA   . ARG A 1 42  ? 8.369   13.795  12.522  1.00 102.34 ?  191 ARG A CA   1 
ATOM   300  C  C    . ARG A 1 42  ? 8.630   12.386  11.990  1.00 103.06 ?  191 ARG A C    1 
ATOM   301  O  O    . ARG A 1 42  ? 7.851   11.889  11.161  1.00 101.39 ?  191 ARG A O    1 
ATOM   302  C  CB   . ARG A 1 42  ? 9.029   14.840  11.615  1.00 97.88  ?  191 ARG A CB   1 
ATOM   303  N  N    . GLY A 1 43  ? 9.684   11.713  12.458  1.00 98.32  ?  192 GLY A N    1 
ATOM   304  C  CA   . GLY A 1 43  ? 10.007  10.385  11.964  1.00 94.15  ?  192 GLY A CA   1 
ATOM   305  C  C    . GLY A 1 43  ? 9.187   9.252   12.565  1.00 88.19  ?  192 GLY A C    1 
ATOM   306  O  O    . GLY A 1 43  ? 9.672   8.121   12.641  1.00 92.35  ?  192 GLY A O    1 
ATOM   307  N  N    . ALA A 1 44  ? 7.954   9.519   12.997  1.00 78.52  ?  193 ALA A N    1 
ATOM   308  C  CA   . ALA A 1 44  ? 7.073   8.476   13.517  1.00 80.97  ?  193 ALA A CA   1 
ATOM   309  C  C    . ALA A 1 44  ? 6.216   7.908   12.392  1.00 78.07  ?  193 ALA A C    1 
ATOM   310  O  O    . ALA A 1 44  ? 5.629   8.666   11.609  1.00 77.54  ?  193 ALA A O    1 
ATOM   311  C  CB   . ALA A 1 44  ? 6.175   9.020   14.621  1.00 81.45  ?  193 ALA A CB   1 
ATOM   312  N  N    . VAL A 1 45  ? 6.134   6.576   12.312  1.00 69.93  ?  194 VAL A N    1 
ATOM   313  C  CA   . VAL A 1 45  ? 5.495   5.946   11.157  1.00 76.92  ?  194 VAL A CA   1 
ATOM   314  C  C    . VAL A 1 45  ? 4.002   6.243   11.199  1.00 74.81  ?  194 VAL A C    1 
ATOM   315  O  O    . VAL A 1 45  ? 3.378   6.191   12.265  1.00 74.62  ?  194 VAL A O    1 
ATOM   316  C  CB   . VAL A 1 45  ? 5.794   4.429   11.108  1.00 75.07  ?  194 VAL A CB   1 
ATOM   317  C  CG1  . VAL A 1 45  ? 7.269   4.146   11.381  1.00 75.05  ?  194 VAL A CG1  1 
ATOM   318  C  CG2  . VAL A 1 45  ? 4.930   3.641   12.067  1.00 71.65  ?  194 VAL A CG2  1 
ATOM   319  N  N    . SER A 1 46  ? 3.435   6.603   10.047  1.00 67.19  ?  195 SER A N    1 
ATOM   320  C  CA   . SER A 1 46  ? 2.017   6.898   9.971   1.00 62.75  ?  195 SER A CA   1 
ATOM   321  C  C    . SER A 1 46  ? 1.226   5.660   10.396  1.00 74.13  ?  195 SER A C    1 
ATOM   322  O  O    . SER A 1 46  ? 1.627   4.524   10.098  1.00 76.25  ?  195 SER A O    1 
ATOM   323  C  CB   . SER A 1 46  ? 1.665   7.340   8.548   1.00 68.92  ?  195 SER A CB   1 
ATOM   324  O  OG   . SER A 1 46  ? 0.278   7.210   8.269   1.00 76.70  ?  195 SER A OG   1 
ATOM   325  N  N    . GLN A 1 47  ? 0.120   5.869   11.128  1.00 82.88  ?  196 GLN A N    1 
ATOM   326  C  CA   . GLN A 1 47  ? -0.631  4.754   11.706  1.00 87.90  ?  196 GLN A CA   1 
ATOM   327  C  C    . GLN A 1 47  ? -1.534  4.102   10.656  1.00 84.65  ?  196 GLN A C    1 
ATOM   328  O  O    . GLN A 1 47  ? -2.570  3.527   10.997  1.00 79.46  ?  196 GLN A O    1 
ATOM   329  C  CB   . GLN A 1 47  ? -1.442  5.232   12.932  1.00 38.62  ?  196 GLN A CB   1 
ATOM   330  N  N    . ARG A 1 48  ? -1.123  4.153   9.380   1.00 72.01  ?  197 ARG A N    1 
ATOM   331  C  CA   . ARG A 1 48  ? -1.930  3.761   8.223   1.00 73.66  ?  197 ARG A CA   1 
ATOM   332  C  C    . ARG A 1 48  ? -1.120  2.888   7.266   1.00 65.82  ?  197 ARG A C    1 
ATOM   333  O  O    . ARG A 1 48  ? 0.081   3.105   7.090   1.00 71.87  ?  197 ARG A O    1 
ATOM   334  C  CB   . ARG A 1 48  ? -2.459  5.022   7.477   1.00 70.93  ?  197 ARG A CB   1 
ATOM   335  C  CG   . ARG A 1 48  ? -3.748  5.621   8.089   1.00 67.56  ?  197 ARG A CG   1 
ATOM   336  C  CD   . ARG A 1 48  ? -4.309  6.857   7.341   1.00 77.22  ?  197 ARG A CD   1 
ATOM   337  N  NE   . ARG A 1 48  ? -5.411  7.464   8.089   1.00 79.92  ?  197 ARG A NE   1 
ATOM   338  C  CZ   . ARG A 1 48  ? -5.847  8.703   7.935   1.00 86.78  ?  197 ARG A CZ   1 
ATOM   339  N  NH1  . ARG A 1 48  ? -5.264  9.531   7.080   1.00 91.32  ?  197 ARG A NH1  1 
ATOM   340  N  NH2  . ARG A 1 48  ? -6.891  9.118   8.667   1.00 87.32  ?  197 ARG A NH2  1 
ATOM   341  N  N    . LEU A 1 49  ? -1.770  1.902   6.650   1.00 58.28  ?  198 LEU A N    1 
ATOM   342  C  CA   . LEU A 1 49  ? -1.178  1.155   5.547   1.00 57.93  ?  198 LEU A CA   1 
ATOM   343  C  C    . LEU A 1 49  ? -1.427  1.892   4.238   1.00 56.86  ?  198 LEU A C    1 
ATOM   344  O  O    . LEU A 1 49  ? -2.584  2.116   3.871   1.00 55.21  ?  198 LEU A O    1 
ATOM   345  C  CB   . LEU A 1 49  ? -1.780  -0.236  5.466   1.00 57.88  ?  198 LEU A CB   1 
ATOM   346  C  CG   . LEU A 1 49  ? -1.265  -1.124  4.331   1.00 59.12  ?  198 LEU A CG   1 
ATOM   347  C  CD1  . LEU A 1 49  ? 0.093   -1.642  4.720   1.00 59.56  ?  198 LEU A CD1  1 
ATOM   348  C  CD2  . LEU A 1 49  ? -2.240  -2.269  4.120   1.00 62.67  ?  198 LEU A CD2  1 
ATOM   349  N  N    . TYR A 1 50  ? -0.357  2.248   3.521   1.00 50.41  ?  199 TYR A N    1 
ATOM   350  C  CA   . TYR A 1 50  ? -0.471  2.963   2.258   1.00 52.73  ?  199 TYR A CA   1 
ATOM   351  C  C    . TYR A 1 50  ? -0.211  1.979   1.123   1.00 52.20  ?  199 TYR A C    1 
ATOM   352  O  O    . TYR A 1 50  ? 0.797   1.252   1.130   1.00 48.49  ?  199 TYR A O    1 
ATOM   353  C  CB   . TYR A 1 50  ? 0.477   4.171   2.214   1.00 60.97  ?  199 TYR A CB   1 
ATOM   354  C  CG   . TYR A 1 50  ? 0.124   5.252   3.239   1.00 60.05  ?  199 TYR A CG   1 
ATOM   355  C  CD1  . TYR A 1 50  ? 0.461   5.096   4.582   1.00 54.60  ?  199 TYR A CD1  1 
ATOM   356  C  CD2  . TYR A 1 50  ? -0.612  6.381   2.883   1.00 66.97  ?  199 TYR A CD2  1 
ATOM   357  C  CE1  . TYR A 1 50  ? 0.107   6.033   5.523   1.00 65.62  ?  199 TYR A CE1  1 
ATOM   358  C  CE2  . TYR A 1 50  ? -0.976  7.330   3.833   1.00 74.84  ?  199 TYR A CE2  1 
ATOM   359  C  CZ   . TYR A 1 50  ? -0.606  7.150   5.146   1.00 70.96  ?  199 TYR A CZ   1 
ATOM   360  O  OH   . TYR A 1 50  ? -0.957  8.082   6.096   1.00 85.55  ?  199 TYR A OH   1 
ATOM   361  N  N    . ILE A 1 51  ? -1.128  1.938   0.166   1.00 49.04  ?  200 ILE A N    1 
ATOM   362  C  CA   . ILE A 1 51  ? -1.253  0.842   -0.784  1.00 48.31  ?  200 ILE A CA   1 
ATOM   363  C  C    . ILE A 1 51  ? -1.129  1.443   -2.163  1.00 53.69  ?  200 ILE A C    1 
ATOM   364  O  O    . ILE A 1 51  ? -1.986  2.222   -2.585  1.00 51.41  ?  200 ILE A O    1 
ATOM   365  C  CB   . ILE A 1 51  ? -2.587  0.094   -0.627  1.00 49.08  ?  200 ILE A CB   1 
ATOM   366  C  CG1  . ILE A 1 51  ? -2.631  -0.706  0.662   1.00 46.42  ?  200 ILE A CG1  1 
ATOM   367  C  CG2  . ILE A 1 51  ? -2.858  -0.771  -1.804  1.00 45.00  ?  200 ILE A CG2  1 
ATOM   368  C  CD1  . ILE A 1 51  ? -3.938  -1.423  0.793   1.00 46.20  ?  200 ILE A CD1  1 
ATOM   369  N  N    . LEU A 1 52  ? -0.042  1.115   -2.843  1.00 46.80  ?  201 LEU A N    1 
ATOM   370  C  CA   . LEU A 1 52  ? 0.319   1.751   -4.089  1.00 48.28  ?  201 LEU A CA   1 
ATOM   371  C  C    . LEU A 1 52  ? -0.349  1.015   -5.234  1.00 45.04  ?  201 LEU A C    1 
ATOM   372  O  O    . LEU A 1 52  ? -0.274  -0.217  -5.330  1.00 44.98  ?  201 LEU A O    1 
ATOM   373  C  CB   . LEU A 1 52  ? 1.836   1.758   -4.228  1.00 53.54  ?  201 LEU A CB   1 
ATOM   374  C  CG   . LEU A 1 52  ? 2.367   2.867   -3.305  1.00 56.14  ?  201 LEU A CG   1 
ATOM   375  C  CD1  . LEU A 1 52  ? 3.823   2.790   -3.179  1.00 65.20  ?  201 LEU A CD1  1 
ATOM   376  C  CD2  . LEU A 1 52  ? 2.031   4.239   -3.907  1.00 55.69  ?  201 LEU A CD2  1 
ATOM   377  N  N    . LEU A 1 53  ? -1.031  1.774   -6.074  1.00 46.25  ?  202 LEU A N    1 
ATOM   378  C  CA   . LEU A 1 53  ? -1.872  1.240   -7.127  1.00 51.27  ?  202 LEU A CA   1 
ATOM   379  C  C    . LEU A 1 53  ? -1.449  1.899   -8.422  1.00 57.38  ?  202 LEU A C    1 
ATOM   380  O  O    . LEU A 1 53  ? -2.146  2.800   -8.920  1.00 57.12  ?  202 LEU A O    1 
ATOM   381  C  CB   . LEU A 1 53  ? -3.347  1.499   -6.834  1.00 51.22  ?  202 LEU A CB   1 
ATOM   382  C  CG   . LEU A 1 53  ? -3.922  0.591   -5.768  1.00 50.20  ?  202 LEU A CG   1 
ATOM   383  C  CD1  . LEU A 1 53  ? -4.386  1.388   -4.541  1.00 60.32  ?  202 LEU A CD1  1 
ATOM   384  C  CD2  . LEU A 1 53  ? -5.055  -0.097  -6.403  1.00 50.44  ?  202 LEU A CD2  1 
ATOM   385  N  N    . PRO A 1 54  ? -0.307  1.494   -8.984  1.00 53.81  ?  203 PRO A N    1 
ATOM   386  C  CA   . PRO A 1 54  ? 0.029   1.929   -10.351 1.00 58.25  ?  203 PRO A CA   1 
ATOM   387  C  C    . PRO A 1 54  ? -1.135  1.574   -11.257 1.00 53.82  ?  203 PRO A C    1 
ATOM   388  O  O    . PRO A 1 54  ? -1.572  0.421   -11.301 1.00 54.67  ?  203 PRO A O    1 
ATOM   389  C  CB   . PRO A 1 54  ? 1.293   1.121   -10.704 1.00 65.24  ?  203 PRO A CB   1 
ATOM   390  C  CG   . PRO A 1 54  ? 1.327   -0.015  -9.699  1.00 61.75  ?  203 PRO A CG   1 
ATOM   391  C  CD   . PRO A 1 54  ? 0.668   0.530   -8.452  1.00 52.33  ?  203 PRO A CD   1 
ATOM   392  N  N    . LEU A 1 55  ? -1.699  2.595   -11.912 1.00 53.46  ?  204 LEU A N    1 
ATOM   393  C  CA   . LEU A 1 55  ? -2.805  2.354   -12.826 1.00 56.39  ?  204 LEU A CA   1 
ATOM   394  C  C    . LEU A 1 55  ? -2.339  1.582   -14.050 1.00 58.48  ?  204 LEU A C    1 
ATOM   395  O  O    . LEU A 1 55  ? -3.079  0.729   -14.546 1.00 54.55  ?  204 LEU A O    1 
ATOM   396  C  CB   . LEU A 1 55  ? -3.458  3.686   -13.202 1.00 62.25  ?  204 LEU A CB   1 
ATOM   397  C  CG   . LEU A 1 55  ? -4.404  4.245   -12.131 1.00 63.65  ?  204 LEU A CG   1 
ATOM   398  C  CD1  . LEU A 1 55  ? -5.252  5.381   -12.679 1.00 63.86  ?  204 LEU A CD1  1 
ATOM   399  C  CD2  . LEU A 1 55  ? -5.345  3.167   -11.596 1.00 62.95  ?  204 LEU A CD2  1 
ATOM   400  N  N    . ASP A 1 56  ? -1.102  1.807   -14.492 1.00 61.38  ?  205 ASP A N    1 
ATOM   401  C  CA   . ASP A 1 56  ? -0.461  0.992   -15.513 1.00 68.11  ?  205 ASP A CA   1 
ATOM   402  C  C    . ASP A 1 56  ? -0.189  -0.448  -15.069 1.00 65.37  ?  205 ASP A C    1 
ATOM   403  O  O    . ASP A 1 56  ? 0.338   -1.232  -15.879 1.00 71.75  ?  205 ASP A O    1 
ATOM   404  C  CB   . ASP A 1 56  ? 0.850   1.654   -15.969 1.00 64.50  ?  205 ASP A CB   1 
ATOM   405  C  CG   . ASP A 1 56  ? 1.862   1.789   -14.846 1.00 75.19  ?  205 ASP A CG   1 
ATOM   406  O  OD1  . ASP A 1 56  ? 2.391   2.905   -14.669 1.00 84.63  ?  205 ASP A OD1  1 
ATOM   407  O  OD2  . ASP A 1 56  ? 2.131   0.798   -14.126 1.00 79.97  ?  205 ASP A OD2  1 
ATOM   408  N  N    . CYS A 1 57  ? -0.503  -0.814  -13.815 1.00 67.54  ?  206 CYS A N    1 
ATOM   409  C  CA   . CYS A 1 57  ? -0.448  -2.201  -13.317 1.00 66.09  ?  206 CYS A CA   1 
ATOM   410  C  C    . CYS A 1 57  ? 0.980   -2.749  -13.248 1.00 63.24  ?  206 CYS A C    1 
ATOM   411  O  O    . CYS A 1 57  ? 1.184   -3.961  -13.093 1.00 54.03  ?  206 CYS A O    1 
ATOM   412  C  CB   . CYS A 1 57  ? -1.303  -3.137  -14.169 1.00 61.63  ?  206 CYS A CB   1 
ATOM   413  S  SG   . CYS A 1 57  ? -3.095  -2.844  -14.015 1.00 63.62  ?  206 CYS A SG   1 
ATOM   414  N  N    . GLY A 1 58  ? 1.974   -1.884  -13.395 1.00 67.24  ?  207 GLY A N    1 
ATOM   415  C  CA   . GLY A 1 58  ? 3.349   -2.299  -13.342 1.00 61.86  ?  207 GLY A CA   1 
ATOM   416  C  C    . GLY A 1 58  ? 3.785   -2.311  -11.902 1.00 58.34  ?  207 GLY A C    1 
ATOM   417  O  O    . GLY A 1 58  ? 4.215   -1.289  -11.345 1.00 65.30  ?  207 GLY A O    1 
ATOM   418  N  N    . VAL A 1 59  ? 3.623   -3.449  -11.255 1.00 56.85  ?  208 VAL A N    1 
ATOM   419  C  CA   . VAL A 1 59  ? 4.042   -3.628  -9.878  1.00 60.18  ?  208 VAL A CA   1 
ATOM   420  C  C    . VAL A 1 59  ? 5.385   -4.341  -9.905  1.00 67.71  ?  208 VAL A C    1 
ATOM   421  O  O    . VAL A 1 59  ? 5.482   -5.420  -10.520 1.00 60.61  ?  208 VAL A O    1 
ATOM   422  C  CB   . VAL A 1 59  ? 2.991   -4.406  -9.078  1.00 61.95  ?  208 VAL A CB   1 
ATOM   423  C  CG1  . VAL A 1 59  ? 3.601   -5.038  -7.818  1.00 57.63  ?  208 VAL A CG1  1 
ATOM   424  C  CG2  . VAL A 1 59  ? 1.837   -3.500  -8.710  1.00 60.56  ?  208 VAL A CG2  1 
ATOM   425  N  N    . PRO A 1 60  ? 6.438   -3.778  -9.346  1.00 70.37  ?  209 PRO A N    1 
ATOM   426  C  CA   . PRO A 1 60  ? 7.736   -4.449  -9.390  1.00 72.04  ?  209 PRO A CA   1 
ATOM   427  C  C    . PRO A 1 60  ? 7.774   -5.684  -8.494  1.00 73.49  ?  209 PRO A C    1 
ATOM   428  O  O    . PRO A 1 60  ? 7.138   -5.719  -7.441  1.00 76.18  ?  209 PRO A O    1 
ATOM   429  C  CB   . PRO A 1 60  ? 8.699   -3.358  -8.907  1.00 82.01  ?  209 PRO A CB   1 
ATOM   430  C  CG   . PRO A 1 60  ? 7.854   -2.477  -8.052  1.00 75.80  ?  209 PRO A CG   1 
ATOM   431  C  CD   . PRO A 1 60  ? 6.550   -2.417  -8.786  1.00 67.43  ?  209 PRO A CD   1 
ATOM   432  N  N    . ASP A 1 61  ? 8.504   -6.708  -8.933  1.00 103.85 ?  210 ASP A N    1 
ATOM   433  C  CA   . ASP A 1 61  ? 8.802   -7.896  -8.128  1.00 100.89 ?  210 ASP A CA   1 
ATOM   434  C  C    . ASP A 1 61  ? 9.958   -7.650  -7.176  1.00 102.34 ?  210 ASP A C    1 
ATOM   435  O  O    . ASP A 1 61  ? 10.720  -8.572  -6.879  1.00 109.74 ?  210 ASP A O    1 
ATOM   436  C  CB   . ASP A 1 61  ? 9.142   -9.085  -9.025  1.00 57.85  ?  210 ASP A CB   1 
ATOM   437  C  CG   . ASP A 1 61  ? 7.951   -10.026 -9.315  1.00 57.85  ?  210 ASP A CG   1 
ATOM   438  O  OD1  . ASP A 1 61  ? 6.846   -9.862  -8.734  1.00 57.85  ?  210 ASP A OD1  1 
ATOM   439  O  OD2  . ASP A 1 61  ? 8.157   -10.985 -10.113 1.00 57.85  ?  210 ASP A OD2  1 
ATOM   440  N  N    . ASN A 1 62  ? 10.151  -6.418  -6.726  1.00 84.36  ?  211 ASN A N    1 
ATOM   441  C  CA   . ASN A 1 62  ? 11.225  -6.076  -5.807  1.00 83.14  ?  211 ASN A CA   1 
ATOM   442  C  C    . ASN A 1 62  ? 10.779  -4.841  -5.030  1.00 86.39  ?  211 ASN A C    1 
ATOM   443  O  O    . ASN A 1 62  ? 9.579   -4.629  -4.813  1.00 83.00  ?  211 ASN A O    1 
ATOM   444  C  CB   . ASN A 1 62  ? 12.525  -5.835  -6.585  1.00 81.52  ?  211 ASN A CB   1 
ATOM   445  C  CG   . ASN A 1 62  ? 12.413  -4.640  -7.457  1.00 86.52  ?  211 ASN A CG   1 
ATOM   446  O  OD1  . ASN A 1 62  ? 11.340  -4.390  -8.000  1.00 85.25  ?  211 ASN A OD1  1 
ATOM   447  N  ND2  . ASN A 1 62  ? 13.498  -3.889  -7.616  1.00 84.10  ?  211 ASN A ND2  1 
ATOM   448  N  N    . LEU A 1 63  ? 11.740  -4.013  -4.631  1.00 78.61  ?  212 LEU A N    1 
ATOM   449  C  CA   . LEU A 1 63  ? 11.419  -2.825  -3.847  1.00 77.38  ?  212 LEU A CA   1 
ATOM   450  C  C    . LEU A 1 63  ? 11.419  -1.542  -4.669  1.00 87.65  ?  212 LEU A C    1 
ATOM   451  O  O    . LEU A 1 63  ? 11.107  -0.474  -4.130  1.00 80.77  ?  212 LEU A O    1 
ATOM   452  C  CB   . LEU A 1 63  ? 12.381  -2.675  -2.669  1.00 77.45  ?  212 LEU A CB   1 
ATOM   453  C  CG   . LEU A 1 63  ? 12.680  -3.893  -1.799  1.00 74.87  ?  212 LEU A CG   1 
ATOM   454  C  CD1  . LEU A 1 63  ? 13.204  -3.338  -0.499  1.00 78.42  ?  212 LEU A CD1  1 
ATOM   455  C  CD2  . LEU A 1 63  ? 11.422  -4.730  -1.582  1.00 77.08  ?  212 LEU A CD2  1 
ATOM   456  N  N    . SER A 1 64  ? 11.727  -1.623  -5.959  1.00 84.34  ?  213 SER A N    1 
ATOM   457  C  CA   . SER A 1 64  ? 11.847  -0.434  -6.797  1.00 87.16  ?  213 SER A CA   1 
ATOM   458  C  C    . SER A 1 64  ? 10.586  0.427   -6.730  1.00 86.81  ?  213 SER A C    1 
ATOM   459  O  O    . SER A 1 64  ? 9.496   -0.020  -7.105  1.00 87.33  ?  213 SER A O    1 
ATOM   460  C  CB   . SER A 1 64  ? 12.151  -0.857  -8.236  1.00 80.00  ?  213 SER A CB   1 
ATOM   461  O  OG   . SER A 1 64  ? 11.776  0.159   -9.138  1.00 83.28  ?  213 SER A OG   1 
ATOM   462  N  N    . MET A 1 65  ? 10.716  1.649   -6.214  1.00 81.49  ?  214 MET A N    1 
ATOM   463  C  CA   . MET A 1 65  ? 9.620   2.611   -6.163  1.00 86.55  ?  214 MET A CA   1 
ATOM   464  C  C    . MET A 1 65  ? 9.728   3.635   -7.276  1.00 97.22  ?  214 MET A C    1 
ATOM   465  O  O    . MET A 1 65  ? 8.782   4.416   -7.493  1.00 99.17  ?  214 MET A O    1 
ATOM   466  C  CB   . MET A 1 65  ? 9.587   3.335   -4.817  1.00 81.36  ?  214 MET A CB   1 
ATOM   467  C  CG   . MET A 1 65  ? 9.541   2.465   -3.541  1.00 86.61  ?  214 MET A CG   1 
ATOM   468  S  SD   . MET A 1 65  ? 8.023   1.465   -3.380  1.00 76.00  ?  214 MET A SD   1 
ATOM   469  C  CE   . MET A 1 65  ? 6.875   2.530   -4.253  1.00 68.10  ?  214 MET A CE   1 
ATOM   470  N  N    . ALA A 1 66  ? 10.846  3.597   -8.008  1.00 90.01  ?  215 ALA A N    1 
ATOM   471  C  CA   . ALA A 1 66  ? 11.339  4.699   -8.827  1.00 90.01  ?  215 ALA A CA   1 
ATOM   472  C  C    . ALA A 1 66  ? 10.815  6.045   -8.330  1.00 90.01  ?  215 ALA A C    1 
ATOM   473  O  O    . ALA A 1 66  ? 9.876   6.631   -8.882  1.00 90.01  ?  215 ALA A O    1 
ATOM   474  C  CB   . ALA A 1 66  ? 10.978  4.488   -10.285 1.00 90.01  ?  215 ALA A CB   1 
ATOM   475  N  N    . ASP A 1 67  ? 11.429  6.494   -7.252  1.00 83.57  ?  216 ASP A N    1 
ATOM   476  C  CA   . ASP A 1 67  ? 11.182  7.801   -6.676  1.00 83.57  ?  216 ASP A CA   1 
ATOM   477  C  C    . ASP A 1 67  ? 12.334  7.931   -5.718  1.00 83.57  ?  216 ASP A C    1 
ATOM   478  O  O    . ASP A 1 67  ? 12.230  7.515   -4.558  1.00 83.57  ?  216 ASP A O    1 
ATOM   479  C  CB   . ASP A 1 67  ? 9.835   7.944   -5.955  1.00 83.57  ?  216 ASP A CB   1 
ATOM   480  N  N    . PRO A 1 68  ? 13.447  8.446   -6.183  1.00 80.16  ?  217 PRO A N    1 
ATOM   481  C  CA   . PRO A 1 68  ? 14.657  8.507   -5.357  1.00 81.22  ?  217 PRO A CA   1 
ATOM   482  C  C    . PRO A 1 68  ? 14.371  8.853   -3.906  1.00 70.77  ?  217 PRO A C    1 
ATOM   483  O  O    . PRO A 1 68  ? 15.098  8.422   -3.004  1.00 64.63  ?  217 PRO A O    1 
ATOM   484  C  CB   . PRO A 1 68  ? 15.488  9.601   -6.053  1.00 76.02  ?  217 PRO A CB   1 
ATOM   485  C  CG   . PRO A 1 68  ? 14.567  10.206  -7.145  1.00 76.57  ?  217 PRO A CG   1 
ATOM   486  C  CD   . PRO A 1 68  ? 13.620  9.109   -7.479  1.00 77.09  ?  217 PRO A CD   1 
ATOM   487  N  N    . ASN A 1 69  ? 13.275  9.586   -3.685  1.00 73.67  ?  218 ASN A N    1 
ATOM   488  C  CA   . ASN A 1 69  ? 12.907  10.121  -2.383  1.00 78.73  ?  218 ASN A CA   1 
ATOM   489  C  C    . ASN A 1 69  ? 11.997  9.188   -1.568  1.00 74.25  ?  218 ASN A C    1 
ATOM   490  O  O    . ASN A 1 69  ? 11.481  9.619   -0.524  1.00 73.64  ?  218 ASN A O    1 
ATOM   491  C  CB   . ASN A 1 69  ? 12.232  11.493  -2.569  1.00 77.27  ?  218 ASN A CB   1 
ATOM   492  C  CG   . ASN A 1 69  ? 13.113  12.489  -3.326  1.00 80.13  ?  218 ASN A CG   1 
ATOM   493  O  OD1  . ASN A 1 69  ? 14.230  12.799  -2.900  1.00 79.50  ?  218 ASN A OD1  1 
ATOM   494  N  ND2  . ASN A 1 69  ? 12.612  12.989  -4.467  1.00 78.13  ?  218 ASN A ND2  1 
ATOM   495  N  N    . ILE A 1 70  ? 11.789  7.931   -2.001  1.00 71.89  ?  219 ILE A N    1 
ATOM   496  C  CA   . ILE A 1 70  ? 11.094  6.917   -1.196  1.00 77.83  ?  219 ILE A CA   1 
ATOM   497  C  C    . ILE A 1 70  ? 12.092  5.796   -0.936  1.00 69.11  ?  219 ILE A C    1 
ATOM   498  O  O    . ILE A 1 70  ? 12.469  5.047   -1.848  1.00 78.07  ?  219 ILE A O    1 
ATOM   499  C  CB   . ILE A 1 70  ? 9.823   6.382   -1.873  1.00 73.33  ?  219 ILE A CB   1 
ATOM   500  C  CG1  . ILE A 1 70  ? 8.915   7.523   -2.323  1.00 76.12  ?  219 ILE A CG1  1 
ATOM   501  C  CG2  . ILE A 1 70  ? 9.048   5.506   -0.888  1.00 75.69  ?  219 ILE A CG2  1 
ATOM   502  C  CD1  . ILE A 1 70  ? 7.561   7.058   -2.792  1.00 79.21  ?  219 ILE A CD1  1 
ATOM   503  N  N    . ARG A 1 71  ? 12.525  5.674   0.303   1.00 71.25  ?  220 ARG A N    1 
ATOM   504  C  CA   . ARG A 1 71  ? 13.580  4.741   0.650   1.00 72.37  ?  220 ARG A CA   1 
ATOM   505  C  C    . ARG A 1 71  ? 13.099  3.811   1.749   1.00 68.07  ?  220 ARG A C    1 
ATOM   506  O  O    . ARG A 1 71  ? 12.318  4.204   2.628   1.00 68.77  ?  220 ARG A O    1 
ATOM   507  C  CB   . ARG A 1 71  ? 14.857  5.469   1.094   1.00 79.16  ?  220 ARG A CB   1 
ATOM   508  C  CG   . ARG A 1 71  ? 15.816  5.746   -0.086  1.00 82.39  ?  220 ARG A CG   1 
ATOM   509  C  CD   . ARG A 1 71  ? 16.877  6.815   0.230   1.00 87.75  ?  220 ARG A CD   1 
ATOM   510  N  NE   . ARG A 1 71  ? 17.679  6.473   1.401   1.00 100.62 ?  220 ARG A NE   1 
ATOM   511  C  CZ   . ARG A 1 71  ? 18.453  5.397   1.497   1.00 103.20 ?  220 ARG A CZ   1 
ATOM   512  N  NH1  . ARG A 1 71  ? 18.629  4.571   0.472   1.00 92.98  ?  220 ARG A NH1  1 
ATOM   513  N  NH2  . ARG A 1 71  ? 19.068  5.142   2.652   1.00 99.39  ?  220 ARG A NH2  1 
ATOM   514  N  N    . PHE A 1 72  ? 13.554  2.565   1.645   1.00 64.85  ?  221 PHE A N    1 
ATOM   515  C  CA   . PHE A 1 72  ? 13.372  1.566   2.683   1.00 67.34  ?  221 PHE A CA   1 
ATOM   516  C  C    . PHE A 1 72  ? 14.094  1.997   3.955   1.00 69.52  ?  221 PHE A C    1 
ATOM   517  O  O    . PHE A 1 72  ? 15.266  2.375   3.923   1.00 74.41  ?  221 PHE A O    1 
ATOM   518  C  CB   . PHE A 1 72  ? 13.898  0.206   2.195   1.00 60.73  ?  221 PHE A CB   1 
ATOM   519  C  CG   . PHE A 1 72  ? 13.855  -0.853  3.239   1.00 63.84  ?  221 PHE A CG   1 
ATOM   520  C  CD1  . PHE A 1 72  ? 14.985  -1.202  3.966   1.00 60.06  ?  221 PHE A CD1  1 
ATOM   521  C  CD2  . PHE A 1 72  ? 12.650  -1.441  3.546   1.00 62.80  ?  221 PHE A CD2  1 
ATOM   522  C  CE1  . PHE A 1 72  ? 14.907  -2.170  4.951   1.00 62.96  ?  221 PHE A CE1  1 
ATOM   523  C  CE2  . PHE A 1 72  ? 12.558  -2.388  4.535   1.00 67.49  ?  221 PHE A CE2  1 
ATOM   524  C  CZ   . PHE A 1 72  ? 13.684  -2.766  5.245   1.00 59.95  ?  221 PHE A CZ   1 
ATOM   525  N  N    . LEU A 1 73  ? 13.387  1.960   5.084   1.00 65.17  ?  222 LEU A N    1 
ATOM   526  C  CA   . LEU A 1 73  ? 13.982  2.346   6.356   1.00 67.23  ?  222 LEU A CA   1 
ATOM   527  C  C    . LEU A 1 73  ? 14.073  1.181   7.321   1.00 65.63  ?  222 LEU A C    1 
ATOM   528  O  O    . LEU A 1 73  ? 15.152  0.916   7.859   1.00 70.34  ?  222 LEU A O    1 
ATOM   529  C  CB   . LEU A 1 73  ? 13.187  3.508   6.994   1.00 70.01  ?  222 LEU A CB   1 
ATOM   530  C  CG   . LEU A 1 73  ? 14.005  4.379   7.954   1.00 73.11  ?  222 LEU A CG   1 
ATOM   531  C  CD1  . LEU A 1 73  ? 15.034  5.231   7.206   1.00 66.65  ?  222 LEU A CD1  1 
ATOM   532  C  CD2  . LEU A 1 73  ? 13.111  5.236   8.787   1.00 72.38  ?  222 LEU A CD2  1 
ATOM   533  N  N    . ASP A 1 74  ? 12.972  0.470   7.556   1.00 69.74  ?  223 ASP A N    1 
ATOM   534  C  CA   . ASP A 1 74  ? 12.975  -0.691  8.437   1.00 64.99  ?  223 ASP A CA   1 
ATOM   535  C  C    . ASP A 1 74  ? 11.790  -1.572  8.050   1.00 65.37  ?  223 ASP A C    1 
ATOM   536  O  O    . ASP A 1 74  ? 10.904  -1.150  7.301   1.00 63.68  ?  223 ASP A O    1 
ATOM   537  C  CB   . ASP A 1 74  ? 12.915  -0.259  9.912   1.00 73.79  ?  223 ASP A CB   1 
ATOM   538  C  CG   . ASP A 1 74  ? 13.711  -1.184  10.844  1.00 81.90  ?  223 ASP A CG   1 
ATOM   539  O  OD1  . ASP A 1 74  ? 14.061  -2.327  10.440  1.00 79.02  ?  223 ASP A OD1  1 
ATOM   540  O  OD2  . ASP A 1 74  ? 13.939  -0.777  12.009  1.00 85.57  ?  223 ASP A OD2  1 
ATOM   541  N  N    . LYS A 1 75  ? 11.801  -2.816  8.549   1.00 67.44  ?  224 LYS A N    1 
ATOM   542  C  CA   . LYS A 1 75  ? 10.644  -3.703  8.535   1.00 66.47  ?  224 LYS A CA   1 
ATOM   543  C  C    . LYS A 1 75  ? 9.805   -3.483  9.795   1.00 66.24  ?  224 LYS A C    1 
ATOM   544  O  O    . LYS A 1 75  ? 10.316  -3.075  10.837  1.00 68.55  ?  224 LYS A O    1 
ATOM   545  C  CB   . LYS A 1 75  ? 11.056  -5.178  8.453   1.00 54.66  ?  224 LYS A CB   1 
ATOM   546  C  CG   . LYS A 1 75  ? 12.185  -5.490  7.493   1.00 64.57  ?  224 LYS A CG   1 
ATOM   547  C  CD   . LYS A 1 75  ? 12.644  -6.939  7.649   1.00 60.58  ?  224 LYS A CD   1 
ATOM   548  C  CE   . LYS A 1 75  ? 14.165  -7.035  7.733   1.00 75.27  ?  224 LYS A CE   1 
ATOM   549  N  NZ   . LYS A 1 75  ? 14.578  -6.751  9.175   1.00 80.09  ?  224 LYS A NZ   1 
ATOM   550  N  N    . LEU A 1 76  ? 8.504   -3.742  9.684   1.00 67.93  ?  225 LEU A N    1 
ATOM   551  C  CA   . LEU A 1 76  ? 7.578   -3.700  10.805  1.00 67.50  ?  225 LEU A CA   1 
ATOM   552  C  C    . LEU A 1 76  ? 7.703   -4.985  11.625  1.00 70.53  ?  225 LEU A C    1 
ATOM   553  O  O    . LEU A 1 76  ? 8.059   -6.032  11.075  1.00 70.99  ?  225 LEU A O    1 
ATOM   554  C  CB   . LEU A 1 76  ? 6.153   -3.551  10.284  1.00 64.91  ?  225 LEU A CB   1 
ATOM   555  C  CG   . LEU A 1 76  ? 5.123   -2.896  11.208  1.00 68.24  ?  225 LEU A CG   1 
ATOM   556  C  CD1  . LEU A 1 76  ? 5.425   -1.417  11.450  1.00 66.18  ?  225 LEU A CD1  1 
ATOM   557  C  CD2  . LEU A 1 76  ? 3.701   -3.108  10.654  1.00 62.36  ?  225 LEU A CD2  1 
ATOM   558  N  N    . PRO A 1 77  ? 7.435   -4.941  12.969  1.00 76.15  ?  226 PRO A N    1 
ATOM   559  C  CA   . PRO A 1 77  ? 7.269   -6.209  13.705  1.00 75.59  ?  226 PRO A CA   1 
ATOM   560  C  C    . PRO A 1 77  ? 6.344   -7.146  12.946  1.00 71.45  ?  226 PRO A C    1 
ATOM   561  O  O    . PRO A 1 77  ? 5.205   -6.772  12.622  1.00 66.62  ?  226 PRO A O    1 
ATOM   562  C  CB   . PRO A 1 77  ? 6.652   -5.787  15.052  1.00 62.88  ?  226 PRO A CB   1 
ATOM   563  C  CG   . PRO A 1 77  ? 6.770   -4.300  15.146  1.00 72.57  ?  226 PRO A CG   1 
ATOM   564  C  CD   . PRO A 1 77  ? 7.364   -3.764  13.863  1.00 71.71  ?  226 PRO A CD   1 
ATOM   565  N  N    . GLN A 1 78  ? 6.831   -8.351  12.643  1.00 64.65  ?  227 GLN A N    1 
ATOM   566  C  CA   . GLN A 1 78  ? 6.041   -9.289  11.859  1.00 66.61  ?  227 GLN A CA   1 
ATOM   567  C  C    . GLN A 1 78  ? 4.926   -9.871  12.705  1.00 59.58  ?  227 GLN A C    1 
ATOM   568  O  O    . GLN A 1 78  ? 5.111   -10.167 13.888  1.00 62.12  ?  227 GLN A O    1 
ATOM   569  C  CB   . GLN A 1 78  ? 6.906   -10.413 11.324  1.00 61.74  ?  227 GLN A CB   1 
ATOM   570  C  CG   . GLN A 1 78  ? 7.566   -11.217 12.396  1.00 68.38  ?  227 GLN A CG   1 
ATOM   571  C  CD   . GLN A 1 78  ? 8.551   -12.209 11.816  1.00 75.64  ?  227 GLN A CD   1 
ATOM   572  O  OE1  . GLN A 1 78  ? 8.194   -13.344 11.481  1.00 72.22  ?  227 GLN A OE1  1 
ATOM   573  N  NE2  . GLN A 1 78  ? 9.801   -11.774 11.662  1.00 81.76  ?  227 GLN A NE2  1 
ATOM   574  N  N    . GLN A 1 79  ? 3.766   -10.009 12.086  1.00 58.76  ?  228 GLN A N    1 
ATOM   575  C  CA   . GLN A 1 79  ? 2.631   -10.702 12.660  1.00 67.41  ?  228 GLN A CA   1 
ATOM   576  C  C    . GLN A 1 79  ? 2.644   -12.152 12.190  1.00 68.80  ?  228 GLN A C    1 
ATOM   577  O  O    . GLN A 1 79  ? 3.040   -12.457 11.054  1.00 61.42  ?  228 GLN A O    1 
ATOM   578  C  CB   . GLN A 1 79  ? 1.337   -10.027 12.226  1.00 67.09  ?  228 GLN A CB   1 
ATOM   579  C  CG   . GLN A 1 79  ? 0.037   -10.698 12.652  1.00 71.12  ?  228 GLN A CG   1 
ATOM   580  C  CD   . GLN A 1 79  ? -1.131  -10.100 11.883  1.00 76.70  ?  228 GLN A CD   1 
ATOM   581  O  OE1  . GLN A 1 79  ? -1.283  -8.876  11.844  1.00 73.67  ?  228 GLN A OE1  1 
ATOM   582  N  NE2  . GLN A 1 79  ? -1.953  -10.958 11.249  1.00 82.28  ?  228 GLN A NE2  1 
ATOM   583  N  N    . THR A 1 80  ? 2.222   -13.047 13.074  1.00 65.17  ?  229 THR A N    1 
ATOM   584  C  CA   . THR A 1 80  ? 2.111   -14.460 12.763  1.00 63.91  ?  229 THR A CA   1 
ATOM   585  C  C    . THR A 1 80  ? 0.704   -14.886 13.133  1.00 67.34  ?  229 THR A C    1 
ATOM   586  O  O    . THR A 1 80  ? 0.215   -14.542 14.223  1.00 69.74  ?  229 THR A O    1 
ATOM   587  C  CB   . THR A 1 80  ? 3.117   -15.327 13.545  1.00 66.07  ?  229 THR A CB   1 
ATOM   588  O  OG1  . THR A 1 80  ? 3.047   -15.002 14.945  1.00 79.09  ?  229 THR A OG1  1 
ATOM   589  C  CG2  . THR A 1 80  ? 4.542   -15.133 13.036  1.00 68.86  ?  229 THR A CG2  1 
ATOM   590  N  N    . GLY A 1 81  ? 0.071   -15.637 12.227  1.00 64.04  ?  230 GLY A N    1 
ATOM   591  C  CA   . GLY A 1 81  ? -1.188  -16.294 12.495  1.00 65.59  ?  230 GLY A CA   1 
ATOM   592  C  C    . GLY A 1 81  ? -1.359  -17.544 11.656  1.00 65.64  ?  230 GLY A C    1 
ATOM   593  O  O    . GLY A 1 81  ? -0.982  -17.563 10.483  1.00 69.52  ?  230 GLY A O    1 
ATOM   594  N  N    . ASP A 1 82  ? -1.922  -18.592 12.247  1.00 65.15  ?  231 ASP A N    1 
ATOM   595  C  CA   . ASP A 1 82  ? -2.359  -19.738 11.469  1.00 59.36  ?  231 ASP A CA   1 
ATOM   596  C  C    . ASP A 1 82  ? -3.403  -19.301 10.451  1.00 66.69  ?  231 ASP A C    1 
ATOM   597  O  O    . ASP A 1 82  ? -4.277  -18.477 10.755  1.00 61.75  ?  231 ASP A O    1 
ATOM   598  C  CB   . ASP A 1 82  ? -2.934  -20.819 12.384  1.00 67.03  ?  231 ASP A CB   1 
ATOM   599  C  CG   . ASP A 1 82  ? -1.914  -21.341 13.396  1.00 73.69  ?  231 ASP A CG   1 
ATOM   600  O  OD1  . ASP A 1 82  ? -0.702  -21.112 13.207  1.00 69.58  ?  231 ASP A OD1  1 
ATOM   601  O  OD2  . ASP A 1 82  ? -2.306  -22.043 14.351  1.00 80.03  ?  231 ASP A OD2  1 
ATOM   602  N  N    . HIS A 1 83  ? -3.306  -19.858 9.241   1.00 64.33  ?  232 HIS A N    1 
ATOM   603  C  CA   . HIS A 1 83  ? -4.229  -19.566 8.141   1.00 57.03  ?  232 HIS A CA   1 
ATOM   604  C  C    . HIS A 1 83  ? -4.105  -20.660 7.084   1.00 56.57  ?  232 HIS A C    1 
ATOM   605  O  O    . HIS A 1 83  ? -3.038  -20.831 6.476   1.00 59.94  ?  232 HIS A O    1 
ATOM   606  C  CB   . HIS A 1 83  ? -3.943  -18.191 7.541   1.00 52.59  ?  232 HIS A CB   1 
ATOM   607  C  CG   . HIS A 1 83  ? -4.851  -17.814 6.405   1.00 53.97  ?  232 HIS A CG   1 
ATOM   608  N  ND1  . HIS A 1 83  ? -6.225  -17.827 6.496   1.00 56.39  ?  232 HIS A ND1  1 
ATOM   609  C  CD2  . HIS A 1 83  ? -4.569  -17.335 5.172   1.00 56.75  ?  232 HIS A CD2  1 
ATOM   610  C  CE1  . HIS A 1 83  ? -6.752  -17.432 5.351   1.00 59.06  ?  232 HIS A CE1  1 
ATOM   611  N  NE2  . HIS A 1 83  ? -5.769  -17.127 4.532   1.00 63.62  ?  232 HIS A NE2  1 
ATOM   612  N  N    . ALA A 1 84  ? -5.184  -21.421 6.904   1.00 58.10  ?  233 ALA A N    1 
ATOM   613  C  CA   . ALA A 1 84  ? -5.416  -22.206 5.700   1.00 62.41  ?  233 ALA A CA   1 
ATOM   614  C  C    . ALA A 1 84  ? -4.284  -23.202 5.471   1.00 58.38  ?  233 ALA A C    1 
ATOM   615  O  O    . ALA A 1 84  ? -3.613  -23.194 4.448   1.00 60.41  ?  233 ALA A O    1 
ATOM   616  C  CB   . ALA A 1 84  ? -5.595  -21.285 4.489   1.00 55.34  ?  233 ALA A CB   1 
ATOM   617  N  N    . GLY A 1 85  ? -4.062  -24.043 6.466   1.00 58.55  ?  234 GLY A N    1 
ATOM   618  C  CA   . GLY A 1 85  ? -3.021  -25.011 6.417   1.00 57.64  ?  234 GLY A CA   1 
ATOM   619  C  C    . GLY A 1 85  ? -1.693  -24.538 6.960   1.00 56.58  ?  234 GLY A C    1 
ATOM   620  O  O    . GLY A 1 85  ? -0.966  -25.339 7.553   1.00 59.07  ?  234 GLY A O    1 
ATOM   621  N  N    . ILE A 1 86  ? -1.357  -23.257 6.801   1.00 49.82  ?  235 ILE A N    1 
ATOM   622  C  CA   . ILE A 1 86  ? -0.008  -22.802 7.104   1.00 53.05  ?  235 ILE A CA   1 
ATOM   623  C  C    . ILE A 1 86  ? 0.059   -22.358 8.555   1.00 56.09  ?  235 ILE A C    1 
ATOM   624  O  O    . ILE A 1 86  ? -0.566  -21.364 8.922   1.00 58.16  ?  235 ILE A O    1 
ATOM   625  C  CB   . ILE A 1 86  ? 0.417   -21.685 6.160   1.00 46.85  ?  235 ILE A CB   1 
ATOM   626  C  CG1  . ILE A 1 86  ? 0.252   -22.191 4.745   1.00 43.80  ?  235 ILE A CG1  1 
ATOM   627  C  CG2  . ILE A 1 86  ? 1.833   -21.271 6.475   1.00 49.75  ?  235 ILE A CG2  1 
ATOM   628  C  CD1  . ILE A 1 86  ? 1.010   -21.346 3.719   1.00 53.91  ?  235 ILE A CD1  1 
ATOM   629  N  N    . LYS A 1 87  ? 0.845   -23.078 9.373   1.00 59.57  ?  236 LYS A N    1 
ATOM   630  C  CA   . LYS A 1 87  ? 1.045   -22.721 10.779  1.00 61.52  ?  236 LYS A CA   1 
ATOM   631  C  C    . LYS A 1 87  ? 2.032   -21.570 10.899  1.00 61.47  ?  236 LYS A C    1 
ATOM   632  O  O    . LYS A 1 87  ? 3.118   -21.601 10.304  1.00 67.52  ?  236 LYS A O    1 
ATOM   633  C  CB   . LYS A 1 87  ? 1.545   -23.901 11.624  1.00 69.66  ?  236 LYS A CB   1 
ATOM   634  C  CG   . LYS A 1 87  ? 1.676   -23.539 13.139  1.00 72.07  ?  236 LYS A CG   1 
ATOM   635  C  CD   . LYS A 1 87  ? 0.756   -24.360 14.065  1.00 76.51  ?  236 LYS A CD   1 
ATOM   636  C  CE   . LYS A 1 87  ? 0.809   -23.932 15.541  1.00 76.34  ?  236 LYS A CE   1 
ATOM   637  N  NZ   . LYS A 1 87  ? -0.512  -24.249 16.210  1.00 69.08  ?  236 LYS A NZ   1 
ATOM   638  N  N    . ASP A 1 88  ? 1.644   -20.554 11.679  1.00 67.17  ?  237 ASP A N    1 
ATOM   639  C  CA   . ASP A 1 88  ? 2.424   -19.328 11.833  1.00 65.99  ?  237 ASP A CA   1 
ATOM   640  C  C    . ASP A 1 88  ? 2.817   -18.761 10.466  1.00 62.39  ?  237 ASP A C    1 
ATOM   641  O  O    . ASP A 1 88  ? 3.985   -18.491 10.183  1.00 66.14  ?  237 ASP A O    1 
ATOM   642  C  CB   . ASP A 1 88  ? 3.643   -19.570 12.731  1.00 71.77  ?  237 ASP A CB   1 
ATOM   643  C  CG   . ASP A 1 88  ? 3.252   -20.026 14.143  1.00 85.45  ?  237 ASP A CG   1 
ATOM   644  O  OD1  . ASP A 1 88  ? 4.111   -19.987 15.057  1.00 85.82  ?  237 ASP A OD1  1 
ATOM   645  O  OD2  . ASP A 1 88  ? 2.078   -20.410 14.352  1.00 95.93  ?  237 ASP A OD2  1 
ATOM   646  N  N    . ARG A 1 89  ? 1.820   -18.637 9.588   1.00 57.29  ?  238 ARG A N    1 
ATOM   647  C  CA   . ARG A 1 89  ? 1.986   -17.864 8.369   1.00 57.63  ?  238 ARG A CA   1 
ATOM   648  C  C    . ARG A 1 89  ? 2.420   -16.456 8.742   1.00 60.73  ?  238 ARG A C    1 
ATOM   649  O  O    . ARG A 1 89  ? 1.758   -15.785 9.541   1.00 56.82  ?  238 ARG A O    1 
ATOM   650  C  CB   . ARG A 1 89  ? 0.676   -17.843 7.581   1.00 62.21  ?  238 ARG A CB   1 
ATOM   651  C  CG   . ARG A 1 89  ? 0.830   -17.452 6.140   1.00 58.50  ?  238 ARG A CG   1 
ATOM   652  C  CD   . ARG A 1 89  ? 0.711   -15.950 6.034   1.00 52.06  ?  238 ARG A CD   1 
ATOM   653  N  NE   . ARG A 1 89  ? 0.198   -15.553 4.727   1.00 58.87  ?  238 ARG A NE   1 
ATOM   654  C  CZ   . ARG A 1 89  ? 0.670   -14.526 4.040   1.00 55.63  ?  238 ARG A CZ   1 
ATOM   655  N  NH1  . ARG A 1 89  ? 1.671   -13.797 4.509   1.00 51.66  ?  238 ARG A NH1  1 
ATOM   656  N  NH2  . ARG A 1 89  ? 0.092   -14.193 2.881   1.00 51.36  ?  238 ARG A NH2  1 
ATOM   657  N  N    . VAL A 1 90  ? 3.536   -16.016 8.191   1.00 61.72  ?  239 VAL A N    1 
ATOM   658  C  CA   . VAL A 1 90  ? 4.122   -14.742 8.590   1.00 63.18  ?  239 VAL A CA   1 
ATOM   659  C  C    . VAL A 1 90  ? 3.604   -13.617 7.704   1.00 59.61  ?  239 VAL A C    1 
ATOM   660  O  O    . VAL A 1 90  ? 3.381   -13.787 6.497   1.00 59.41  ?  239 VAL A O    1 
ATOM   661  C  CB   . VAL A 1 90  ? 5.658   -14.812 8.544   1.00 67.21  ?  239 VAL A CB   1 
ATOM   662  C  CG1  . VAL A 1 90  ? 6.235   -13.568 9.189   1.00 65.96  ?  239 VAL A CG1  1 
ATOM   663  C  CG2  . VAL A 1 90  ? 6.162   -16.075 9.229   1.00 60.41  ?  239 VAL A CG2  1 
ATOM   664  N  N    . TYR A 1 91  ? 3.429   -12.444 8.300   1.00 65.18  ?  240 TYR A N    1 
ATOM   665  C  CA   . TYR A 1 91  ? 3.003   -11.264 7.563   1.00 63.16  ?  240 TYR A CA   1 
ATOM   666  C  C    . TYR A 1 91  ? 4.119   -10.220 7.722   1.00 60.43  ?  240 TYR A C    1 
ATOM   667  O  O    . TYR A 1 91  ? 4.395   -9.736  8.819   1.00 63.86  ?  240 TYR A O    1 
ATOM   668  C  CB   . TYR A 1 91  ? 1.632   -10.788 8.053   1.00 61.33  ?  240 TYR A CB   1 
ATOM   669  C  CG   . TYR A 1 91  ? 0.496   -11.782 7.769   1.00 62.07  ?  240 TYR A CG   1 
ATOM   670  C  CD1  . TYR A 1 91  ? -0.157  -11.779 6.532   1.00 60.73  ?  240 TYR A CD1  1 
ATOM   671  C  CD2  . TYR A 1 91  ? 0.049   -12.695 8.734   1.00 58.06  ?  240 TYR A CD2  1 
ATOM   672  C  CE1  . TYR A 1 91  ? -1.187  -12.682 6.230   1.00 51.92  ?  240 TYR A CE1  1 
ATOM   673  C  CE2  . TYR A 1 91  ? -1.023  -13.580 8.457   1.00 59.02  ?  240 TYR A CE2  1 
ATOM   674  C  CZ   . TYR A 1 91  ? -1.621  -13.562 7.190   1.00 54.09  ?  240 TYR A CZ   1 
ATOM   675  O  OH   . TYR A 1 91  ? -2.655  -14.410 6.851   1.00 52.38  ?  240 TYR A OH   1 
ATOM   676  N  N    . SER A 1 92  ? 4.791   -9.917  6.614   1.00 59.84  ?  241 SER A N    1 
ATOM   677  C  CA   . SER A 1 92  ? 5.931   -9.014  6.541   1.00 57.14  ?  241 SER A CA   1 
ATOM   678  C  C    . SER A 1 92  ? 5.452   -7.663  5.997   1.00 52.04  ?  241 SER A C    1 
ATOM   679  O  O    . SER A 1 92  ? 4.643   -7.610  5.062   1.00 50.92  ?  241 SER A O    1 
ATOM   680  C  CB   . SER A 1 92  ? 6.982   -9.595  5.587   1.00 60.62  ?  241 SER A CB   1 
ATOM   681  O  OG   . SER A 1 92  ? 7.895   -10.482 6.208   1.00 60.93  ?  241 SER A OG   1 
ATOM   682  N  N    . ASN A 1 93  ? 5.952   -6.574  6.566   1.00 46.45  ?  242 ASN A N    1 
ATOM   683  C  CA   . ASN A 1 93  ? 5.578   -5.261  6.062   1.00 55.11  ?  242 ASN A CA   1 
ATOM   684  C  C    . ASN A 1 93  ? 6.768   -4.344  6.162   1.00 55.98  ?  242 ASN A C    1 
ATOM   685  O  O    . ASN A 1 93  ? 7.650   -4.538  7.005   1.00 58.99  ?  242 ASN A O    1 
ATOM   686  C  CB   . ASN A 1 93  ? 4.425   -4.647  6.840   1.00 47.09  ?  242 ASN A CB   1 
ATOM   687  C  CG   . ASN A 1 93  ? 3.195   -5.443  6.683   1.00 50.05  ?  242 ASN A CG   1 
ATOM   688  O  OD1  . ASN A 1 93  ? 2.441   -5.251  5.708   1.00 52.81  ?  242 ASN A OD1  1 
ATOM   689  N  ND2  . ASN A 1 93  ? 3.018   -6.439  7.569   1.00 50.83  ?  242 ASN A ND2  1 
ATOM   690  N  N    . SER A 1 94  ? 6.780   -3.327  5.330   1.00 51.44  ?  243 SER A N    1 
ATOM   691  C  CA   . SER A 1 94  ? 7.999   -2.564  5.228   1.00 50.11  ?  243 SER A CA   1 
ATOM   692  C  C    . SER A 1 94  ? 7.697   -1.090  5.410   1.00 56.72  ?  243 SER A C    1 
ATOM   693  O  O    . SER A 1 94  ? 6.654   -0.591  4.960   1.00 52.93  ?  243 SER A O    1 
ATOM   694  C  CB   . SER A 1 94  ? 8.643   -2.874  3.904   1.00 57.69  ?  243 SER A CB   1 
ATOM   695  O  OG   . SER A 1 94  ? 9.070   -4.242  3.929   1.00 56.25  ?  243 SER A OG   1 
ATOM   696  N  N    . ILE A 1 95  ? 8.604   -0.416  6.122   1.00 58.15  ?  244 ILE A N    1 
ATOM   697  C  CA   . ILE A 1 95  ? 8.519   1.007   6.400   1.00 59.36  ?  244 ILE A CA   1 
ATOM   698  C  C    . ILE A 1 95  ? 9.459   1.753   5.475   1.00 60.13  ?  244 ILE A C    1 
ATOM   699  O  O    . ILE A 1 95  ? 10.596  1.324   5.223   1.00 58.50  ?  244 ILE A O    1 
ATOM   700  C  CB   . ILE A 1 95  ? 8.867   1.321   7.862   1.00 63.76  ?  244 ILE A CB   1 
ATOM   701  C  CG1  . ILE A 1 95  ? 8.109   0.407   8.814   1.00 69.79  ?  244 ILE A CG1  1 
ATOM   702  C  CG2  . ILE A 1 95  ? 8.541   2.734   8.157   1.00 65.02  ?  244 ILE A CG2  1 
ATOM   703  C  CD1  . ILE A 1 95  ? 8.801   0.262   10.150  1.00 71.45  ?  244 ILE A CD1  1 
ATOM   704  N  N    . TYR A 1 96  ? 8.995   2.905   5.006   1.00 60.53  ?  245 TYR A N    1 
ATOM   705  C  CA   . TYR A 1 96  ? 9.716   3.722   4.052   1.00 67.36  ?  245 TYR A CA   1 
ATOM   706  C  C    . TYR A 1 96  ? 9.819   5.146   4.579   1.00 66.43  ?  245 TYR A C    1 
ATOM   707  O  O    . TYR A 1 96  ? 8.876   5.680   5.166   1.00 67.52  ?  245 TYR A O    1 
ATOM   708  C  CB   . TYR A 1 96  ? 9.031   3.705   2.669   1.00 62.59  ?  245 TYR A CB   1 
ATOM   709  C  CG   . TYR A 1 96  ? 9.217   2.397   1.925   1.00 59.02  ?  245 TYR A CG   1 
ATOM   710  C  CD1  . TYR A 1 96  ? 8.505   1.270   2.289   1.00 57.94  ?  245 TYR A CD1  1 
ATOM   711  C  CD2  . TYR A 1 96  ? 10.144  2.289   0.873   1.00 69.48  ?  245 TYR A CD2  1 
ATOM   712  C  CE1  . TYR A 1 96  ? 8.691   0.067   1.633   1.00 56.93  ?  245 TYR A CE1  1 
ATOM   713  C  CE2  . TYR A 1 96  ? 10.339  1.095   0.197   1.00 64.36  ?  245 TYR A CE2  1 
ATOM   714  C  CZ   . TYR A 1 96  ? 9.611   -0.016  0.579   1.00 64.57  ?  245 TYR A CZ   1 
ATOM   715  O  OH   . TYR A 1 96  ? 9.785   -1.205  -0.096  1.00 60.35  ?  245 TYR A OH   1 
ATOM   716  N  N    . GLU A 1 97  ? 10.974  5.758   4.375   1.00 69.25  ?  246 GLU A N    1 
ATOM   717  C  CA   . GLU A 1 97  ? 11.151  7.161   4.705   1.00 63.92  ?  246 GLU A CA   1 
ATOM   718  C  C    . GLU A 1 97  ? 10.838  7.980   3.463   1.00 64.32  ?  246 GLU A C    1 
ATOM   719  O  O    . GLU A 1 97  ? 11.096  7.546   2.333   1.00 70.16  ?  246 GLU A O    1 
ATOM   720  C  CB   . GLU A 1 97  ? 12.563  7.419   5.252   1.00 64.66  ?  246 GLU A CB   1 
ATOM   721  C  CG   . GLU A 1 97  ? 13.603  8.019   4.326   1.00 77.94  ?  246 GLU A CG   1 
ATOM   722  C  CD   . GLU A 1 97  ? 15.020  7.957   4.949   1.00 77.62  ?  246 GLU A CD   1 
ATOM   723  O  OE1  . GLU A 1 97  ? 15.154  8.264   6.158   1.00 76.36  ?  246 GLU A OE1  1 
ATOM   724  O  OE2  . GLU A 1 97  ? 15.995  7.617   4.236   1.00 82.34  ?  246 GLU A OE2  1 
ATOM   725  N  N    . LEU A 1 98  ? 10.193  9.121   3.673   1.00 67.93  ?  247 LEU A N    1 
ATOM   726  C  CA   . LEU A 1 98  ? 9.830   10.016  2.586   1.00 68.38  ?  247 LEU A CA   1 
ATOM   727  C  C    . LEU A 1 98  ? 10.660  11.286  2.726   1.00 71.52  ?  247 LEU A C    1 
ATOM   728  O  O    . LEU A 1 98  ? 10.751  11.857  3.816   1.00 74.20  ?  247 LEU A O    1 
ATOM   729  C  CB   . LEU A 1 98  ? 8.336   10.308  2.610   1.00 67.08  ?  247 LEU A CB   1 
ATOM   730  C  CG   . LEU A 1 98  ? 7.381   9.186   2.199   1.00 69.73  ?  247 LEU A CG   1 
ATOM   731  C  CD1  . LEU A 1 98  ? 6.175   9.845   1.589   1.00 68.15  ?  247 LEU A CD1  1 
ATOM   732  C  CD2  . LEU A 1 98  ? 8.017   8.236   1.184   1.00 74.15  ?  247 LEU A CD2  1 
ATOM   733  N  N    . LEU A 1 99  ? 11.307  11.694  1.646   1.00 70.90  ?  248 LEU A N    1 
ATOM   734  C  CA   . LEU A 1 99  ? 12.251  12.799  1.685   1.00 71.01  ?  248 LEU A CA   1 
ATOM   735  C  C    . LEU A 1 99  ? 11.775  13.943  0.809   1.00 65.54  ?  248 LEU A C    1 
ATOM   736  O  O    . LEU A 1 99  ? 11.174  13.736  -0.251  1.00 69.78  ?  248 LEU A O    1 
ATOM   737  C  CB   . LEU A 1 99  ? 13.663  12.376  1.254   1.00 76.85  ?  248 LEU A CB   1 
ATOM   738  C  CG   . LEU A 1 99  ? 14.366  11.111  1.748   1.00 74.60  ?  248 LEU A CG   1 
ATOM   739  C  CD1  . LEU A 1 99  ? 15.635  10.854  0.921   1.00 61.51  ?  248 LEU A CD1  1 
ATOM   740  C  CD2  . LEU A 1 99  ? 14.734  11.289  3.198   1.00 65.88  ?  248 LEU A CD2  1 
ATOM   741  N  N    . GLU A 1 100 ? 12.034  15.152  1.272   1.00 71.57  ?  249 GLU A N    1 
ATOM   742  C  CA   . GLU A 1 100 ? 11.724  16.354  0.522   1.00 73.49  ?  249 GLU A CA   1 
ATOM   743  C  C    . GLU A 1 100 ? 12.910  17.277  0.748   1.00 74.74  ?  249 GLU A C    1 
ATOM   744  O  O    . GLU A 1 100 ? 13.253  17.572  1.900   1.00 81.21  ?  249 GLU A O    1 
ATOM   745  C  CB   . GLU A 1 100 ? 10.393  16.970  0.985   1.00 70.55  ?  249 GLU A CB   1 
ATOM   746  C  CG   . GLU A 1 100 ? 10.040  18.303  0.329   1.00 80.23  ?  249 GLU A CG   1 
ATOM   747  C  CD   . GLU A 1 100 ? 8.774   18.980  0.915   1.00 87.64  ?  249 GLU A CD   1 
ATOM   748  O  OE1  . GLU A 1 100 ? 8.066   18.373  1.762   1.00 85.37  ?  249 GLU A OE1  1 
ATOM   749  O  OE2  . GLU A 1 100 ? 8.496   20.143  0.526   1.00 79.86  ?  249 GLU A OE2  1 
ATOM   750  N  N    . ASN A 1 101 ? 13.592  17.647  -0.341  1.00 78.81  ?  250 ASN A N    1 
ATOM   751  C  CA   . ASN A 1 101 ? 14.800  18.479  -0.274  1.00 75.15  ?  250 ASN A CA   1 
ATOM   752  C  C    . ASN A 1 101 ? 15.910  17.782  0.514   1.00 81.03  ?  250 ASN A C    1 
ATOM   753  O  O    . ASN A 1 101 ? 16.610  18.401  1.321   1.00 83.26  ?  250 ASN A O    1 
ATOM   754  C  CB   . ASN A 1 101 ? 14.487  19.860  0.320   1.00 79.97  ?  250 ASN A CB   1 
ATOM   755  C  CG   . ASN A 1 101 ? 13.338  20.544  -0.393  1.00 76.16  ?  250 ASN A CG   1 
ATOM   756  O  OD1  . ASN A 1 101 ? 12.319  20.915  0.209   1.00 70.62  ?  250 ASN A OD1  1 
ATOM   757  N  ND2  . ASN A 1 101 ? 13.474  20.658  -1.705  1.00 76.74  ?  250 ASN A ND2  1 
ATOM   758  N  N    . GLY A 1 102 ? 16.060  16.474  0.290   1.00 74.74  ?  251 GLY A N    1 
ATOM   759  C  CA   . GLY A 1 102 ? 17.043  15.673  0.993   1.00 80.90  ?  251 GLY A CA   1 
ATOM   760  C  C    . GLY A 1 102 ? 16.772  15.405  2.466   1.00 80.54  ?  251 GLY A C    1 
ATOM   761  O  O    . GLY A 1 102 ? 17.510  14.619  3.078   1.00 84.65  ?  251 GLY A O    1 
ATOM   762  N  N    . GLN A 1 103 ? 15.762  16.025  3.069   1.00 78.47  ?  252 GLN A N    1 
ATOM   763  C  CA   . GLN A 1 103 ? 15.469  15.784  4.476   1.00 79.92  ?  252 GLN A CA   1 
ATOM   764  C  C    . GLN A 1 103 ? 14.289  14.820  4.595   1.00 73.70  ?  252 GLN A C    1 
ATOM   765  O  O    . GLN A 1 103 ? 13.427  14.756  3.711   1.00 64.65  ?  252 GLN A O    1 
ATOM   766  C  CB   . GLN A 1 103 ? 15.193  17.107  5.224   1.00 74.62  ?  252 GLN A CB   1 
ATOM   767  C  CG   . GLN A 1 103 ? 16.065  18.310  4.762   1.00 78.17  ?  252 GLN A CG   1 
ATOM   768  C  CD   . GLN A 1 103 ? 15.553  19.677  5.253   1.00 85.29  ?  252 GLN A CD   1 
ATOM   769  O  OE1  . GLN A 1 103 ? 14.642  19.750  6.083   1.00 83.01  ?  252 GLN A OE1  1 
ATOM   770  N  NE2  . GLN A 1 103 ? 16.158  20.763  4.750   1.00 83.55  ?  252 GLN A NE2  1 
ATOM   771  N  N    . ARG A 1 104 ? 14.285  14.028  5.672   1.00 75.94  ?  253 ARG A N    1 
ATOM   772  C  CA   . ARG A 1 104 ? 13.181  13.110  5.925   1.00 72.51  ?  253 ARG A CA   1 
ATOM   773  C  C    . ARG A 1 104 ? 11.939  13.907  6.306   1.00 69.61  ?  253 ARG A C    1 
ATOM   774  O  O    . ARG A 1 104 ? 11.943  14.602  7.325   1.00 73.02  ?  253 ARG A O    1 
ATOM   775  C  CB   . ARG A 1 104 ? 13.553  12.122  7.030   1.00 81.47  ?  253 ARG A CB   1 
ATOM   776  C  CG   . ARG A 1 104 ? 12.503  11.033  7.289   1.00 75.57  ?  253 ARG A CG   1 
ATOM   777  C  CD   . ARG A 1 104 ? 12.945  10.024  8.370   1.00 80.31  ?  253 ARG A CD   1 
ATOM   778  N  NE   . ARG A 1 104 ? 14.323  9.557   8.229   1.00 72.45  ?  253 ARG A NE   1 
ATOM   779  C  CZ   . ARG A 1 104 ? 15.041  9.036   9.222   1.00 79.31  ?  253 ARG A CZ   1 
ATOM   780  N  NH1  . ARG A 1 104 ? 14.567  8.957   10.459  1.00 89.64  ?  253 ARG A NH1  1 
ATOM   781  N  NH2  . ARG A 1 104 ? 16.276  8.606   8.974   1.00 78.77  ?  253 ARG A NH2  1 
ATOM   782  N  N    . ALA A 1 105 ? 10.880  13.822  5.494   1.00 60.82  ?  254 ALA A N    1 
ATOM   783  C  CA   . ALA A 1 105 ? 9.653   14.564  5.752   1.00 71.96  ?  254 ALA A CA   1 
ATOM   784  C  C    . ALA A 1 105 ? 8.490   13.699  6.230   1.00 71.81  ?  254 ALA A C    1 
ATOM   785  O  O    . ALA A 1 105 ? 7.338   14.141  6.148   1.00 68.07  ?  254 ALA A O    1 
ATOM   786  C  CB   . ALA A 1 105 ? 9.234   15.334  4.503   1.00 71.32  ?  254 ALA A CB   1 
ATOM   787  N  N    . GLY A 1 106 ? 8.752   12.500  6.740   1.00 70.31  ?  255 GLY A N    1 
ATOM   788  C  CA   . GLY A 1 106 ? 7.695   11.599  7.171   1.00 75.81  ?  255 GLY A CA   1 
ATOM   789  C  C    . GLY A 1 106 ? 8.049   10.163  6.852   1.00 72.42  ?  255 GLY A C    1 
ATOM   790  O  O    . GLY A 1 106 ? 9.089   9.866   6.269   1.00 77.39  ?  255 GLY A O    1 
ATOM   791  N  N    . THR A 1 107 ? 7.142   9.256   7.212   1.00 68.62  ?  256 THR A N    1 
ATOM   792  C  CA   . THR A 1 107 ? 7.474   7.837   7.231   1.00 68.87  ?  256 THR A CA   1 
ATOM   793  C  C    . THR A 1 107 ? 6.180   7.024   7.210   1.00 70.96  ?  256 THR A C    1 
ATOM   794  O  O    . THR A 1 107 ? 5.200   7.406   7.858   1.00 65.68  ?  256 THR A O    1 
ATOM   795  C  CB   . THR A 1 107 ? 8.296   7.522   8.494   1.00 71.45  ?  256 THR A CB   1 
ATOM   796  O  OG1  . THR A 1 107 ? 9.620   8.056   8.360   1.00 74.43  ?  256 THR A OG1  1 
ATOM   797  C  CG2  . THR A 1 107 ? 8.395   6.046   8.698   1.00 75.92  ?  256 THR A CG2  1 
ATOM   798  N  N    . CYS A 1 108 ? 6.167   5.903   6.483   1.00 63.99  ?  257 CYS A N    1 
ATOM   799  C  CA   . CYS A 1 108 ? 4.921   5.143   6.431   1.00 71.59  ?  257 CYS A CA   1 
ATOM   800  C  C    . CYS A 1 108 ? 5.167   3.714   5.974   1.00 63.41  ?  257 CYS A C    1 
ATOM   801  O  O    . CYS A 1 108 ? 6.177   3.406   5.338   1.00 64.38  ?  257 CYS A O    1 
ATOM   802  C  CB   . CYS A 1 108 ? 3.897   5.825   5.514   1.00 64.47  ?  257 CYS A CB   1 
ATOM   803  S  SG   . CYS A 1 108 ? 4.433   5.837   3.817   1.00 69.70  ?  257 CYS A SG   1 
ATOM   804  N  N    . VAL A 1 109 ? 4.221   2.842   6.332   1.00 53.80  ?  258 VAL A N    1 
ATOM   805  C  CA   . VAL A 1 109 ? 4.203   1.472   5.842   1.00 53.48  ?  258 VAL A CA   1 
ATOM   806  C  C    . VAL A 1 109 ? 3.618   1.491   4.440   1.00 61.20  ?  258 VAL A C    1 
ATOM   807  O  O    . VAL A 1 109 ? 2.511   1.998   4.221   1.00 56.76  ?  258 VAL A O    1 
ATOM   808  C  CB   . VAL A 1 109 ? 3.390   0.551   6.758   1.00 61.62  ?  258 VAL A CB   1 
ATOM   809  C  CG1  . VAL A 1 109 ? 3.364   -0.865  6.176   1.00 51.33  ?  258 VAL A CG1  1 
ATOM   810  C  CG2  . VAL A 1 109 ? 3.934   0.563   8.159   1.00 62.22  ?  258 VAL A CG2  1 
ATOM   811  N  N    . LEU A 1 110 ? 4.354   0.934   3.489   1.00 59.89  ?  259 LEU A N    1 
ATOM   812  C  CA   . LEU A 1 110 ? 4.032   1.073   2.083   1.00 59.21  ?  259 LEU A CA   1 
ATOM   813  C  C    . LEU A 1 110 ? 4.108   -0.290  1.441   1.00 55.58  ?  259 LEU A C    1 
ATOM   814  O  O    . LEU A 1 110 ? 4.930   -1.115  1.838   1.00 56.20  ?  259 LEU A O    1 
ATOM   815  C  CB   . LEU A 1 110 ? 5.011   2.004   1.375   1.00 60.06  ?  259 LEU A CB   1 
ATOM   816  C  CG   . LEU A 1 110 ? 4.525   2.980   0.317   1.00 60.21  ?  259 LEU A CG   1 
ATOM   817  C  CD1  . LEU A 1 110 ? 3.624   4.027   0.939   1.00 65.89  ?  259 LEU A CD1  1 
ATOM   818  C  CD2  . LEU A 1 110 ? 5.723   3.638   -0.340  1.00 75.03  ?  259 LEU A CD2  1 
ATOM   819  N  N    . GLU A 1 111 ? 3.278   -0.508  0.434   1.00 58.92  ?  260 GLU A N    1 
ATOM   820  C  CA   . GLU A 1 111 ? 3.436   -1.679  -0.407  1.00 54.45  ?  260 GLU A CA   1 
ATOM   821  C  C    . GLU A 1 111 ? 2.501   -1.534  -1.581  1.00 54.46  ?  260 GLU A C    1 
ATOM   822  O  O    . GLU A 1 111 ? 1.582   -0.702  -1.583  1.00 50.80  ?  260 GLU A O    1 
ATOM   823  C  CB   . GLU A 1 111 ? 3.102   -2.982  0.307   1.00 54.25  ?  260 GLU A CB   1 
ATOM   824  C  CG   . GLU A 1 111 ? 1.718   -3.010  0.919   1.00 54.07  ?  260 GLU A CG   1 
ATOM   825  C  CD   . GLU A 1 111 ? 1.522   -4.332  1.656   1.00 60.53  ?  260 GLU A CD   1 
ATOM   826  O  OE1  . GLU A 1 111 ? 0.712   -5.189  1.206   1.00 65.22  ?  260 GLU A OE1  1 
ATOM   827  O  OE2  . GLU A 1 111 ? 2.214   -4.526  2.686   1.00 62.64  ?  260 GLU A OE2  1 
ATOM   828  N  N    . TYR A 1 112 ? 2.745   -2.379  -2.568  1.00 50.73  ?  261 TYR A N    1 
ATOM   829  C  CA   . TYR A 1 112 ? 1.988   -2.344  -3.797  1.00 48.87  ?  261 TYR A CA   1 
ATOM   830  C  C    . TYR A 1 112 ? 0.836   -3.306  -3.689  1.00 43.07  ?  261 TYR A C    1 
ATOM   831  O  O    . TYR A 1 112 ? 0.932   -4.341  -3.020  1.00 41.83  ?  261 TYR A O    1 
ATOM   832  C  CB   . TYR A 1 112 ? 2.866   -2.761  -4.984  1.00 58.78  ?  261 TYR A CB   1 
ATOM   833  C  CG   . TYR A 1 112 ? 3.762   -1.685  -5.552  1.00 53.10  ?  261 TYR A CG   1 
ATOM   834  C  CD1  . TYR A 1 112 ? 3.320   -0.833  -6.561  1.00 55.75  ?  261 TYR A CD1  1 
ATOM   835  C  CD2  . TYR A 1 112 ? 5.052   -1.535  -5.086  1.00 51.32  ?  261 TYR A CD2  1 
ATOM   836  C  CE1  . TYR A 1 112 ? 4.165   0.161   -7.093  1.00 58.71  ?  261 TYR A CE1  1 
ATOM   837  C  CE2  . TYR A 1 112 ? 5.897   -0.566  -5.604  1.00 58.51  ?  261 TYR A CE2  1 
ATOM   838  C  CZ   . TYR A 1 112 ? 5.462   0.277   -6.602  1.00 60.71  ?  261 TYR A CZ   1 
ATOM   839  O  OH   . TYR A 1 112 ? 6.346   1.229   -7.085  1.00 69.16  ?  261 TYR A OH   1 
ATOM   840  N  N    . ALA A 1 113 ? -0.247  -2.966  -4.372  1.00 42.65  ?  262 ALA A N    1 
ATOM   841  C  CA   . ALA A 1 113 ? -1.401  -3.852  -4.531  1.00 48.54  ?  262 ALA A CA   1 
ATOM   842  C  C    . ALA A 1 113 ? -1.091  -4.894  -5.612  1.00 47.57  ?  262 ALA A C    1 
ATOM   843  O  O    . ALA A 1 113 ? -1.290  -4.641  -6.803  1.00 49.86  ?  262 ALA A O    1 
ATOM   844  C  CB   . ALA A 1 113 ? -2.623  -3.020  -4.889  1.00 50.81  ?  262 ALA A CB   1 
ATOM   845  N  N    . THR A 1 114 ? -0.589  -6.078  -5.201  1.00 50.17  ?  263 THR A N    1 
ATOM   846  C  CA   . THR A 1 114 ? -0.117  -7.155  -6.084  1.00 47.22  ?  263 THR A CA   1 
ATOM   847  C  C    . THR A 1 114 ? -1.172  -7.772  -7.030  1.00 43.33  ?  263 THR A C    1 
ATOM   848  O  O    . THR A 1 114 ? -0.787  -8.300  -8.078  1.00 49.78  ?  263 THR A O    1 
ATOM   849  C  CB   . THR A 1 114 ? 0.542   -8.264  -5.239  1.00 47.09  ?  263 THR A CB   1 
ATOM   850  O  OG1  . THR A 1 114 ? -0.238  -8.571  -4.071  1.00 50.53  ?  263 THR A OG1  1 
ATOM   851  C  CG2  . THR A 1 114 ? 1.831   -7.777  -4.723  1.00 48.58  ?  263 THR A CG2  1 
ATOM   852  N  N    . PRO A 1 115 ? -2.486  -7.720  -6.766  1.00 45.88  ?  264 PRO A N    1 
ATOM   853  C  CA   . PRO A 1 115 ? -3.428  -8.217  -7.801  1.00 52.13  ?  264 PRO A CA   1 
ATOM   854  C  C    . PRO A 1 115 ? -3.278  -7.494  -9.123  1.00 50.09  ?  264 PRO A C    1 
ATOM   855  O  O    . PRO A 1 115 ? -3.683  -8.032  -10.179 1.00 47.63  ?  264 PRO A O    1 
ATOM   856  C  CB   . PRO A 1 115 ? -4.819  -7.960  -7.199  1.00 41.38  ?  264 PRO A CB   1 
ATOM   857  C  CG   . PRO A 1 115 ? -4.583  -7.932  -5.713  1.00 43.86  ?  264 PRO A CG   1 
ATOM   858  C  CD   . PRO A 1 115 ? -3.201  -7.326  -5.524  1.00 43.26  ?  264 PRO A CD   1 
ATOM   859  N  N    . LEU A 1 116 ? -2.697  -6.291  -9.101  1.00 45.77  ?  265 LEU A N    1 
ATOM   860  C  CA   . LEU A 1 116 ? -2.566  -5.512  -10.331 1.00 49.48  ?  265 LEU A CA   1 
ATOM   861  C  C    . LEU A 1 116 ? -1.591  -6.178  -11.303 1.00 53.39  ?  265 LEU A C    1 
ATOM   862  O  O    . LEU A 1 116 ? -1.777  -6.116  -12.527 1.00 50.33  ?  265 LEU A O    1 
ATOM   863  C  CB   . LEU A 1 116 ? -2.103  -4.083  -10.004 1.00 45.55  ?  265 LEU A CB   1 
ATOM   864  C  CG   . LEU A 1 116 ? -3.063  -3.133  -9.250  1.00 42.77  ?  265 LEU A CG   1 
ATOM   865  C  CD1  . LEU A 1 116 ? -2.378  -1.815  -8.945  1.00 46.66  ?  265 LEU A CD1  1 
ATOM   866  C  CD2  . LEU A 1 116 ? -4.380  -2.926  -10.007 1.00 37.51  ?  265 LEU A CD2  1 
ATOM   867  N  N    . GLN A 1 117 ? -0.549  -6.822  -10.785 1.00 46.05  ?  266 GLN A N    1 
ATOM   868  C  CA   . GLN A 1 117 ? 0.335   -7.502  -11.708 1.00 53.89  ?  266 GLN A CA   1 
ATOM   869  C  C    . GLN A 1 117 ? -0.373  -8.657  -12.402 1.00 51.76  ?  266 GLN A C    1 
ATOM   870  O  O    . GLN A 1 117 ? 0.036   -9.049  -13.488 1.00 62.03  ?  266 GLN A O    1 
ATOM   871  C  CB   . GLN A 1 117 ? 1.637   -7.907  -10.998 1.00 52.39  ?  266 GLN A CB   1 
ATOM   872  C  CG   . GLN A 1 117 ? 1.591   -9.018  -10.068 1.00 51.28  ?  266 GLN A CG   1 
ATOM   873  C  CD   . GLN A 1 117 ? 2.979   -9.293  -9.503  1.00 61.50  ?  266 GLN A CD   1 
ATOM   874  O  OE1  . GLN A 1 117 ? 3.880   -8.450  -9.646  1.00 56.58  ?  266 GLN A OE1  1 
ATOM   875  N  NE2  . GLN A 1 117 ? 3.175   -10.479 -8.890  1.00 64.55  ?  266 GLN A NE2  1 
ATOM   876  N  N    . THR A 1 118 ? -1.513  -9.088  -11.910 1.00 53.70  ?  267 THR A N    1 
ATOM   877  C  CA   . THR A 1 118 ? -2.285  -10.052 -12.678 1.00 51.49  ?  267 THR A CA   1 
ATOM   878  C  C    . THR A 1 118 ? -3.024  -9.384  -13.824 1.00 56.14  ?  267 THR A C    1 
ATOM   879  O  O    . THR A 1 118 ? -3.239  -10.008 -14.872 1.00 62.25  ?  267 THR A O    1 
ATOM   880  C  CB   . THR A 1 118 ? -3.256  -10.786 -11.755 1.00 44.70  ?  267 THR A CB   1 
ATOM   881  O  OG1  . THR A 1 118 ? -2.494  -11.449 -10.715 1.00 50.77  ?  267 THR A OG1  1 
ATOM   882  C  CG2  . THR A 1 118 ? -4.087  -11.822 -12.546 1.00 40.58  ?  267 THR A CG2  1 
ATOM   883  N  N    . LEU A 1 119 ? -3.428  -8.127  -13.655 1.00 53.37  ?  268 LEU A N    1 
ATOM   884  C  CA   . LEU A 1 119 ? -4.025  -7.433  -14.786 1.00 59.01  ?  268 LEU A CA   1 
ATOM   885  C  C    . LEU A 1 119 ? -2.972  -7.100  -15.824 1.00 59.38  ?  268 LEU A C    1 
ATOM   886  O  O    . LEU A 1 119 ? -3.272  -7.106  -17.020 1.00 60.86  ?  268 LEU A O    1 
ATOM   887  C  CB   . LEU A 1 119 ? -4.722  -6.167  -14.338 1.00 55.48  ?  268 LEU A CB   1 
ATOM   888  C  CG   . LEU A 1 119 ? -5.780  -6.471  -13.282 1.00 60.64  ?  268 LEU A CG   1 
ATOM   889  C  CD1  . LEU A 1 119 ? -6.264  -5.154  -12.686 1.00 57.59  ?  268 LEU A CD1  1 
ATOM   890  C  CD2  . LEU A 1 119 ? -6.940  -7.277  -13.862 1.00 53.47  ?  268 LEU A CD2  1 
ATOM   891  N  N    . PHE A 1 120 ? -1.750  -6.805  -15.372 1.00 55.73  ?  269 PHE A N    1 
ATOM   892  C  CA   . PHE A 1 120 ? -0.624  -6.563  -16.265 1.00 66.59  ?  269 PHE A CA   1 
ATOM   893  C  C    . PHE A 1 120 ? -0.331  -7.778  -17.132 1.00 64.59  ?  269 PHE A C    1 
ATOM   894  O  O    . PHE A 1 120 ? -0.225  -7.681  -18.355 1.00 61.07  ?  269 PHE A O    1 
ATOM   895  C  CB   . PHE A 1 120 ? 0.618   -6.216  -15.447 1.00 62.14  ?  269 PHE A CB   1 
ATOM   896  C  CG   . PHE A 1 120 ? 1.739   -5.671  -16.286 1.00 63.40  ?  269 PHE A CG   1 
ATOM   897  C  CD1  . PHE A 1 120 ? 1.754   -4.334  -16.646 1.00 64.99  ?  269 PHE A CD1  1 
ATOM   898  C  CD2  . PHE A 1 120 ? 2.734   -6.495  -16.754 1.00 66.01  ?  269 PHE A CD2  1 
ATOM   899  C  CE1  . PHE A 1 120 ? 2.736   -3.817  -17.416 1.00 64.53  ?  269 PHE A CE1  1 
ATOM   900  C  CE2  . PHE A 1 120 ? 3.749   -5.978  -17.543 1.00 69.14  ?  269 PHE A CE2  1 
ATOM   901  C  CZ   . PHE A 1 120 ? 3.748   -4.641  -17.876 1.00 71.70  ?  269 PHE A CZ   1 
ATOM   902  N  N    . ALA A 1 121 ? -0.127  -8.919  -16.490 1.00 57.31  ?  270 ALA A N    1 
ATOM   903  C  CA   . ALA A 1 121 ? 0.014   -10.189 -17.178 1.00 70.07  ?  270 ALA A CA   1 
ATOM   904  C  C    . ALA A 1 121 ? -1.098  -10.456 -18.187 1.00 78.55  ?  270 ALA A C    1 
ATOM   905  O  O    . ALA A 1 121 ? -0.888  -11.233 -19.122 1.00 83.83  ?  270 ALA A O    1 
ATOM   906  C  CB   . ALA A 1 121 ? 0.059   -11.325 -16.151 1.00 62.57  ?  270 ALA A CB   1 
ATOM   907  N  N    . MET A 1 122 ? -2.273  -9.854  -18.048 1.00 67.61  ?  271 MET A N    1 
ATOM   908  C  CA   . MET A 1 122 ? -3.339  -10.163 -18.993 1.00 72.98  ?  271 MET A CA   1 
ATOM   909  C  C    . MET A 1 122 ? -3.464  -9.126  -20.106 1.00 82.17  ?  271 MET A C    1 
ATOM   910  O  O    . MET A 1 122 ? -4.292  -9.296  -21.009 1.00 87.53  ?  271 MET A O    1 
ATOM   911  C  CB   . MET A 1 122 ? -4.673  -10.359 -18.242 1.00 69.59  ?  271 MET A CB   1 
ATOM   912  C  CG   . MET A 1 122 ? -4.728  -11.733 -17.532 1.00 81.22  ?  271 MET A CG   1 
ATOM   913  S  SD   . MET A 1 122 ? -5.950  -11.917 -16.222 1.00 89.36  ?  271 MET A SD   1 
ATOM   914  C  CE   . MET A 1 122 ? -7.320  -11.145 -17.095 1.00 74.27  ?  271 MET A CE   1 
ATOM   915  N  N    . SER A 1 123 ? -2.625  -8.092  -20.097 1.00 78.89  ?  272 SER A N    1 
ATOM   916  C  CA   . SER A 1 123 ? -2.656  -7.029  -21.102 1.00 86.76  ?  272 SER A CA   1 
ATOM   917  C  C    . SER A 1 123 ? -1.353  -6.877  -21.884 1.00 86.65  ?  272 SER A C    1 
ATOM   918  O  O    . SER A 1 123 ? -1.395  -6.590  -23.084 1.00 89.11  ?  272 SER A O    1 
ATOM   919  C  CB   . SER A 1 123 ? -2.964  -5.686  -20.440 1.00 77.03  ?  272 SER A CB   1 
ATOM   920  O  OG   . SER A 1 123 ? -1.971  -5.386  -19.482 1.00 76.29  ?  272 SER A OG   1 
ATOM   921  N  N    . GLN A 1 124 ? -0.204  -7.022  -21.220 1.00 80.23  ?  273 GLN A N    1 
ATOM   922  C  CA   . GLN A 1 124 ? 1.141   -6.862  -21.788 1.00 80.80  ?  273 GLN A CA   1 
ATOM   923  C  C    . GLN A 1 124 ? 1.293   -7.279  -23.262 1.00 94.79  ?  273 GLN A C    1 
ATOM   924  O  O    . GLN A 1 124 ? 1.736   -8.386  -23.576 1.00 97.25  ?  273 GLN A O    1 
ATOM   925  C  CB   . GLN A 1 124 ? 2.143   -7.654  -20.926 1.00 76.32  ?  273 GLN A CB   1 
ATOM   926  C  CG   . GLN A 1 124 ? 3.578   -7.154  -21.023 1.00 81.66  ?  273 GLN A CG   1 
ATOM   927  C  CD   . GLN A 1 124 ? 4.527   -7.892  -20.083 1.00 84.65  ?  273 GLN A CD   1 
ATOM   928  O  OE1  . GLN A 1 124 ? 4.244   -9.029  -19.670 1.00 81.69  ?  273 GLN A OE1  1 
ATOM   929  N  NE2  . GLN A 1 124 ? 5.659   -7.245  -19.731 1.00 73.68  ?  273 GLN A NE2  1 
ATOM   930  N  N    . PHE A 1 130 ? -6.416  -8.990  -23.385 1.00 113.69 ?  279 PHE A N    1 
ATOM   931  C  CA   . PHE A 1 130 ? -6.804  -7.594  -23.187 1.00 113.54 ?  279 PHE A CA   1 
ATOM   932  C  C    . PHE A 1 130 ? -5.717  -6.672  -23.745 1.00 118.09 ?  279 PHE A C    1 
ATOM   933  O  O    . PHE A 1 130 ? -4.591  -7.115  -23.960 1.00 122.21 ?  279 PHE A O    1 
ATOM   934  C  CB   . PHE A 1 130 ? -7.063  -7.303  -21.692 1.00 53.38  ?  279 PHE A CB   1 
ATOM   935  N  N    . SER A 1 131 ? -6.061  -5.402  -23.980 1.00 95.15  ?  280 SER A N    1 
ATOM   936  C  CA   . SER A 1 131 ? -5.169  -4.355  -24.485 1.00 89.32  ?  280 SER A CA   1 
ATOM   937  C  C    . SER A 1 131 ? -4.853  -3.348  -23.374 1.00 82.51  ?  280 SER A C    1 
ATOM   938  O  O    . SER A 1 131 ? -5.401  -3.432  -22.278 1.00 77.16  ?  280 SER A O    1 
ATOM   939  C  CB   . SER A 1 131 ? -5.804  -3.661  -25.686 1.00 87.80  ?  280 SER A CB   1 
ATOM   940  O  OG   . SER A 1 131 ? -6.522  -2.523  -25.262 1.00 87.72  ?  280 SER A OG   1 
ATOM   941  N  N    . ARG A 1 132 ? -3.960  -2.382  -23.667 1.00 90.91  ?  281 ARG A N    1 
ATOM   942  C  CA   . ARG A 1 132 ? -3.508  -1.460  -22.622 1.00 93.49  ?  281 ARG A CA   1 
ATOM   943  C  C    . ARG A 1 132 ? -4.645  -0.582  -22.100 1.00 90.42  ?  281 ARG A C    1 
ATOM   944  O  O    . ARG A 1 132 ? -4.611  -0.165  -20.937 1.00 87.80  ?  281 ARG A O    1 
ATOM   945  C  CB   . ARG A 1 132 ? -2.344  -0.589  -23.121 1.00 40.96  ?  281 ARG A CB   1 
ATOM   946  N  N    . GLU A 1 133 ? -5.668  -0.298  -22.923 1.00 78.55  ?  282 GLU A N    1 
ATOM   947  C  CA   . GLU A 1 133 ? -6.806  0.494   -22.448 1.00 74.16  ?  282 GLU A CA   1 
ATOM   948  C  C    . GLU A 1 133 ? -7.744  -0.337  -21.580 1.00 79.84  ?  282 GLU A C    1 
ATOM   949  O  O    . GLU A 1 133 ? -8.296  0.168   -20.594 1.00 73.02  ?  282 GLU A O    1 
ATOM   950  C  CB   . GLU A 1 133 ? -7.582  1.093   -23.619 1.00 77.72  ?  282 GLU A CB   1 
ATOM   951  C  CG   . GLU A 1 133 ? -7.602  0.238   -24.902 1.00 86.65  ?  282 GLU A CG   1 
ATOM   952  C  CD   . GLU A 1 133 ? -6.345  0.419   -25.788 1.00 92.37  ?  282 GLU A CD   1 
ATOM   953  O  OE1  . GLU A 1 133 ? -5.215  0.073   -25.354 1.00 86.07  ?  282 GLU A OE1  1 
ATOM   954  O  OE2  . GLU A 1 133 ? -6.490  0.944   -26.916 1.00 95.94  ?  282 GLU A OE2  1 
ATOM   955  N  N    . ASP A 1 134 ? -7.942  -1.606  -21.942 1.00 75.80  ?  283 ASP A N    1 
ATOM   956  C  CA   . ASP A 1 134 ? -8.623  -2.537  -21.052 1.00 78.75  ?  283 ASP A CA   1 
ATOM   957  C  C    . ASP A 1 134 ? -7.873  -2.687  -19.733 1.00 70.09  ?  283 ASP A C    1 
ATOM   958  O  O    . ASP A 1 134 ? -8.500  -2.754  -18.666 1.00 69.22  ?  283 ASP A O    1 
ATOM   959  C  CB   . ASP A 1 134 ? -8.780  -3.894  -21.747 1.00 82.41  ?  283 ASP A CB   1 
ATOM   960  C  CG   . ASP A 1 134 ? -10.049 -3.975  -22.574 1.00 90.85  ?  283 ASP A CG   1 
ATOM   961  O  OD1  . ASP A 1 134 ? -10.577 -5.090  -22.739 1.00 91.17  ?  283 ASP A OD1  1 
ATOM   962  O  OD2  . ASP A 1 134 ? -10.526 -2.919  -23.060 1.00 92.30  ?  283 ASP A OD2  1 
ATOM   963  N  N    . ARG A 1 135 ? -6.540  -2.724  -19.782 1.00 68.18  ?  284 ARG A N    1 
ATOM   964  C  CA   . ARG A 1 135 ? -5.770  -2.779  -18.549 1.00 73.47  ?  284 ARG A CA   1 
ATOM   965  C  C    . ARG A 1 135 ? -6.150  -1.625  -17.640 1.00 67.04  ?  284 ARG A C    1 
ATOM   966  O  O    . ARG A 1 135 ? -6.484  -1.825  -16.471 1.00 60.03  ?  284 ARG A O    1 
ATOM   967  C  CB   . ARG A 1 135 ? -4.266  -2.751  -18.832 1.00 65.82  ?  284 ARG A CB   1 
ATOM   968  C  CG   . ARG A 1 135 ? -3.455  -3.393  -17.698 1.00 64.77  ?  284 ARG A CG   1 
ATOM   969  C  CD   . ARG A 1 135 ? -2.011  -2.907  -17.724 1.00 69.69  ?  284 ARG A CD   1 
ATOM   970  N  NE   . ARG A 1 135 ? -1.451  -3.085  -19.052 1.00 76.56  ?  284 ARG A NE   1 
ATOM   971  C  CZ   . ARG A 1 135 ? -0.411  -2.412  -19.501 1.00 70.51  ?  284 ARG A CZ   1 
ATOM   972  N  NH1  . ARG A 1 135 ? 0.220   -1.532  -18.740 1.00 62.48  ?  284 ARG A NH1  1 
ATOM   973  N  NH2  . ARG A 1 135 ? -0.028  -2.588  -20.762 1.00 81.56  ?  284 ARG A NH2  1 
ATOM   974  N  N    . LEU A 1 136 ? -6.164  -0.417  -18.187 1.00 59.57  ?  285 LEU A N    1 
ATOM   975  C  CA   . LEU A 1 136 ? -6.386  0.763   -17.378 1.00 59.98  ?  285 LEU A CA   1 
ATOM   976  C  C    . LEU A 1 136 ? -7.777  0.743   -16.737 1.00 66.96  ?  285 LEU A C    1 
ATOM   977  O  O    . LEU A 1 136 ? -7.910  0.974   -15.528 1.00 55.28  ?  285 LEU A O    1 
ATOM   978  C  CB   . LEU A 1 136 ? -6.152  2.004   -18.244 1.00 63.57  ?  285 LEU A CB   1 
ATOM   979  C  CG   . LEU A 1 136 ? -6.377  3.457   -17.804 1.00 75.02  ?  285 LEU A CG   1 
ATOM   980  C  CD1  . LEU A 1 136 ? -7.806  3.928   -18.072 1.00 79.01  ?  285 LEU A CD1  1 
ATOM   981  C  CD2  . LEU A 1 136 ? -6.006  3.652   -16.326 1.00 69.74  ?  285 LEU A CD2  1 
ATOM   982  N  N    . GLU A 1 137 ? -8.816  0.410   -17.512 1.00 66.76  ?  286 GLU A N    1 
ATOM   983  C  CA   . GLU A 1 137 ? -10.165 0.378   -16.956 1.00 63.18  ?  286 GLU A CA   1 
ATOM   984  C  C    . GLU A 1 137 ? -10.304 -0.695  -15.868 1.00 64.80  ?  286 GLU A C    1 
ATOM   985  O  O    . GLU A 1 137 ? -11.004 -0.491  -14.874 1.00 56.09  ?  286 GLU A O    1 
ATOM   986  C  CB   . GLU A 1 137 ? -11.184 0.140   -18.074 1.00 69.90  ?  286 GLU A CB   1 
ATOM   987  C  CG   . GLU A 1 137 ? -12.347 -0.772  -17.651 1.00 78.76  ?  286 GLU A CG   1 
ATOM   988  C  CD   . GLU A 1 137 ? -13.204 -1.231  -18.820 1.00 95.66  ?  286 GLU A CD   1 
ATOM   989  O  OE1  . GLU A 1 137 ? -13.623 -0.381  -19.645 1.00 92.03  ?  286 GLU A OE1  1 
ATOM   990  O  OE2  . GLU A 1 137 ? -13.446 -2.460  -18.916 1.00 106.53 ?  286 GLU A OE2  1 
ATOM   991  N  N    . GLN A 1 138 ? -9.648  -1.844  -16.036 1.00 61.12  ?  287 GLN A N    1 
ATOM   992  C  CA   . GLN A 1 138 ? -9.714  -2.871  -15.002 1.00 59.24  ?  287 GLN A CA   1 
ATOM   993  C  C    . GLN A 1 138 ? -8.970  -2.428  -13.743 1.00 53.22  ?  287 GLN A C    1 
ATOM   994  O  O    . GLN A 1 138 ? -9.404  -2.714  -12.620 1.00 55.32  ?  287 GLN A O    1 
ATOM   995  C  CB   . GLN A 1 138 ? -9.166  -4.187  -15.552 1.00 57.11  ?  287 GLN A CB   1 
ATOM   996  C  CG   . GLN A 1 138 ? -10.004 -4.788  -16.703 1.00 65.59  ?  287 GLN A CG   1 
ATOM   997  C  CD   . GLN A 1 138 ? -9.330  -6.033  -17.369 1.00 90.29  ?  287 GLN A CD   1 
ATOM   998  O  OE1  . GLN A 1 138 ? -9.743  -6.478  -18.459 1.00 98.84  ?  287 GLN A OE1  1 
ATOM   999  N  NE2  . GLN A 1 138 ? -8.277  -6.573  -16.723 1.00 83.47  ?  287 GLN A NE2  1 
ATOM   1000 N  N    . ALA A 1 139 ? -7.881  -1.685  -13.900 1.00 56.93  ?  288 ALA A N    1 
ATOM   1001 C  CA   . ALA A 1 139 ? -7.210  -1.144  -12.720 1.00 56.31  ?  288 ALA A CA   1 
ATOM   1002 C  C    . ALA A 1 139 ? -8.093  -0.135  -11.982 1.00 57.78  ?  288 ALA A C    1 
ATOM   1003 O  O    . ALA A 1 139 ? -8.086  -0.099  -10.746 1.00 54.90  ?  288 ALA A O    1 
ATOM   1004 C  CB   . ALA A 1 139 ? -5.865  -0.510  -13.108 1.00 50.03  ?  288 ALA A CB   1 
ATOM   1005 N  N    . LYS A 1 140 ? -8.858  0.699   -12.722 1.00 62.44  ?  289 LYS A N    1 
ATOM   1006 C  CA   . LYS A 1 140 ? -9.754  1.677   -12.090 1.00 56.98  ?  289 LYS A CA   1 
ATOM   1007 C  C    . LYS A 1 140 ? -10.905 0.988   -11.376 1.00 60.87  ?  289 LYS A C    1 
ATOM   1008 O  O    . LYS A 1 140 ? -11.156 1.239   -10.192 1.00 58.62  ?  289 LYS A O    1 
ATOM   1009 C  CB   . LYS A 1 140 ? -10.294 2.670   -13.120 1.00 55.21  ?  289 LYS A CB   1 
ATOM   1010 C  CG   . LYS A 1 140 ? -9.233  3.530   -13.760 1.00 64.19  ?  289 LYS A CG   1 
ATOM   1011 C  CD   . LYS A 1 140 ? -9.826  4.745   -14.492 1.00 64.01  ?  289 LYS A CD   1 
ATOM   1012 C  CE   . LYS A 1 140 ? -8.703  5.443   -15.294 1.00 70.03  ?  289 LYS A CE   1 
ATOM   1013 N  NZ   . LYS A 1 140 ? -9.109  6.317   -16.442 1.00 82.08  ?  289 LYS A NZ   1 
ATOM   1014 N  N    . LEU A 1 141 ? -11.614 0.125   -12.096 1.00 54.85  ?  290 LEU A N    1 
ATOM   1015 C  CA   . LEU A 1 141 ? -12.609 -0.730  -11.483 1.00 53.38  ?  290 LEU A CA   1 
ATOM   1016 C  C    . LEU A 1 141 ? -12.061 -1.379  -10.211 1.00 55.14  ?  290 LEU A C    1 
ATOM   1017 O  O    . LEU A 1 141 ? -12.719 -1.370  -9.161  1.00 56.95  ?  290 LEU A O    1 
ATOM   1018 C  CB   . LEU A 1 141 ? -13.051 -1.765  -12.512 1.00 57.23  ?  290 LEU A CB   1 
ATOM   1019 C  CG   . LEU A 1 141 ? -14.481 -2.270  -12.395 1.00 62.95  ?  290 LEU A CG   1 
ATOM   1020 C  CD1  . LEU A 1 141 ? -14.932 -2.888  -13.722 1.00 69.89  ?  290 LEU A CD1  1 
ATOM   1021 C  CD2  . LEU A 1 141 ? -14.539 -3.289  -11.272 1.00 63.76  ?  290 LEU A CD2  1 
ATOM   1022 N  N    . PHE A 1 142 ? -10.834 -1.910  -10.275 1.00 54.93  ?  291 PHE A N    1 
ATOM   1023 C  CA   . PHE A 1 142 ? -10.241 -2.562  -9.103  1.00 54.53  ?  291 PHE A CA   1 
ATOM   1024 C  C    . PHE A 1 142 ? -10.127 -1.592  -7.948  1.00 51.60  ?  291 PHE A C    1 
ATOM   1025 O  O    . PHE A 1 142 ? -10.548 -1.899  -6.825  1.00 56.79  ?  291 PHE A O    1 
ATOM   1026 C  CB   . PHE A 1 142 ? -8.862  -3.115  -9.426  1.00 40.65  ?  291 PHE A CB   1 
ATOM   1027 C  CG   . PHE A 1 142 ? -8.105  -3.632  -8.228  1.00 40.22  ?  291 PHE A CG   1 
ATOM   1028 C  CD1  . PHE A 1 142 ? -8.251  -4.949  -7.813  1.00 39.43  ?  291 PHE A CD1  1 
ATOM   1029 C  CD2  . PHE A 1 142 ? -7.194  -2.824  -7.548  1.00 42.62  ?  291 PHE A CD2  1 
ATOM   1030 C  CE1  . PHE A 1 142 ? -7.545  -5.429  -6.714  1.00 42.52  ?  291 PHE A CE1  1 
ATOM   1031 C  CE2  . PHE A 1 142 ? -6.492  -3.321  -6.441  1.00 48.50  ?  291 PHE A CE2  1 
ATOM   1032 C  CZ   . PHE A 1 142 ? -6.659  -4.637  -6.046  1.00 45.80  ?  291 PHE A CZ   1 
ATOM   1033 N  N    . CYS A 1 143 ? -9.548  -0.410  -8.218  1.00 47.16  ?  292 CYS A N    1 
ATOM   1034 C  CA   . CYS A 1 143 ? -9.443  0.624   -7.196  1.00 58.21  ?  292 CYS A CA   1 
ATOM   1035 C  C    . CYS A 1 143 ? -10.803 0.991   -6.657  1.00 51.39  ?  292 CYS A C    1 
ATOM   1036 O  O    . CYS A 1 143 ? -10.970 1.108   -5.441  1.00 54.89  ?  292 CYS A O    1 
ATOM   1037 C  CB   . CYS A 1 143 ? -8.778  1.877   -7.752  1.00 67.49  ?  292 CYS A CB   1 
ATOM   1038 S  SG   . CYS A 1 143 ? -7.147  1.562   -8.426  1.00 75.39  ?  292 CYS A SG   1 
ATOM   1039 N  N    . ARG A 1 144 ? -11.787 1.202   -7.542  1.00 55.94  ?  293 ARG A N    1 
ATOM   1040 C  CA   . ARG A 1 144 ? -13.093 1.645   -7.063  1.00 63.70  ?  293 ARG A CA   1 
ATOM   1041 C  C    . ARG A 1 144 ? -13.766 0.559   -6.251  1.00 64.29  ?  293 ARG A C    1 
ATOM   1042 O  O    . ARG A 1 144 ? -14.375 0.851   -5.213  1.00 62.66  ?  293 ARG A O    1 
ATOM   1043 C  CB   . ARG A 1 144 ? -14.007 2.095   -8.205  1.00 64.49  ?  293 ARG A CB   1 
ATOM   1044 C  CG   . ARG A 1 144 ? -13.365 3.086   -9.126  1.00 62.42  ?  293 ARG A CG   1 
ATOM   1045 C  CD   . ARG A 1 144 ? -12.854 4.296   -8.351  1.00 77.97  ?  293 ARG A CD   1 
ATOM   1046 N  NE   . ARG A 1 144 ? -13.755 5.440   -8.459  1.00 82.18  ?  293 ARG A NE   1 
ATOM   1047 C  CZ   . ARG A 1 144 ? -13.916 6.155   -9.568  1.00 77.33  ?  293 ARG A CZ   1 
ATOM   1048 N  NH1  . ARG A 1 144 ? -13.199 5.913   -10.663 1.00 84.46  ?  293 ARG A NH1  1 
ATOM   1049 N  NH2  . ARG A 1 144 ? -14.816 7.137   -9.580  1.00 75.11  ?  293 ARG A NH2  1 
ATOM   1050 N  N    . THR A 1 145 ? -13.651 -0.704  -6.688  1.00 53.68  ?  294 THR A N    1 
ATOM   1051 C  CA   . THR A 1 145 ? -14.197 -1.783  -5.868  1.00 49.37  ?  294 THR A CA   1 
ATOM   1052 C  C    . THR A 1 145 ? -13.482 -1.867  -4.525  1.00 51.64  ?  294 THR A C    1 
ATOM   1053 O  O    . THR A 1 145 ? -14.134 -1.855  -3.479  1.00 59.16  ?  294 THR A O    1 
ATOM   1054 C  CB   . THR A 1 145 ? -14.138 -3.115  -6.602  1.00 51.81  ?  294 THR A CB   1 
ATOM   1055 O  OG1  . THR A 1 145 ? -14.861 -2.981  -7.830  1.00 57.00  ?  294 THR A OG1  1 
ATOM   1056 C  CG2  . THR A 1 145 ? -14.825 -4.192  -5.798  1.00 52.33  ?  294 THR A CG2  1 
ATOM   1057 N  N    . LEU A 1 146 ? -12.153 -1.916  -4.520  1.00 46.23  ?  295 LEU A N    1 
ATOM   1058 C  CA   . LEU A 1 146 ? -11.441 -1.999  -3.245  1.00 56.59  ?  295 LEU A CA   1 
ATOM   1059 C  C    . LEU A 1 146 ? -11.786 -0.820  -2.321  1.00 52.78  ?  295 LEU A C    1 
ATOM   1060 O  O    . LEU A 1 146 ? -11.896 -0.991  -1.096  1.00 53.87  ?  295 LEU A O    1 
ATOM   1061 C  CB   . LEU A 1 146 ? -9.939  -2.059  -3.489  1.00 47.50  ?  295 LEU A CB   1 
ATOM   1062 C  CG   . LEU A 1 146 ? -9.111  -2.451  -2.261  1.00 48.95  ?  295 LEU A CG   1 
ATOM   1063 C  CD1  . LEU A 1 146 ? -9.529  -3.830  -1.772  1.00 48.02  ?  295 LEU A CD1  1 
ATOM   1064 C  CD2  . LEU A 1 146 ? -7.616  -2.405  -2.575  1.00 51.54  ?  295 LEU A CD2  1 
ATOM   1065 N  N    . GLU A 1 147 ? -11.955 0.385   -2.878  1.00 54.22  ?  296 GLU A N    1 
ATOM   1066 C  CA   . GLU A 1 147 ? -12.272 1.517   -2.013  1.00 64.11  ?  296 GLU A CA   1 
ATOM   1067 C  C    . GLU A 1 147 ? -13.621 1.301   -1.339  1.00 62.63  ?  296 GLU A C    1 
ATOM   1068 O  O    . GLU A 1 147 ? -13.765 1.517   -0.129  1.00 61.08  ?  296 GLU A O    1 
ATOM   1069 C  CB   . GLU A 1 147 ? -12.257 2.831   -2.796  1.00 65.07  ?  296 GLU A CB   1 
ATOM   1070 C  CG   . GLU A 1 147 ? -12.171 4.115   -1.918  1.00 84.24  ?  296 GLU A CG   1 
ATOM   1071 C  CD   . GLU A 1 147 ? -13.390 5.052   -2.008  1.00 97.20  ?  296 GLU A CD   1 
ATOM   1072 O  OE1  . GLU A 1 147 ? -14.031 5.126   -3.090  1.00 98.65  ?  296 GLU A OE1  1 
ATOM   1073 O  OE2  . GLU A 1 147 ? -13.691 5.740   -1.000  1.00 99.97  ?  296 GLU A OE2  1 
ATOM   1074 N  N    . ASP A 1 148 ? -14.602 0.814   -2.095  1.00 57.56  ?  297 ASP A N    1 
ATOM   1075 C  CA   . ASP A 1 148 ? -15.939 0.639   -1.548  1.00 61.11  ?  297 ASP A CA   1 
ATOM   1076 C  C    . ASP A 1 148 ? -15.985 -0.502  -0.532  1.00 53.28  ?  297 ASP A C    1 
ATOM   1077 O  O    . ASP A 1 148 ? -16.554 -0.338  0.557   1.00 58.92  ?  297 ASP A O    1 
ATOM   1078 C  CB   . ASP A 1 148 ? -16.929 0.463   -2.698  1.00 70.21  ?  297 ASP A CB   1 
ATOM   1079 C  CG   . ASP A 1 148 ? -17.189 1.785   -3.431  1.00 82.24  ?  297 ASP A CG   1 
ATOM   1080 O  OD1  . ASP A 1 148 ? -17.878 2.658   -2.838  1.00 87.67  ?  297 ASP A OD1  1 
ATOM   1081 O  OD2  . ASP A 1 148 ? -16.687 1.982   -4.569  1.00 94.97  ?  297 ASP A OD2  1 
ATOM   1082 N  N    . ILE A 1 149 ? -15.314 -1.620  -0.830  1.00 56.63  ?  298 ILE A N    1 
ATOM   1083 C  CA   . ILE A 1 149 ? -15.174 -2.707  0.139   1.00 57.44  ?  298 ILE A CA   1 
ATOM   1084 C  C    . ILE A 1 149 ? -14.597 -2.185  1.442   1.00 53.05  ?  298 ILE A C    1 
ATOM   1085 O  O    . ILE A 1 149 ? -15.171 -2.371  2.518   1.00 57.18  ?  298 ILE A O    1 
ATOM   1086 C  CB   . ILE A 1 149 ? -14.314 -3.846  -0.436  1.00 49.17  ?  298 ILE A CB   1 
ATOM   1087 C  CG1  . ILE A 1 149 ? -15.073 -4.613  -1.513  1.00 54.56  ?  298 ILE A CG1  1 
ATOM   1088 C  CG2  . ILE A 1 149 ? -13.862 -4.787  0.665   1.00 44.87  ?  298 ILE A CG2  1 
ATOM   1089 C  CD1  . ILE A 1 149 ? -14.188 -5.548  -2.300  1.00 51.17  ?  298 ILE A CD1  1 
ATOM   1090 N  N    . LEU A 1 150 ? -13.463 -1.502  1.360   1.00 46.96  ?  299 LEU A N    1 
ATOM   1091 C  CA   . LEU A 1 150 ? -12.837 -0.974  2.567   1.00 58.97  ?  299 LEU A CA   1 
ATOM   1092 C  C    . LEU A 1 150 ? -13.703 0.065   3.296   1.00 56.05  ?  299 LEU A C    1 
ATOM   1093 O  O    . LEU A 1 150 ? -13.441 0.333   4.468   1.00 55.03  ?  299 LEU A O    1 
ATOM   1094 C  CB   . LEU A 1 150 ? -11.465 -0.390  2.223   1.00 55.47  ?  299 LEU A CB   1 
ATOM   1095 C  CG   . LEU A 1 150 ? -10.390 -1.427  1.853   1.00 54.47  ?  299 LEU A CG   1 
ATOM   1096 C  CD1  . LEU A 1 150 ? -9.114  -0.712  1.435   1.00 51.72  ?  299 LEU A CD1  1 
ATOM   1097 C  CD2  . LEU A 1 150 ? -10.097 -2.368  3.041   1.00 55.08  ?  299 LEU A CD2  1 
ATOM   1098 N  N    . ALA A 1 151 ? -14.730 0.635   2.643   1.00 57.21  ?  300 ALA A N    1 
ATOM   1099 C  CA   . ALA A 1 151 ? -15.544 1.662   3.287   1.00 57.23  ?  300 ALA A CA   1 
ATOM   1100 C  C    . ALA A 1 151 ? -16.553 1.030   4.229   1.00 61.78  ?  300 ALA A C    1 
ATOM   1101 O  O    . ALA A 1 151 ? -16.667 1.425   5.394   1.00 54.97  ?  300 ALA A O    1 
ATOM   1102 C  CB   . ALA A 1 151 ? -16.257 2.516   2.245   1.00 47.29  ?  300 ALA A CB   1 
ATOM   1103 N  N    . ASP A 1 152 ? -17.259 0.020   3.755   1.00 57.27  ?  301 ASP A N    1 
ATOM   1104 C  CA   . ASP A 1 152 ? -18.151 -0.699  4.628   1.00 62.57  ?  301 ASP A CA   1 
ATOM   1105 C  C    . ASP A 1 152 ? -17.420 -1.740  5.466   1.00 60.55  ?  301 ASP A C    1 
ATOM   1106 O  O    . ASP A 1 152 ? -18.032 -2.316  6.365   1.00 64.92  ?  301 ASP A O    1 
ATOM   1107 C  CB   . ASP A 1 152 ? -19.267 -1.349  3.804   1.00 66.15  ?  301 ASP A CB   1 
ATOM   1108 C  CG   . ASP A 1 152 ? -20.601 -0.616  3.946   1.00 80.47  ?  301 ASP A CG   1 
ATOM   1109 O  OD1  . ASP A 1 152 ? -20.733 0.313   4.798   1.00 79.25  ?  301 ASP A OD1  1 
ATOM   1110 O  OD2  . ASP A 1 152 ? -21.515 -0.943  3.152   1.00 93.78  ?  301 ASP A OD2  1 
ATOM   1111 N  N    . ALA A 1 153 ? -16.133 -1.985  5.227   1.00 61.42  ?  302 ALA A N    1 
ATOM   1112 C  CA   . ALA A 1 153 ? -15.464 -3.036  5.997   1.00 58.69  ?  302 ALA A CA   1 
ATOM   1113 C  C    . ALA A 1 153 ? -15.157 -2.533  7.406   1.00 61.66  ?  302 ALA A C    1 
ATOM   1114 O  O    . ALA A 1 153 ? -14.579 -1.443  7.559   1.00 62.80  ?  302 ALA A O    1 
ATOM   1115 C  CB   . ALA A 1 153 ? -14.182 -3.520  5.325   1.00 61.92  ?  302 ALA A CB   1 
ATOM   1116 N  N    . PRO A 1 154 ? -15.543 -3.279  8.457   1.00 59.75  ?  303 PRO A N    1 
ATOM   1117 C  CA   . PRO A 1 154 ? -15.225 -2.857  9.832   1.00 74.42  ?  303 PRO A CA   1 
ATOM   1118 C  C    . PRO A 1 154 ? -13.756 -2.946  10.206  1.00 67.83  ?  303 PRO A C    1 
ATOM   1119 O  O    . PRO A 1 154 ? -13.309 -2.165  11.054  1.00 65.05  ?  303 PRO A O    1 
ATOM   1120 C  CB   . PRO A 1 154 ? -16.059 -3.815  10.682  1.00 70.19  ?  303 PRO A CB   1 
ATOM   1121 C  CG   . PRO A 1 154 ? -16.183 -5.029  9.825   1.00 68.79  ?  303 PRO A CG   1 
ATOM   1122 C  CD   . PRO A 1 154 ? -16.317 -4.528  8.428   1.00 57.12  ?  303 PRO A CD   1 
ATOM   1123 N  N    . GLU A 1 155 ? -13.006 -3.875  9.631   1.00 67.55  ?  304 GLU A N    1 
ATOM   1124 C  CA   . GLU A 1 155 ? -11.560 -3.939  9.830   1.00 67.33  ?  304 GLU A CA   1 
ATOM   1125 C  C    . GLU A 1 155 ? -10.836 -2.692  9.332   1.00 61.54  ?  304 GLU A C    1 
ATOM   1126 O  O    . GLU A 1 155 ? -9.687  -2.475  9.716   1.00 59.64  ?  304 GLU A O    1 
ATOM   1127 C  CB   . GLU A 1 155 ? -10.998 -5.158  9.105   1.00 61.74  ?  304 GLU A CB   1 
ATOM   1128 C  CG   . GLU A 1 155 ? -11.630 -6.449  9.561   1.00 55.73  ?  304 GLU A CG   1 
ATOM   1129 C  CD   . GLU A 1 155 ? -12.687 -6.907  8.588   1.00 69.70  ?  304 GLU A CD   1 
ATOM   1130 O  OE1  . GLU A 1 155 ? -13.261 -8.005  8.803   1.00 77.72  ?  304 GLU A OE1  1 
ATOM   1131 O  OE2  . GLU A 1 155 ? -12.954 -6.161  7.606   1.00 77.42  ?  304 GLU A OE2  1 
ATOM   1132 N  N    . SER A 1 156 ? -11.492 -1.861  8.525   1.00 64.80  ?  305 SER A N    1 
ATOM   1133 C  CA   . SER A 1 156 ? -10.905 -0.684  7.883   1.00 64.26  ?  305 SER A CA   1 
ATOM   1134 C  C    . SER A 1 156 ? -11.473 0.603   8.500   1.00 65.41  ?  305 SER A C    1 
ATOM   1135 O  O    . SER A 1 156 ? -12.544 1.088   8.113   1.00 71.83  ?  305 SER A O    1 
ATOM   1136 C  CB   . SER A 1 156 ? -11.157 -0.730  6.382   1.00 63.27  ?  305 SER A CB   1 
ATOM   1137 O  OG   . SER A 1 156 ? -10.803 0.518   5.790   1.00 73.86  ?  305 SER A OG   1 
ATOM   1138 N  N    . GLN A 1 157 ? -10.699 1.182   9.418   1.00 62.33  ?  306 GLN A N    1 
ATOM   1139 C  CA   . GLN A 1 157 ? -11.062 2.383   10.164  1.00 69.59  ?  306 GLN A CA   1 
ATOM   1140 C  C    . GLN A 1 157 ? -9.775  3.164   10.404  1.00 63.25  ?  306 GLN A C    1 
ATOM   1141 O  O    . GLN A 1 157 ? -8.955  2.767   11.252  1.00 60.88  ?  306 GLN A O    1 
ATOM   1142 C  CB   . GLN A 1 157 ? -11.781 1.999   11.472  1.00 78.44  ?  306 GLN A CB   1 
ATOM   1143 C  CG   . GLN A 1 157 ? -13.344 1.849   11.345  1.00 81.41  ?  306 GLN A CG   1 
ATOM   1144 C  CD   . GLN A 1 157 ? -14.014 1.147   12.561  1.00 92.35  ?  306 GLN A CD   1 
ATOM   1145 O  OE1  . GLN A 1 157 ? -15.198 0.763   12.513  1.00 98.33  ?  306 GLN A OE1  1 
ATOM   1146 N  NE2  . GLN A 1 157 ? -13.216 0.878   13.589  1.00 92.70  ?  306 GLN A NE2  1 
ATOM   1147 N  N    . ASN A 1 158 ? -9.622  4.256   9.639   1.00 66.10  ?  307 ASN A N    1 
ATOM   1148 C  CA   . ASN A 1 158 ? -8.396  5.059   9.526   1.00 69.73  ?  307 ASN A CA   1 
ATOM   1149 C  C    . ASN A 1 158 ? -7.131  4.238   9.720   1.00 68.01  ?  307 ASN A C    1 
ATOM   1150 O  O    . ASN A 1 158 ? -6.232  4.593   10.495  1.00 67.66  ?  307 ASN A O    1 
ATOM   1151 C  CB   . ASN A 1 158 ? -8.424  6.222   10.493  1.00 81.72  ?  307 ASN A CB   1 
ATOM   1152 C  CG   . ASN A 1 158 ? -9.393  7.276   10.065  1.00 85.57  ?  307 ASN A CG   1 
ATOM   1153 O  OD1  . ASN A 1 158 ? -9.214  7.926   9.020   1.00 88.37  ?  307 ASN A OD1  1 
ATOM   1154 N  ND2  . ASN A 1 158 ? -10.487 7.397   10.818  1.00 83.80  ?  307 ASN A ND2  1 
ATOM   1155 N  N    . ASN A 1 159 ? -7.052  3.135   8.969   1.00 61.77  ?  308 ASN A N    1 
ATOM   1156 C  CA   . ASN A 1 159 ? -5.869  2.296   8.990   1.00 60.00  ?  308 ASN A CA   1 
ATOM   1157 C  C    . ASN A 1 159 ? -5.347  2.019   7.583   1.00 61.58  ?  308 ASN A C    1 
ATOM   1158 O  O    . ASN A 1 159 ? -4.362  1.277   7.428   1.00 55.29  ?  308 ASN A O    1 
ATOM   1159 C  CB   . ASN A 1 159 ? -6.202  0.987   9.679   1.00 53.49  ?  308 ASN A CB   1 
ATOM   1160 C  CG   . ASN A 1 159 ? -7.402  0.348   9.059   1.00 58.39  ?  308 ASN A CG   1 
ATOM   1161 O  OD1  . ASN A 1 159 ? -8.115  0.994   8.271   1.00 60.28  ?  308 ASN A OD1  1 
ATOM   1162 N  ND2  . ASN A 1 159 ? -7.660  -0.913  9.406   1.00 61.57  ?  308 ASN A ND2  1 
ATOM   1163 N  N    . CYS A 1 160 ? -5.973  2.595   6.558   1.00 53.12  ?  309 CYS A N    1 
ATOM   1164 C  CA   . CYS A 1 160 ? -5.742  2.173   5.193   1.00 52.70  ?  309 CYS A CA   1 
ATOM   1165 C  C    . CYS A 1 160 ? -5.927  3.332   4.236   1.00 53.33  ?  309 CYS A C    1 
ATOM   1166 O  O    . CYS A 1 160 ? -6.984  3.956   4.231   1.00 57.75  ?  309 CYS A O    1 
ATOM   1167 C  CB   . CYS A 1 160 ? -6.709  1.074   4.801   1.00 54.18  ?  309 CYS A CB   1 
ATOM   1168 S  SG   . CYS A 1 160 ? -6.039  0.130   3.355   1.00 66.12  ?  309 CYS A SG   1 
ATOM   1169 N  N    . ARG A 1 161 ? -4.946  3.578   3.376   1.00 53.42  ?  310 ARG A N    1 
ATOM   1170 C  CA   . ARG A 1 161 ? -5.138  4.530   2.291   1.00 50.75  ?  310 ARG A CA   1 
ATOM   1171 C  C    . ARG A 1 161 ? -4.657  3.912   0.980   1.00 54.16  ?  310 ARG A C    1 
ATOM   1172 O  O    . ARG A 1 161 ? -3.592  3.268   0.923   1.00 51.95  ?  310 ARG A O    1 
ATOM   1173 C  CB   . ARG A 1 161 ? -4.423  5.862   2.594   1.00 61.03  ?  310 ARG A CB   1 
ATOM   1174 C  CG   . ARG A 1 161 ? -5.383  7.040   2.864   1.00 67.28  ?  310 ARG A CG   1 
ATOM   1175 C  CD   . ARG A 1 161 ? -5.936  7.051   4.324   1.00 68.06  ?  310 ARG A CD   1 
ATOM   1176 N  NE   . ARG A 1 161 ? -7.161  7.834   4.537   1.00 74.52  ?  310 ARG A NE   1 
ATOM   1177 C  CZ   . ARG A 1 161 ? -8.093  7.580   5.460   1.00 80.48  ?  310 ARG A CZ   1 
ATOM   1178 N  NH1  . ARG A 1 161 ? -8.008  6.529   6.266   1.00 69.44  ?  310 ARG A NH1  1 
ATOM   1179 N  NH2  . ARG A 1 161 ? -9.141  8.398   5.575   1.00 77.94  ?  310 ARG A NH2  1 
ATOM   1180 N  N    . LEU A 1 162 ? -5.456  4.121   -0.065  1.00 49.28  ?  311 LEU A N    1 
ATOM   1181 C  CA   . LEU A 1 162 ? -5.193  3.615   -1.399  1.00 53.89  ?  311 LEU A CA   1 
ATOM   1182 C  C    . LEU A 1 162 ? -4.571  4.730   -2.233  1.00 59.52  ?  311 LEU A C    1 
ATOM   1183 O  O    . LEU A 1 162 ? -5.252  5.701   -2.562  1.00 68.37  ?  311 LEU A O    1 
ATOM   1184 C  CB   . LEU A 1 162 ? -6.512  3.176   -2.017  1.00 56.89  ?  311 LEU A CB   1 
ATOM   1185 C  CG   . LEU A 1 162 ? -7.171  1.930   -1.439  1.00 57.03  ?  311 LEU A CG   1 
ATOM   1186 C  CD1  . LEU A 1 162 ? -8.264  1.563   -2.424  1.00 52.15  ?  311 LEU A CD1  1 
ATOM   1187 C  CD2  . LEU A 1 162 ? -6.193  0.741   -1.179  1.00 43.08  ?  311 LEU A CD2  1 
ATOM   1188 N  N    . ILE A 1 163 ? -3.302  4.597   -2.610  1.00 56.44  ?  312 ILE A N    1 
ATOM   1189 C  CA   . ILE A 1 163 ? -2.650  5.588   -3.472  1.00 54.44  ?  312 ILE A CA   1 
ATOM   1190 C  C    . ILE A 1 163 ? -2.635  5.058   -4.904  1.00 50.89  ?  312 ILE A C    1 
ATOM   1191 O  O    . ILE A 1 163 ? -1.747  4.289   -5.284  1.00 51.04  ?  312 ILE A O    1 
ATOM   1192 C  CB   . ILE A 1 163 ? -1.227  5.933   -3.016  1.00 55.31  ?  312 ILE A CB   1 
ATOM   1193 C  CG1  . ILE A 1 163 ? -1.114  6.054   -1.508  1.00 57.36  ?  312 ILE A CG1  1 
ATOM   1194 C  CG2  . ILE A 1 163 ? -0.801  7.228   -3.670  1.00 58.02  ?  312 ILE A CG2  1 
ATOM   1195 C  CD1  . ILE A 1 163 ? -1.609  7.383   -1.007  1.00 69.40  ?  312 ILE A CD1  1 
ATOM   1196 N  N    . ALA A 1 164 ? -3.563  5.544   -5.728  1.00 49.95  ?  313 ALA A N    1 
ATOM   1197 C  CA   . ALA A 1 164 ? -3.622  5.253   -7.160  1.00 50.00  ?  313 ALA A CA   1 
ATOM   1198 C  C    . ALA A 1 164 ? -2.957  6.368   -7.975  1.00 55.45  ?  313 ALA A C    1 
ATOM   1199 O  O    . ALA A 1 164 ? -3.265  7.545   -7.786  1.00 57.61  ?  313 ALA A O    1 
ATOM   1200 C  CB   . ALA A 1 164 ? -5.081  5.092   -7.600  1.00 50.52  ?  313 ALA A CB   1 
ATOM   1201 N  N    . TYR A 1 165 ? -2.089  6.000   -8.919  1.00 55.48  ?  314 TYR A N    1 
ATOM   1202 C  CA   . TYR A 1 165 ? -1.340  7.011   -9.666  1.00 54.35  ?  314 TYR A CA   1 
ATOM   1203 C  C    . TYR A 1 165 ? -0.940  6.476   -11.041 1.00 63.64  ?  314 TYR A C    1 
ATOM   1204 O  O    . TYR A 1 165 ? -1.022  5.275   -11.318 1.00 60.42  ?  314 TYR A O    1 
ATOM   1205 C  CB   . TYR A 1 165 ? -0.099  7.455   -8.883  1.00 54.21  ?  314 TYR A CB   1 
ATOM   1206 C  CG   . TYR A 1 165 ? 0.891   6.344   -8.609  1.00 63.27  ?  314 TYR A CG   1 
ATOM   1207 C  CD1  . TYR A 1 165 ? 0.652   5.379   -7.629  1.00 68.95  ?  314 TYR A CD1  1 
ATOM   1208 C  CD2  . TYR A 1 165 ? 2.031   6.202   -9.413  1.00 59.78  ?  314 TYR A CD2  1 
ATOM   1209 C  CE1  . TYR A 1 165 ? 1.574   4.345   -7.401  1.00 71.02  ?  314 TYR A CE1  1 
ATOM   1210 C  CE2  . TYR A 1 165 ? 2.953   5.178   -9.202  1.00 64.17  ?  314 TYR A CE2  1 
ATOM   1211 C  CZ   . TYR A 1 165 ? 2.727   4.254   -8.198  1.00 67.14  ?  314 TYR A CZ   1 
ATOM   1212 O  OH   . TYR A 1 165 ? 3.660   3.242   -8.008  1.00 75.50  ?  314 TYR A OH   1 
ATOM   1213 N  N    . GLN A 1 166 ? -0.493  7.367   -11.919 1.00 69.08  ?  315 GLN A N    1 
ATOM   1214 C  CA   . GLN A 1 166 ? -0.017  6.907   -13.218 1.00 71.92  ?  315 GLN A CA   1 
ATOM   1215 C  C    . GLN A 1 166 ? 1.092   7.826   -13.675 1.00 77.48  ?  315 GLN A C    1 
ATOM   1216 O  O    . GLN A 1 166 ? 0.842   8.989   -13.941 1.00 77.98  ?  315 GLN A O    1 
ATOM   1217 C  CB   . GLN A 1 166 ? -1.116  6.881   -14.267 1.00 74.25  ?  315 GLN A CB   1 
ATOM   1218 C  CG   . GLN A 1 166 ? -0.527  6.670   -15.653 1.00 87.73  ?  315 GLN A CG   1 
ATOM   1219 C  CD   . GLN A 1 166 ? -1.242  5.583   -16.433 1.00 88.40  ?  315 GLN A CD   1 
ATOM   1220 O  OE1  . GLN A 1 166 ? -2.474  5.502   -16.389 1.00 85.24  ?  315 GLN A OE1  1 
ATOM   1221 N  NE2  . GLN A 1 166 ? -0.482  4.757   -17.175 1.00 78.43  ?  315 GLN A NE2  1 
ATOM   1222 N  N    . GLU A 1 167 ? 2.286   7.318   -13.829 1.00 105.19 ?  316 GLU A N    1 
ATOM   1223 C  CA   . GLU A 1 167 ? 3.393   8.134   -14.292 1.00 103.97 ?  316 GLU A CA   1 
ATOM   1224 C  C    . GLU A 1 167 ? 3.323   8.226   -15.818 1.00 106.31 ?  316 GLU A C    1 
ATOM   1225 O  O    . GLU A 1 167 ? 3.304   7.177   -16.495 1.00 106.08 ?  316 GLU A O    1 
ATOM   1226 C  CB   . GLU A 1 167 ? 4.725   7.529   -13.828 1.00 48.50  ?  316 GLU A CB   1 
ATOM   1227 N  N    . PRO A 1 168 ? 3.265   9.431   -16.385 1.00 93.38  ?  317 PRO A N    1 
ATOM   1228 C  CA   . PRO A 1 168 ? 3.140   9.523   -17.855 1.00 96.10  ?  317 PRO A CA   1 
ATOM   1229 C  C    . PRO A 1 168 ? 4.394   9.075   -18.622 1.00 95.12  ?  317 PRO A C    1 
ATOM   1230 O  O    . PRO A 1 168 ? 4.277   8.757   -19.812 1.00 86.99  ?  317 PRO A O    1 
ATOM   1231 C  CB   . PRO A 1 168 ? 2.855   11.017  -18.119 1.00 96.53  ?  317 PRO A CB   1 
ATOM   1232 C  CG   . PRO A 1 168 ? 2.806   11.679  -16.839 1.00 97.43  ?  317 PRO A CG   1 
ATOM   1233 C  CD   . PRO A 1 168 ? 2.913   10.702  -15.722 1.00 96.40  ?  317 PRO A CD   1 
ATOM   1234 N  N    . ALA A 1 169 ? 5.577   9.053   -17.993 1.00 101.24 ?  318 ALA A N    1 
ATOM   1235 C  CA   . ALA A 1 169 ? 6.805   8.615   -18.665 1.00 110.78 ?  318 ALA A CA   1 
ATOM   1236 C  C    . ALA A 1 169 ? 7.869   8.300   -17.614 1.00 110.03 ?  318 ALA A C    1 
ATOM   1237 O  O    . ALA A 1 169 ? 7.640   8.476   -16.414 1.00 114.90 ?  318 ALA A O    1 
ATOM   1238 C  CB   . ALA A 1 169 ? 7.302   9.677   -19.641 1.00 104.67 ?  318 ALA A CB   1 
ATOM   1239 N  N    . ASP A 1 170 ? 9.047   7.836   -18.076 1.00 155.90 ?  319 ASP A N    1 
ATOM   1240 C  CA   . ASP A 1 170 ? 10.161  7.614   -17.145 1.00 155.90 ?  319 ASP A CA   1 
ATOM   1241 C  C    . ASP A 1 170 ? 10.729  8.936   -16.644 1.00 155.90 ?  319 ASP A C    1 
ATOM   1242 O  O    . ASP A 1 170 ? 11.224  9.017   -15.519 1.00 155.90 ?  319 ASP A O    1 
ATOM   1243 C  CB   . ASP A 1 170 ? 11.292  6.769   -17.778 1.00 46.11  ?  319 ASP A CB   1 
ATOM   1244 N  N    . ASP A 1 171 ? 10.666  9.978   -17.450 1.00 115.50 ?  320 ASP A N    1 
ATOM   1245 C  CA   . ASP A 1 171 ? 11.075  11.316  -17.030 1.00 115.50 ?  320 ASP A CA   1 
ATOM   1246 C  C    . ASP A 1 171 ? 9.839   12.217  -17.064 1.00 115.50 ?  320 ASP A C    1 
ATOM   1247 O  O    . ASP A 1 171 ? 9.411   12.653  -18.138 1.00 115.50 ?  320 ASP A O    1 
ATOM   1248 C  CB   . ASP A 1 171 ? 12.191  11.846  -17.924 1.00 115.50 ?  320 ASP A CB   1 
ATOM   1249 N  N    . SER A 1 172 ? 9.256   12.472  -15.886 1.00 101.52 ?  321 SER A N    1 
ATOM   1250 C  CA   . SER A 1 172 ? 8.094   13.355  -15.736 1.00 101.52 ?  321 SER A CA   1 
ATOM   1251 C  C    . SER A 1 172 ? 8.114   14.033  -14.378 1.00 101.52 ?  321 SER A C    1 
ATOM   1252 O  O    . SER A 1 172 ? 7.772   15.199  -14.262 1.00 101.52 ?  321 SER A O    1 
ATOM   1253 C  CB   . SER A 1 172 ? 6.768   12.596  -15.897 1.00 101.52 ?  321 SER A CB   1 
ATOM   1254 O  OG   . SER A 1 172 ? 6.844   11.573  -16.878 1.00 101.52 ?  321 SER A OG   1 
ATOM   1255 N  N    . SER A 1 175 ? 6.361   12.635  -9.216  1.00 90.72  ?  324 SER A N    1 
ATOM   1256 C  CA   . SER A 1 175 ? 6.707   12.836  -7.816  1.00 89.74  ?  324 SER A CA   1 
ATOM   1257 C  C    . SER A 1 175 ? 5.829   12.034  -6.841  1.00 89.00  ?  324 SER A C    1 
ATOM   1258 O  O    . SER A 1 175 ? 5.097   12.644  -6.025  1.00 84.86  ?  324 SER A O    1 
ATOM   1259 C  CB   . SER A 1 175 ? 6.589   14.311  -7.463  1.00 90.75  ?  324 SER A CB   1 
ATOM   1260 O  OG   . SER A 1 175 ? 5.224   14.691  -7.395  1.00 100.85 ?  324 SER A OG   1 
ATOM   1261 N  N    . LEU A 1 176 ? 5.902   10.693  -6.915  1.00 80.49  ?  325 LEU A N    1 
ATOM   1262 C  CA   . LEU A 1 176 ? 5.108   9.837   -6.031  1.00 76.75  ?  325 LEU A CA   1 
ATOM   1263 C  C    . LEU A 1 176 ? 5.280   10.236  -4.575  1.00 80.91  ?  325 LEU A C    1 
ATOM   1264 O  O    . LEU A 1 176 ? 4.310   10.289  -3.799  1.00 74.53  ?  325 LEU A O    1 
ATOM   1265 C  CB   . LEU A 1 176 ? 5.532   8.384   -6.199  1.00 73.70  ?  325 LEU A CB   1 
ATOM   1266 C  CG   . LEU A 1 176 ? 4.577   7.356   -5.586  1.00 73.35  ?  325 LEU A CG   1 
ATOM   1267 C  CD1  . LEU A 1 176 ? 3.129   7.703   -5.903  1.00 64.32  ?  325 LEU A CD1  1 
ATOM   1268 C  CD2  . LEU A 1 176 ? 4.930   5.952   -6.058  1.00 74.34  ?  325 LEU A CD2  1 
ATOM   1269 N  N    . SER A 1 177 ? 6.526   10.505  -4.193  1.00 83.76  ?  326 SER A N    1 
ATOM   1270 C  CA   . SER A 1 177 ? 6.854   10.959  -2.851  1.00 86.09  ?  326 SER A CA   1 
ATOM   1271 C  C    . SER A 1 177 ? 5.974   12.123  -2.414  1.00 84.00  ?  326 SER A C    1 
ATOM   1272 O  O    . SER A 1 177 ? 5.367   12.088  -1.334  1.00 80.41  ?  326 SER A O    1 
ATOM   1273 C  CB   . SER A 1 177 ? 8.322   11.354  -2.841  1.00 78.16  ?  326 SER A CB   1 
ATOM   1274 O  OG   . SER A 1 177 ? 8.612   11.966  -4.089  1.00 89.05  ?  326 SER A OG   1 
ATOM   1275 N  N    . GLN A 1 178 ? 5.908   13.177  -3.236  1.00 83.43  ?  327 GLN A N    1 
ATOM   1276 C  CA   . GLN A 1 178 ? 5.031   14.295  -2.909  1.00 85.54  ?  327 GLN A CA   1 
ATOM   1277 C  C    . GLN A 1 178 ? 3.599   13.825  -2.742  1.00 87.30  ?  327 GLN A C    1 
ATOM   1278 O  O    . GLN A 1 178 ? 2.926   14.207  -1.773  1.00 87.59  ?  327 GLN A O    1 
ATOM   1279 C  CB   . GLN A 1 178 ? 5.118   15.391  -3.970  1.00 87.15  ?  327 GLN A CB   1 
ATOM   1280 C  CG   . GLN A 1 178 ? 6.338   16.264  -3.806  1.00 86.03  ?  327 GLN A CG   1 
ATOM   1281 C  CD   . GLN A 1 178 ? 6.299   17.033  -2.499  1.00 82.47  ?  327 GLN A CD   1 
ATOM   1282 O  OE1  . GLN A 1 178 ? 7.158   16.860  -1.638  1.00 82.22  ?  327 GLN A OE1  1 
ATOM   1283 N  NE2  . GLN A 1 178 ? 5.295   17.888  -2.344  1.00 88.06  ?  327 GLN A NE2  1 
ATOM   1284 N  N    . GLU A 1 179 ? 3.127   12.964  -3.650  1.00 85.80  ?  328 GLU A N    1 
ATOM   1285 C  CA   . GLU A 1 179 ? 1.767   12.445  -3.515  1.00 84.47  ?  328 GLU A CA   1 
ATOM   1286 C  C    . GLU A 1 179 ? 1.557   11.787  -2.164  1.00 85.40  ?  328 GLU A C    1 
ATOM   1287 O  O    . GLU A 1 179 ? 0.646   12.167  -1.416  1.00 87.95  ?  328 GLU A O    1 
ATOM   1288 C  CB   . GLU A 1 179 ? 1.427   11.464  -4.633  1.00 86.93  ?  328 GLU A CB   1 
ATOM   1289 C  CG   . GLU A 1 179 ? 0.035   10.792  -4.433  1.00 90.24  ?  328 GLU A CG   1 
ATOM   1290 C  CD   . GLU A 1 179 ? -1.198  11.710  -4.644  1.00 92.89  ?  328 GLU A CD   1 
ATOM   1291 O  OE1  . GLU A 1 179 ? -2.115  11.287  -5.390  1.00 90.24  ?  328 GLU A OE1  1 
ATOM   1292 O  OE2  . GLU A 1 179 ? -1.271  12.820  -4.054  1.00 90.76  ?  328 GLU A OE2  1 
ATOM   1293 N  N    . VAL A 1 180 ? 2.388   10.791  -1.842  1.00 86.52  ?  329 VAL A N    1 
ATOM   1294 C  CA   . VAL A 1 180 ? 2.284   10.147  -0.541  1.00 80.17  ?  329 VAL A CA   1 
ATOM   1295 C  C    . VAL A 1 180 ? 2.372   11.197  0.566   1.00 79.07  ?  329 VAL A C    1 
ATOM   1296 O  O    . VAL A 1 180 ? 1.466   11.315  1.397   1.00 74.61  ?  329 VAL A O    1 
ATOM   1297 C  CB   . VAL A 1 180 ? 3.352   9.043   -0.392  1.00 74.99  ?  329 VAL A CB   1 
ATOM   1298 C  CG1  . VAL A 1 180 ? 2.948   8.063   0.671   1.00 79.95  ?  329 VAL A CG1  1 
ATOM   1299 C  CG2  . VAL A 1 180 ? 3.541   8.281   -1.667  1.00 77.82  ?  329 VAL A CG2  1 
ATOM   1300 N  N    . LEU A 1 181 ? 3.430   12.021  0.537   1.00 80.59  ?  330 LEU A N    1 
ATOM   1301 C  CA   . LEU A 1 181 ? 3.660   13.028  1.570   1.00 83.98  ?  330 LEU A CA   1 
ATOM   1302 C  C    . LEU A 1 181 ? 2.417   13.864  1.856   1.00 91.70  ?  330 LEU A C    1 
ATOM   1303 O  O    . LEU A 1 181 ? 2.124   14.160  3.019   1.00 87.35  ?  330 LEU A O    1 
ATOM   1304 C  CB   . LEU A 1 181 ? 4.819   13.922  1.160   1.00 86.21  ?  330 LEU A CB   1 
ATOM   1305 C  CG   . LEU A 1 181 ? 5.976   13.841  2.144   1.00 88.13  ?  330 LEU A CG   1 
ATOM   1306 C  CD1  . LEU A 1 181 ? 6.954   14.975  1.854   1.00 77.02  ?  330 LEU A CD1  1 
ATOM   1307 C  CD2  . LEU A 1 181 ? 5.477   13.888  3.570   1.00 85.20  ?  330 LEU A CD2  1 
ATOM   1308 N  N    . ARG A 1 182 ? 1.661   14.235  0.816   1.00 101.31 ?  331 ARG A N    1 
ATOM   1309 C  CA   . ARG A 1 182 ? 0.412   14.959  1.033   1.00 102.82 ?  331 ARG A CA   1 
ATOM   1310 C  C    . ARG A 1 182 ? -0.541  14.164  1.918   1.00 104.73 ?  331 ARG A C    1 
ATOM   1311 O  O    . ARG A 1 182 ? -1.138  14.715  2.849   1.00 103.27 ?  331 ARG A O    1 
ATOM   1312 C  CB   . ARG A 1 182 ? -0.245  15.283  -0.303  1.00 50.28  ?  331 ARG A CB   1 
ATOM   1313 N  N    . HIS A 1 183 ? -0.689  12.857  1.652   1.00 93.43  ?  332 HIS A N    1 
ATOM   1314 C  CA   . HIS A 1 183 ? -1.582  12.040  2.473   1.00 87.93  ?  332 HIS A CA   1 
ATOM   1315 C  C    . HIS A 1 183 ? -1.115  11.988  3.924   1.00 88.31  ?  332 HIS A C    1 
ATOM   1316 O  O    . HIS A 1 183 ? -1.936  12.061  4.843   1.00 93.68  ?  332 HIS A O    1 
ATOM   1317 C  CB   . HIS A 1 183 ? -1.721  10.616  1.918   1.00 84.78  ?  332 HIS A CB   1 
ATOM   1318 C  CG   . HIS A 1 183 ? -2.452  10.522  0.611   1.00 80.00  ?  332 HIS A CG   1 
ATOM   1319 N  ND1  . HIS A 1 183 ? -1.891  10.914  -0.589  1.00 91.55  ?  332 HIS A ND1  1 
ATOM   1320 C  CD2  . HIS A 1 183 ? -3.683  10.048  0.307   1.00 80.64  ?  332 HIS A CD2  1 
ATOM   1321 C  CE1  . HIS A 1 183 ? -2.746  10.696  -1.573  1.00 91.83  ?  332 HIS A CE1  1 
ATOM   1322 N  NE2  . HIS A 1 183 ? -3.845  10.173  -1.056  1.00 85.67  ?  332 HIS A NE2  1 
ATOM   1323 N  N    . LEU A 1 184 ? 0.190   11.869  4.162   1.00 90.25  ?  333 LEU A N    1 
ATOM   1324 C  CA   . LEU A 1 184 ? 0.650   11.871  5.550   1.00 87.65  ?  333 LEU A CA   1 
ATOM   1325 C  C    . LEU A 1 184 ? 0.489   13.247  6.205   1.00 92.92  ?  333 LEU A C    1 
ATOM   1326 O  O    . LEU A 1 184 ? 0.197   13.338  7.407   1.00 89.54  ?  333 LEU A O    1 
ATOM   1327 C  CB   . LEU A 1 184 ? 2.095   11.376  5.642   1.00 84.65  ?  333 LEU A CB   1 
ATOM   1328 C  CG   . LEU A 1 184 ? 2.559   9.990   5.196   1.00 86.36  ?  333 LEU A CG   1 
ATOM   1329 C  CD1  . LEU A 1 184 ? 2.562   9.822   3.672   1.00 86.46  ?  333 LEU A CD1  1 
ATOM   1330 C  CD2  . LEU A 1 184 ? 3.962   9.703   5.890   1.00 88.75  ?  333 LEU A CD2  1 
ATOM   1331 N  N    . ARG A 1 185 ? 0.668   14.332  5.444   1.00 99.24  ?  334 ARG A N    1 
ATOM   1332 C  CA   . ARG A 1 185 ? 0.411   15.658  6.011   1.00 96.61  ?  334 ARG A CA   1 
ATOM   1333 C  C    . ARG A 1 185 ? -1.044  15.781  6.459   1.00 102.81 ?  334 ARG A C    1 
ATOM   1334 O  O    . ARG A 1 185 ? -1.329  16.211  7.586   1.00 102.78 ?  334 ARG A O    1 
ATOM   1335 C  CB   . ARG A 1 185 ? 0.770   16.767  5.007   1.00 97.47  ?  334 ARG A CB   1 
ATOM   1336 C  CG   . ARG A 1 185 ? 2.167   16.693  4.354   1.00 98.56  ?  334 ARG A CG   1 
ATOM   1337 C  CD   . ARG A 1 185 ? 2.306   17.659  3.157   1.00 97.31  ?  334 ARG A CD   1 
ATOM   1338 N  NE   . ARG A 1 185 ? 2.246   19.060  3.569   1.00 94.67  ?  334 ARG A NE   1 
ATOM   1339 C  CZ   . ARG A 1 185 ? 1.435   19.980  3.055   1.00 99.53  ?  334 ARG A CZ   1 
ATOM   1340 N  NH1  . ARG A 1 185 ? 0.566   19.685  2.093   1.00 104.00 ?  334 ARG A NH1  1 
ATOM   1341 N  NH2  . ARG A 1 185 ? 1.484   21.224  3.531   1.00 94.34  ?  334 ARG A NH2  1 
ATOM   1342 N  N    . GLN A 1 186 ? -1.978  15.376  5.595   1.00 122.04 ?  335 GLN A N    1 
ATOM   1343 C  CA   . GLN A 1 186 ? -3.395  15.449  5.935   1.00 119.65 ?  335 GLN A CA   1 
ATOM   1344 C  C    . GLN A 1 186 ? -3.726  14.623  7.181   1.00 115.86 ?  335 GLN A C    1 
ATOM   1345 O  O    . GLN A 1 186 ? -4.687  14.933  7.893   1.00 120.67 ?  335 GLN A O    1 
ATOM   1346 C  CB   . GLN A 1 186 ? -4.224  15.006  4.721   1.00 55.67  ?  335 GLN A CB   1 
ATOM   1347 N  N    . GLU A 1 187 ? -2.931  13.588  7.471   1.00 101.10 ?  336 GLU A N    1 
ATOM   1348 C  CA   . GLU A 1 187 ? -3.124  12.808  8.688   1.00 104.84 ?  336 GLU A CA   1 
ATOM   1349 C  C    . GLU A 1 187 ? -2.770  13.630  9.918   1.00 100.64 ?  336 GLU A C    1 
ATOM   1350 O  O    . GLU A 1 187 ? -3.513  13.643  10.908  1.00 101.73 ?  336 GLU A O    1 
ATOM   1351 C  CB   . GLU A 1 187 ? -2.281  11.530  8.632   1.00 99.40  ?  336 GLU A CB   1 
ATOM   1352 C  CG   . GLU A 1 187 ? -2.769  10.402  9.546   1.00 100.94 ?  336 GLU A CG   1 
ATOM   1353 C  CD   . GLU A 1 187 ? -1.631  9.723   10.300  1.00 97.96  ?  336 GLU A CD   1 
ATOM   1354 O  OE1  . GLU A 1 187 ? -1.720  8.511   10.579  1.00 94.81  ?  336 GLU A OE1  1 
ATOM   1355 O  OE2  . GLU A 1 187 ? -0.642  10.403  10.623  1.00 91.60  ?  336 GLU A OE2  1 
ATOM   1356 N  N    . GLU A 1 188 ? -1.627  14.323  9.871   1.00 112.03 ?  337 GLU A N    1 
ATOM   1357 C  CA   . GLU A 1 188 ? -1.225  15.190  10.977  1.00 112.03 ?  337 GLU A CA   1 
ATOM   1358 C  C    . GLU A 1 188 ? -2.269  16.267  11.224  1.00 112.03 ?  337 GLU A C    1 
ATOM   1359 O  O    . GLU A 1 188 ? -2.745  16.444  12.353  1.00 112.03 ?  337 GLU A O    1 
ATOM   1360 C  CB   . GLU A 1 188 ? 0.139   15.824  10.686  1.00 112.03 ?  337 GLU A CB   1 
ATOM   1361 N  N    . LYS A 1 189 ? -2.660  16.986  10.168  1.00 146.80 ?  338 LYS A N    1 
ATOM   1362 C  CA   . LYS A 1 189 ? -3.723  17.978  10.271  1.00 146.80 ?  338 LYS A CA   1 
ATOM   1363 C  C    . LYS A 1 189 ? -5.077  17.288  10.358  1.00 146.80 ?  338 LYS A C    1 
ATOM   1364 O  O    . LYS A 1 189 ? -5.974  17.580  9.563   1.00 146.80 ?  338 LYS A O    1 
ATOM   1365 C  CB   . LYS A 1 189 ? -3.697  18.929  9.070   1.00 66.68  ?  338 LYS A CB   1 
ATOM   1366 C  CG   . LYS A 1 189 ? -2.661  20.067  9.153   1.00 66.68  ?  338 LYS A CG   1 
ATOM   1367 C  CD   . LYS A 1 189 ? -2.764  20.877  10.461  1.00 66.68  ?  338 LYS A CD   1 
ATOM   1368 C  CE   . LYS A 1 189 ? -2.111  22.275  10.303  1.00 66.68  ?  338 LYS A CE   1 
ATOM   1369 N  NZ   . LYS A 1 189 ? -2.922  23.392  10.933  1.00 66.68  ?  338 LYS A NZ   1 
ATOM   1370 N  N    . GLU A 1 190 ? -5.218  16.369  11.309  1.00 116.86 ?  339 GLU A N    1 
ATOM   1371 C  CA   . GLU A 1 190 ? -6.455  15.649  11.562  1.00 116.86 ?  339 GLU A CA   1 
ATOM   1372 C  C    . GLU A 1 190 ? -6.230  14.737  12.749  1.00 116.86 ?  339 GLU A C    1 
ATOM   1373 O  O    . GLU A 1 190 ? -7.043  14.708  13.666  1.00 116.86 ?  339 GLU A O    1 
ATOM   1374 C  CB   . GLU A 1 190 ? -6.907  14.828  10.352  1.00 116.86 ?  339 GLU A CB   1 
HETATM 1375 C  C10  . A9X B 2 .   ? -1.442  -11.379 -0.175  1.00 30.39  ?  401 A9X A C10  1 
HETATM 1376 C  C13  . A9X B 2 .   ? 1.375   -9.222  -0.836  1.00 42.01  ?  401 A9X A C13  1 
HETATM 1377 C  C15  . A9X B 2 .   ? 3.473   -8.027  -1.362  0.93 42.08  ?  401 A9X A C15  1 
HETATM 1378 C  C20  . A9X B 2 .   ? -2.211  -10.944 -1.297  0.82 28.28  ?  401 A9X A C20  1 
HETATM 1379 C  C21  . A9X B 2 .   ? -3.395  -11.845 -1.577  0.82 33.70  ?  401 A9X A C21  1 
HETATM 1380 C  C22  . A9X B 2 .   ? -4.277  -11.645 -2.643  1.00 33.15  ?  401 A9X A C22  1 
HETATM 1381 C  C01  . A9X B 2 .   ? -6.042  -11.148 -4.504  0.96 35.12  ?  401 A9X A C01  1 
HETATM 1382 C  C03  . A9X B 2 .   ? -5.359  -12.521 -2.822  0.84 35.09  ?  401 A9X A C03  1 
HETATM 1383 C  C04  . A9X B 2 .   ? -5.541  -13.614 -1.976  0.99 32.51  ?  401 A9X A C04  1 
HETATM 1384 C  C06  . A9X B 2 .   ? -6.641  -15.520 -1.287  0.87 28.59  ?  401 A9X A C06  1 
HETATM 1385 C  C07  . A9X B 2 .   ? -4.633  -13.853 -0.909  0.82 31.68  ?  401 A9X A C07  1 
HETATM 1386 C  C08  . A9X B 2 .   ? -3.582  -12.966 -0.712  1.00 34.07  ?  401 A9X A C08  1 
HETATM 1387 C  C11  . A9X B 2 .   ? -0.178  -10.809 0.428   0.53 36.52  ?  401 A9X A C11  1 
HETATM 1388 C  C12  . A9X B 2 .   ? 0.255   -9.378  0.202   0.70 37.83  ?  401 A9X A C12  1 
HETATM 1389 C  C14  . A9X B 2 .   ? 2.612   -8.594  -0.221  1.00 45.47  ?  401 A9X A C14  1 
HETATM 1390 C  C16  . A9X B 2 .   ? 1.749   -10.445 -1.687  0.51 39.52  ?  401 A9X A C16  1 
HETATM 1391 O  O02  . A9X B 2 .   ? -6.282  -12.346 -3.838  0.82 32.20  ?  401 A9X A O02  1 
HETATM 1392 O  O05  . A9X B 2 .   ? -6.627  -14.465 -2.201  0.72 33.65  ?  401 A9X A O05  1 
HETATM 1393 O  O17  . A9X B 2 .   ? 1.080   -10.569 -2.754  0.52 42.27  -1 401 A9X A O17  1 
HETATM 1394 O  O18  . A9X B 2 .   ? 2.721   -11.279 -1.455  0.81 46.16  ?  401 A9X A O18  1 
HETATM 1395 O  O19  . A9X B 2 .   ? 0.459   -11.533 1.116   0.72 39.18  ?  401 A9X A O19  1 
HETATM 1396 SE SE09 . A9X B 2 .   ? -2.197  -12.931 0.537   0.61 43.50  ?  401 A9X A SE09 1 
HETATM 1397 O  O    . HOH C 3 .   ? 3.631   -13.209 -3.056  1.00 30.00  ?  501 HOH A O    1 
HETATM 1398 O  O    . HOH C 3 .   ? 2.452   -11.029 3.093   1.00 56.08  ?  502 HOH A O    1 
HETATM 1399 O  O    . HOH C 3 .   ? 1.408   -12.746 16.159  1.00 63.92  ?  503 HOH A O    1 
HETATM 1400 O  O    . HOH C 3 .   ? -6.577  -16.603 10.596  1.00 73.96  ?  504 HOH A O    1 
# 
loop_
_pdbx_poly_seq_scheme.asym_id 
_pdbx_poly_seq_scheme.entity_id 
_pdbx_poly_seq_scheme.seq_id 
_pdbx_poly_seq_scheme.mon_id 
_pdbx_poly_seq_scheme.ndb_seq_num 
_pdbx_poly_seq_scheme.pdb_seq_num 
_pdbx_poly_seq_scheme.auth_seq_num 
_pdbx_poly_seq_scheme.pdb_mon_id 
_pdbx_poly_seq_scheme.auth_mon_id 
_pdbx_poly_seq_scheme.pdb_strand_id 
_pdbx_poly_seq_scheme.pdb_ins_code 
_pdbx_poly_seq_scheme.hetero 
A 1 1   LYS 1   150 ?   ?   ?   A . n 
A 1 2   GLY 2   151 ?   ?   ?   A . n 
A 1 3   ASN 3   152 ?   ?   ?   A . n 
A 1 4   PHE 4   153 153 PHE PHE A . n 
A 1 5   ASN 5   154 154 ASN ASN A . n 
A 1 6   VAL 6   155 155 VAL VAL A . n 
A 1 7   ALA 7   156 156 ALA ALA A . n 
A 1 8   HIS 8   157 157 HIS HIS A . n 
A 1 9   GLY 9   158 158 GLY GLY A . n 
A 1 10  LEU 10  159 159 LEU LEU A . n 
A 1 11  ALA 11  160 160 ALA ALA A . n 
A 1 12  TRP 12  161 161 TRP TRP A . n 
A 1 13  SER 13  162 162 SER SER A . n 
A 1 14  TYR 14  163 163 TYR TYR A . n 
A 1 15  TYR 15  164 164 TYR TYR A . n 
A 1 16  ILE 16  165 165 ILE ILE A . n 
A 1 17  GLY 17  166 166 GLY GLY A . n 
A 1 18  TYR 18  167 167 TYR TYR A . n 
A 1 19  LEU 19  168 168 LEU LEU A . n 
A 1 20  ARG 20  169 169 ARG ARG A . n 
A 1 21  LEU 21  170 170 LEU LEU A . n 
A 1 22  ILE 22  171 171 ILE ILE A . n 
A 1 23  LEU 23  172 172 LEU LEU A . n 
A 1 24  PRO 24  173 173 PRO PRO A . n 
A 1 25  GLU 25  174 174 GLU GLU A . n 
A 1 26  LEU 26  175 175 LEU LEU A . n 
A 1 27  GLN 27  176 176 GLN GLN A . n 
A 1 28  ALA 28  177 177 ALA ALA A . n 
A 1 29  ARG 29  178 178 ARG ARG A . n 
A 1 30  ILE 30  179 179 ILE ILE A . n 
A 1 31  ARG 31  180 180 ARG ARG A . n 
A 1 32  THR 32  181 181 THR THR A . n 
A 1 33  TYR 33  182 182 TYR TYR A . n 
A 1 34  ASN 34  183 183 ASN ASN A . n 
A 1 35  GLN 35  184 184 GLN GLN A . n 
A 1 36  HIS 36  185 185 HIS HIS A . n 
A 1 37  TYR 37  186 186 TYR TYR A . n 
A 1 38  ASN 38  187 187 ASN ASN A . n 
A 1 39  ASN 39  188 ?   ?   ?   A . n 
A 1 40  LEU 40  189 189 LEU LEU A . n 
A 1 41  LEU 41  190 190 LEU LEU A . n 
A 1 42  ARG 42  191 191 ARG ARG A . n 
A 1 43  GLY 43  192 192 GLY GLY A . n 
A 1 44  ALA 44  193 193 ALA ALA A . n 
A 1 45  VAL 45  194 194 VAL VAL A . n 
A 1 46  SER 46  195 195 SER SER A . n 
A 1 47  GLN 47  196 196 GLN GLN A . n 
A 1 48  ARG 48  197 197 ARG ARG A . n 
A 1 49  LEU 49  198 198 LEU LEU A . n 
A 1 50  TYR 50  199 199 TYR TYR A . n 
A 1 51  ILE 51  200 200 ILE ILE A . n 
A 1 52  LEU 52  201 201 LEU LEU A . n 
A 1 53  LEU 53  202 202 LEU LEU A . n 
A 1 54  PRO 54  203 203 PRO PRO A . n 
A 1 55  LEU 55  204 204 LEU LEU A . n 
A 1 56  ASP 56  205 205 ASP ASP A . n 
A 1 57  CYS 57  206 206 CYS CYS A . n 
A 1 58  GLY 58  207 207 GLY GLY A . n 
A 1 59  VAL 59  208 208 VAL VAL A . n 
A 1 60  PRO 60  209 209 PRO PRO A . n 
A 1 61  ASP 61  210 210 ASP ASP A . n 
A 1 62  ASN 62  211 211 ASN ASN A . n 
A 1 63  LEU 63  212 212 LEU LEU A . n 
A 1 64  SER 64  213 213 SER SER A . n 
A 1 65  MET 65  214 214 MET MET A . n 
A 1 66  ALA 66  215 215 ALA ALA A . n 
A 1 67  ASP 67  216 216 ASP ASP A . n 
A 1 68  PRO 68  217 217 PRO PRO A . n 
A 1 69  ASN 69  218 218 ASN ASN A . n 
A 1 70  ILE 70  219 219 ILE ILE A . n 
A 1 71  ARG 71  220 220 ARG ARG A . n 
A 1 72  PHE 72  221 221 PHE PHE A . n 
A 1 73  LEU 73  222 222 LEU LEU A . n 
A 1 74  ASP 74  223 223 ASP ASP A . n 
A 1 75  LYS 75  224 224 LYS LYS A . n 
A 1 76  LEU 76  225 225 LEU LEU A . n 
A 1 77  PRO 77  226 226 PRO PRO A . n 
A 1 78  GLN 78  227 227 GLN GLN A . n 
A 1 79  GLN 79  228 228 GLN GLN A . n 
A 1 80  THR 80  229 229 THR THR A . n 
A 1 81  GLY 81  230 230 GLY GLY A . n 
A 1 82  ASP 82  231 231 ASP ASP A . n 
A 1 83  HIS 83  232 232 HIS HIS A . n 
A 1 84  ALA 84  233 233 ALA ALA A . n 
A 1 85  GLY 85  234 234 GLY GLY A . n 
A 1 86  ILE 86  235 235 ILE ILE A . n 
A 1 87  LYS 87  236 236 LYS LYS A . n 
A 1 88  ASP 88  237 237 ASP ASP A . n 
A 1 89  ARG 89  238 238 ARG ARG A . n 
A 1 90  VAL 90  239 239 VAL VAL A . n 
A 1 91  TYR 91  240 240 TYR TYR A . n 
A 1 92  SER 92  241 241 SER SER A . n 
A 1 93  ASN 93  242 242 ASN ASN A . n 
A 1 94  SER 94  243 243 SER SER A . n 
A 1 95  ILE 95  244 244 ILE ILE A . n 
A 1 96  TYR 96  245 245 TYR TYR A . n 
A 1 97  GLU 97  246 246 GLU GLU A . n 
A 1 98  LEU 98  247 247 LEU LEU A . n 
A 1 99  LEU 99  248 248 LEU LEU A . n 
A 1 100 GLU 100 249 249 GLU GLU A . n 
A 1 101 ASN 101 250 250 ASN ASN A . n 
A 1 102 GLY 102 251 251 GLY GLY A . n 
A 1 103 GLN 103 252 252 GLN GLN A . n 
A 1 104 ARG 104 253 253 ARG ARG A . n 
A 1 105 ALA 105 254 254 ALA ALA A . n 
A 1 106 GLY 106 255 255 GLY GLY A . n 
A 1 107 THR 107 256 256 THR THR A . n 
A 1 108 CYS 108 257 257 CYS CYS A . n 
A 1 109 VAL 109 258 258 VAL VAL A . n 
A 1 110 LEU 110 259 259 LEU LEU A . n 
A 1 111 GLU 111 260 260 GLU GLU A . n 
A 1 112 TYR 112 261 261 TYR TYR A . n 
A 1 113 ALA 113 262 262 ALA ALA A . n 
A 1 114 THR 114 263 263 THR THR A . n 
A 1 115 PRO 115 264 264 PRO PRO A . n 
A 1 116 LEU 116 265 265 LEU LEU A . n 
A 1 117 GLN 117 266 266 GLN GLN A . n 
A 1 118 THR 118 267 267 THR THR A . n 
A 1 119 LEU 119 268 268 LEU LEU A . n 
A 1 120 PHE 120 269 269 PHE PHE A . n 
A 1 121 ALA 121 270 270 ALA ALA A . n 
A 1 122 MET 122 271 271 MET MET A . n 
A 1 123 SER 123 272 272 SER SER A . n 
A 1 124 GLN 124 273 273 GLN GLN A . n 
A 1 125 TYR 125 274 ?   ?   ?   A . n 
A 1 126 SER 126 275 ?   ?   ?   A . n 
A 1 127 GLN 127 276 ?   ?   ?   A . n 
A 1 128 ALA 128 277 ?   ?   ?   A . n 
A 1 129 GLY 129 278 ?   ?   ?   A . n 
A 1 130 PHE 130 279 279 PHE PHE A . n 
A 1 131 SER 131 280 280 SER SER A . n 
A 1 132 ARG 132 281 281 ARG ARG A . n 
A 1 133 GLU 133 282 282 GLU GLU A . n 
A 1 134 ASP 134 283 283 ASP ASP A . n 
A 1 135 ARG 135 284 284 ARG ARG A . n 
A 1 136 LEU 136 285 285 LEU LEU A . n 
A 1 137 GLU 137 286 286 GLU GLU A . n 
A 1 138 GLN 138 287 287 GLN GLN A . n 
A 1 139 ALA 139 288 288 ALA ALA A . n 
A 1 140 LYS 140 289 289 LYS LYS A . n 
A 1 141 LEU 141 290 290 LEU LEU A . n 
A 1 142 PHE 142 291 291 PHE PHE A . n 
A 1 143 CYS 143 292 292 CYS CYS A . n 
A 1 144 ARG 144 293 293 ARG ARG A . n 
A 1 145 THR 145 294 294 THR THR A . n 
A 1 146 LEU 146 295 295 LEU LEU A . n 
A 1 147 GLU 147 296 296 GLU GLU A . n 
A 1 148 ASP 148 297 297 ASP ASP A . n 
A 1 149 ILE 149 298 298 ILE ILE A . n 
A 1 150 LEU 150 299 299 LEU LEU A . n 
A 1 151 ALA 151 300 300 ALA ALA A . n 
A 1 152 ASP 152 301 301 ASP ASP A . n 
A 1 153 ALA 153 302 302 ALA ALA A . n 
A 1 154 PRO 154 303 303 PRO PRO A . n 
A 1 155 GLU 155 304 304 GLU GLU A . n 
A 1 156 SER 156 305 305 SER SER A . n 
A 1 157 GLN 157 306 306 GLN GLN A . n 
A 1 158 ASN 158 307 307 ASN ASN A . n 
A 1 159 ASN 159 308 308 ASN ASN A . n 
A 1 160 CYS 160 309 309 CYS CYS A . n 
A 1 161 ARG 161 310 310 ARG ARG A . n 
A 1 162 LEU 162 311 311 LEU LEU A . n 
A 1 163 ILE 163 312 312 ILE ILE A . n 
A 1 164 ALA 164 313 313 ALA ALA A . n 
A 1 165 TYR 165 314 314 TYR TYR A . n 
A 1 166 GLN 166 315 315 GLN GLN A . n 
A 1 167 GLU 167 316 316 GLU GLU A . n 
A 1 168 PRO 168 317 317 PRO PRO A . n 
A 1 169 ALA 169 318 318 ALA ALA A . n 
A 1 170 ASP 170 319 319 ASP ASP A . n 
A 1 171 ASP 171 320 320 ASP ASP A . n 
A 1 172 SER 172 321 321 SER SER A . n 
A 1 173 SER 173 322 ?   ?   ?   A . n 
A 1 174 PHE 174 323 ?   ?   ?   A . n 
A 1 175 SER 175 324 324 SER SER A . n 
A 1 176 LEU 176 325 325 LEU LEU A . n 
A 1 177 SER 177 326 326 SER SER A . n 
A 1 178 GLN 178 327 327 GLN GLN A . n 
A 1 179 GLU 179 328 328 GLU GLU A . n 
A 1 180 VAL 180 329 329 VAL VAL A . n 
A 1 181 LEU 181 330 330 LEU LEU A . n 
A 1 182 ARG 182 331 331 ARG ARG A . n 
A 1 183 HIS 183 332 332 HIS HIS A . n 
A 1 184 LEU 184 333 333 LEU LEU A . n 
A 1 185 ARG 185 334 334 ARG ARG A . n 
A 1 186 GLN 186 335 335 GLN GLN A . n 
A 1 187 GLU 187 336 336 GLU GLU A . n 
A 1 188 GLU 188 337 337 GLU GLU A . n 
A 1 189 LYS 189 338 338 LYS LYS A . n 
A 1 190 GLU 190 339 339 GLU GLU A . n 
A 1 191 GLU 191 340 ?   ?   ?   A . n 
A 1 192 VAL 192 341 ?   ?   ?   A . n 
A 1 193 THR 193 342 ?   ?   ?   A . n 
A 1 194 VAL 194 343 ?   ?   ?   A . n 
A 1 195 GLY 195 344 ?   ?   ?   A . n 
A 1 196 SER 196 345 ?   ?   ?   A . n 
A 1 197 LEU 197 346 ?   ?   ?   A . n 
A 1 198 LYS 198 347 ?   ?   ?   A . n 
A 1 199 THR 199 348 ?   ?   ?   A . n 
A 1 200 SER 200 349 ?   ?   ?   A . n 
A 1 201 ALA 201 350 ?   ?   ?   A . n 
A 1 202 VAL 202 351 ?   ?   ?   A . n 
A 1 203 PRO 203 352 ?   ?   ?   A . n 
A 1 204 SER 204 353 ?   ?   ?   A . n 
A 1 205 THR 205 354 ?   ?   ?   A . n 
A 1 206 SER 206 355 ?   ?   ?   A . n 
A 1 207 THR 207 356 ?   ?   ?   A . n 
A 1 208 MET 208 357 ?   ?   ?   A . n 
A 1 209 SER 209 358 ?   ?   ?   A . n 
A 1 210 GLN 210 359 ?   ?   ?   A . n 
A 1 211 GLU 211 360 ?   ?   ?   A . n 
A 1 212 PRO 212 361 ?   ?   ?   A . n 
A 1 213 GLU 213 362 ?   ?   ?   A . n 
A 1 214 LEU 214 363 ?   ?   ?   A . n 
A 1 215 LEU 215 364 ?   ?   ?   A . n 
A 1 216 ILE 216 365 ?   ?   ?   A . n 
A 1 217 SER 217 366 ?   ?   ?   A . n 
A 1 218 GLY 218 367 ?   ?   ?   A . n 
A 1 219 MET 219 368 ?   ?   ?   A . n 
A 1 220 GLU 220 369 ?   ?   ?   A . n 
A 1 221 LYS 221 370 ?   ?   ?   A . n 
A 1 222 PRO 222 371 ?   ?   ?   A . n 
A 1 223 LEU 223 372 ?   ?   ?   A . n 
A 1 224 PRO 224 373 ?   ?   ?   A . n 
A 1 225 LEU 225 374 ?   ?   ?   A . n 
A 1 226 ARG 226 375 ?   ?   ?   A . n 
A 1 227 THR 227 376 ?   ?   ?   A . n 
A 1 228 ASP 228 377 ?   ?   ?   A . n 
A 1 229 PHE 229 378 ?   ?   ?   A . n 
A 1 230 SER 230 379 ?   ?   ?   A . n 
# 
_pdbx_contact_author.id                 2 
_pdbx_contact_author.email              bianjl@cpu.edu.cn 
_pdbx_contact_author.name_first         Jinlei 
_pdbx_contact_author.name_last          Bian 
_pdbx_contact_author.name_mi            ? 
_pdbx_contact_author.role               'principal investigator/group leader' 
_pdbx_contact_author.identifier_ORCID   0000-0003-4552-1195 
# 
loop_
_pdbx_nonpoly_scheme.asym_id 
_pdbx_nonpoly_scheme.entity_id 
_pdbx_nonpoly_scheme.mon_id 
_pdbx_nonpoly_scheme.ndb_seq_num 
_pdbx_nonpoly_scheme.pdb_seq_num 
_pdbx_nonpoly_scheme.auth_seq_num 
_pdbx_nonpoly_scheme.pdb_mon_id 
_pdbx_nonpoly_scheme.auth_mon_id 
_pdbx_nonpoly_scheme.pdb_strand_id 
_pdbx_nonpoly_scheme.pdb_ins_code 
B 2 A9X 1 401 401 A9X LIG A . 
C 3 HOH 1 501 10  HOH HOH A . 
C 3 HOH 2 502 1   HOH HOH A . 
C 3 HOH 3 503 7   HOH HOH A . 
C 3 HOH 4 504 8   HOH HOH A . 
# 
_pdbx_struct_assembly.id                   1 
_pdbx_struct_assembly.details              author_and_software_defined_assembly 
_pdbx_struct_assembly.method_details       PISA 
_pdbx_struct_assembly.oligomeric_details   dimeric 
_pdbx_struct_assembly.oligomeric_count     2 
# 
_pdbx_struct_assembly_gen.assembly_id       1 
_pdbx_struct_assembly_gen.oper_expression   1,2 
_pdbx_struct_assembly_gen.asym_id_list      A,B,C 
# 
loop_
_pdbx_struct_assembly_prop.biol_id 
_pdbx_struct_assembly_prop.type 
_pdbx_struct_assembly_prop.value 
_pdbx_struct_assembly_prop.details 
1 'ABSA (A^2)' 3490  ? 
1 MORE         -21   ? 
1 'SSA (A^2)'  16310 ? 
# 
loop_
_pdbx_struct_oper_list.id 
_pdbx_struct_oper_list.type 
_pdbx_struct_oper_list.name 
_pdbx_struct_oper_list.symmetry_operation 
_pdbx_struct_oper_list.matrix[1][1] 
_pdbx_struct_oper_list.matrix[1][2] 
_pdbx_struct_oper_list.matrix[1][3] 
_pdbx_struct_oper_list.vector[1] 
_pdbx_struct_oper_list.matrix[2][1] 
_pdbx_struct_oper_list.matrix[2][2] 
_pdbx_struct_oper_list.matrix[2][3] 
_pdbx_struct_oper_list.vector[2] 
_pdbx_struct_oper_list.matrix[3][1] 
_pdbx_struct_oper_list.matrix[3][2] 
_pdbx_struct_oper_list.matrix[3][3] 
_pdbx_struct_oper_list.vector[3] 
1 'identity operation'         1_555 x,y,z   1.0000000000 0.0000000000  0.0000000000 0.0000000000  0.0000000000  1.0000000000  0.0000000000  0.0000000000   0.0000000000 0.0000000000  1.0000000000  0.0000000000  
2 'crystal symmetry operation' 2_555 -x,y,-z 0.0336330428 -0.1236555261 0.9917550753 -2.0298520213 -0.1236555261 -0.9852068495 -0.1186455836 -27.3839498661 0.9917550753 -0.1186455836 -0.0484261932 -1.2987628074 
# 
loop_
_pdbx_audit_revision_history.ordinal 
_pdbx_audit_revision_history.data_content_type 
_pdbx_audit_revision_history.major_revision 
_pdbx_audit_revision_history.minor_revision 
_pdbx_audit_revision_history.revision_date 
1 'Structure model' 1 0 2022-09-28 
2 'Structure model' 1 1 2022-12-07 
3 'Structure model' 1 2 2023-11-29 
# 
_pdbx_audit_revision_details.ordinal             1 
_pdbx_audit_revision_details.revision_ordinal    1 
_pdbx_audit_revision_details.data_content_type   'Structure model' 
_pdbx_audit_revision_details.provider            repository 
_pdbx_audit_revision_details.type                'Initial release' 
_pdbx_audit_revision_details.description         ? 
_pdbx_audit_revision_details.details             ? 
# 
loop_
_pdbx_audit_revision_group.ordinal 
_pdbx_audit_revision_group.revision_ordinal 
_pdbx_audit_revision_group.data_content_type 
_pdbx_audit_revision_group.group 
1 2 'Structure model' 'Database references'    
2 3 'Structure model' 'Data collection'        
3 3 'Structure model' 'Refinement description' 
# 
loop_
_pdbx_audit_revision_category.ordinal 
_pdbx_audit_revision_category.revision_ordinal 
_pdbx_audit_revision_category.data_content_type 
_pdbx_audit_revision_category.category 
1 2 'Structure model' citation                      
2 2 'Structure model' citation_author               
3 3 'Structure model' chem_comp_atom                
4 3 'Structure model' chem_comp_bond                
5 3 'Structure model' pdbx_initial_refinement_model 
# 
loop_
_pdbx_audit_revision_item.ordinal 
_pdbx_audit_revision_item.revision_ordinal 
_pdbx_audit_revision_item.data_content_type 
_pdbx_audit_revision_item.item 
1 2 'Structure model' '_citation.journal_volume'          
2 2 'Structure model' '_citation.page_first'              
3 2 'Structure model' '_citation.page_last'               
4 2 'Structure model' '_citation_author.identifier_ORCID' 
# 
loop_
_software.citation_id 
_software.classification 
_software.compiler_name 
_software.compiler_version 
_software.contact_author 
_software.contact_author_email 
_software.date 
_software.description 
_software.dependencies 
_software.hardware 
_software.language 
_software.location 
_software.mods 
_software.name 
_software.os 
_software.os_version 
_software.type 
_software.version 
_software.pdbx_ordinal 
? 'data scaling'    ? ? ? ? ? ? ? ? ? ? ? Aimless     ? ? ? 0.7.7     1 
? refinement        ? ? ? ? ? ? ? ? ? ? ? PHENIX      ? ? ? 1.19_4092 2 
? 'data extraction' ? ? ? ? ? ? ? ? ? ? ? PDB_EXTRACT ? ? ? 3.27      3 
? 'data reduction'  ? ? ? ? ? ? ? ? ? ? ? XDS         ? ? ? .         4 
? phasing           ? ? ? ? ? ? ? ? ? ? ? PHASER      ? ? ? .         5 
# 
_pdbx_entry_details.entry_id                 7X9Q 
_pdbx_entry_details.has_ligand_of_interest   Y 
_pdbx_entry_details.compound_details         ? 
_pdbx_entry_details.source_details           ? 
_pdbx_entry_details.nonpolymer_details       ? 
_pdbx_entry_details.sequence_details         ? 
# 
loop_
_pdbx_validate_torsion.id 
_pdbx_validate_torsion.PDB_model_num 
_pdbx_validate_torsion.auth_comp_id 
_pdbx_validate_torsion.auth_asym_id 
_pdbx_validate_torsion.auth_seq_id 
_pdbx_validate_torsion.PDB_ins_code 
_pdbx_validate_torsion.label_alt_id 
_pdbx_validate_torsion.phi 
_pdbx_validate_torsion.psi 
1 1 TYR A 167 ? ? -139.96 -63.90  
2 1 GLN A 184 ? ? -89.65  -72.18  
3 1 GLN A 196 ? ? -79.97  29.44   
4 1 ASN A 211 ? ? -154.00 -149.65 
5 1 ALA A 215 ? ? 24.06   76.84   
6 1 ASP A 216 ? ? -166.90 88.41   
7 1 PRO A 217 ? ? -38.97  -27.77  
8 1 HIS A 232 ? ? -162.57 114.64  
9 1 ASN A 307 ? ? 30.54   51.23   
# 
loop_
_pdbx_unobs_or_zero_occ_atoms.id 
_pdbx_unobs_or_zero_occ_atoms.PDB_model_num 
_pdbx_unobs_or_zero_occ_atoms.polymer_flag 
_pdbx_unobs_or_zero_occ_atoms.occupancy_flag 
_pdbx_unobs_or_zero_occ_atoms.auth_asym_id 
_pdbx_unobs_or_zero_occ_atoms.auth_comp_id 
_pdbx_unobs_or_zero_occ_atoms.auth_seq_id 
_pdbx_unobs_or_zero_occ_atoms.PDB_ins_code 
_pdbx_unobs_or_zero_occ_atoms.auth_atom_id 
_pdbx_unobs_or_zero_occ_atoms.label_alt_id 
_pdbx_unobs_or_zero_occ_atoms.label_asym_id 
_pdbx_unobs_or_zero_occ_atoms.label_comp_id 
_pdbx_unobs_or_zero_occ_atoms.label_seq_id 
_pdbx_unobs_or_zero_occ_atoms.label_atom_id 
1  1 Y 1 A PHE 153 ? CG  ? A PHE 4   CG  
2  1 Y 1 A PHE 153 ? CD1 ? A PHE 4   CD1 
3  1 Y 1 A PHE 153 ? CD2 ? A PHE 4   CD2 
4  1 Y 1 A PHE 153 ? CE1 ? A PHE 4   CE1 
5  1 Y 1 A PHE 153 ? CE2 ? A PHE 4   CE2 
6  1 Y 1 A PHE 153 ? CZ  ? A PHE 4   CZ  
7  1 Y 1 A ARG 180 ? CG  ? A ARG 31  CG  
8  1 Y 1 A ARG 180 ? CD  ? A ARG 31  CD  
9  1 Y 1 A ARG 180 ? NE  ? A ARG 31  NE  
10 1 Y 1 A ARG 180 ? CZ  ? A ARG 31  CZ  
11 1 Y 1 A ARG 180 ? NH1 ? A ARG 31  NH1 
12 1 Y 1 A ARG 180 ? NH2 ? A ARG 31  NH2 
13 1 Y 1 A GLN 184 ? CG  ? A GLN 35  CG  
14 1 Y 1 A GLN 184 ? CD  ? A GLN 35  CD  
15 1 Y 1 A GLN 184 ? OE1 ? A GLN 35  OE1 
16 1 Y 1 A GLN 184 ? NE2 ? A GLN 35  NE2 
17 1 Y 1 A ASN 187 ? CG  ? A ASN 38  CG  
18 1 Y 1 A ASN 187 ? OD1 ? A ASN 38  OD1 
19 1 Y 1 A ASN 187 ? ND2 ? A ASN 38  ND2 
20 1 Y 1 A LEU 190 ? CG  ? A LEU 41  CG  
21 1 Y 1 A LEU 190 ? CD1 ? A LEU 41  CD1 
22 1 Y 1 A LEU 190 ? CD2 ? A LEU 41  CD2 
23 1 Y 1 A ARG 191 ? CG  ? A ARG 42  CG  
24 1 Y 1 A ARG 191 ? CD  ? A ARG 42  CD  
25 1 Y 1 A ARG 191 ? NE  ? A ARG 42  NE  
26 1 Y 1 A ARG 191 ? CZ  ? A ARG 42  CZ  
27 1 Y 1 A ARG 191 ? NH1 ? A ARG 42  NH1 
28 1 Y 1 A ARG 191 ? NH2 ? A ARG 42  NH2 
29 1 Y 1 A GLN 196 ? CG  ? A GLN 47  CG  
30 1 Y 1 A GLN 196 ? CD  ? A GLN 47  CD  
31 1 Y 1 A GLN 196 ? OE1 ? A GLN 47  OE1 
32 1 Y 1 A GLN 196 ? NE2 ? A GLN 47  NE2 
33 1 Y 1 A ASP 216 ? CG  ? A ASP 67  CG  
34 1 Y 1 A ASP 216 ? OD1 ? A ASP 67  OD1 
35 1 Y 1 A ASP 216 ? OD2 ? A ASP 67  OD2 
36 1 Y 1 A PHE 279 ? CG  ? A PHE 130 CG  
37 1 Y 1 A PHE 279 ? CD1 ? A PHE 130 CD1 
38 1 Y 1 A PHE 279 ? CD2 ? A PHE 130 CD2 
39 1 Y 1 A PHE 279 ? CE1 ? A PHE 130 CE1 
40 1 Y 1 A PHE 279 ? CE2 ? A PHE 130 CE2 
41 1 Y 1 A PHE 279 ? CZ  ? A PHE 130 CZ  
42 1 Y 1 A ARG 281 ? CG  ? A ARG 132 CG  
43 1 Y 1 A ARG 281 ? CD  ? A ARG 132 CD  
44 1 Y 1 A ARG 281 ? NE  ? A ARG 132 NE  
45 1 Y 1 A ARG 281 ? CZ  ? A ARG 132 CZ  
46 1 Y 1 A ARG 281 ? NH1 ? A ARG 132 NH1 
47 1 Y 1 A ARG 281 ? NH2 ? A ARG 132 NH2 
48 1 Y 1 A GLU 316 ? CG  ? A GLU 167 CG  
49 1 Y 1 A GLU 316 ? CD  ? A GLU 167 CD  
50 1 Y 1 A GLU 316 ? OE1 ? A GLU 167 OE1 
51 1 Y 1 A GLU 316 ? OE2 ? A GLU 167 OE2 
52 1 Y 1 A ASP 319 ? CG  ? A ASP 170 CG  
53 1 Y 1 A ASP 319 ? OD1 ? A ASP 170 OD1 
54 1 Y 1 A ASP 319 ? OD2 ? A ASP 170 OD2 
55 1 Y 1 A ASP 320 ? CG  ? A ASP 171 CG  
56 1 Y 1 A ASP 320 ? OD1 ? A ASP 171 OD1 
57 1 Y 1 A ASP 320 ? OD2 ? A ASP 171 OD2 
58 1 Y 1 A ARG 331 ? CG  ? A ARG 182 CG  
59 1 Y 1 A ARG 331 ? CD  ? A ARG 182 CD  
60 1 Y 1 A ARG 331 ? NE  ? A ARG 182 NE  
61 1 Y 1 A ARG 331 ? CZ  ? A ARG 182 CZ  
62 1 Y 1 A ARG 331 ? NH1 ? A ARG 182 NH1 
63 1 Y 1 A ARG 331 ? NH2 ? A ARG 182 NH2 
64 1 Y 1 A GLN 335 ? CG  ? A GLN 186 CG  
65 1 Y 1 A GLN 335 ? CD  ? A GLN 186 CD  
66 1 Y 1 A GLN 335 ? OE1 ? A GLN 186 OE1 
67 1 Y 1 A GLN 335 ? NE2 ? A GLN 186 NE2 
68 1 Y 1 A GLU 337 ? CG  ? A GLU 188 CG  
69 1 Y 1 A GLU 337 ? CD  ? A GLU 188 CD  
70 1 Y 1 A GLU 337 ? OE1 ? A GLU 188 OE1 
71 1 Y 1 A GLU 337 ? OE2 ? A GLU 188 OE2 
72 1 Y 1 A GLU 339 ? CG  ? A GLU 190 CG  
73 1 Y 1 A GLU 339 ? CD  ? A GLU 190 CD  
74 1 Y 1 A GLU 339 ? OE1 ? A GLU 190 OE1 
75 1 Y 1 A GLU 339 ? OE2 ? A GLU 190 OE2 
# 
loop_
_pdbx_unobs_or_zero_occ_residues.id 
_pdbx_unobs_or_zero_occ_residues.PDB_model_num 
_pdbx_unobs_or_zero_occ_residues.polymer_flag 
_pdbx_unobs_or_zero_occ_residues.occupancy_flag 
_pdbx_unobs_or_zero_occ_residues.auth_asym_id 
_pdbx_unobs_or_zero_occ_residues.auth_comp_id 
_pdbx_unobs_or_zero_occ_residues.auth_seq_id 
_pdbx_unobs_or_zero_occ_residues.PDB_ins_code 
_pdbx_unobs_or_zero_occ_residues.label_asym_id 
_pdbx_unobs_or_zero_occ_residues.label_comp_id 
_pdbx_unobs_or_zero_occ_residues.label_seq_id 
1  1 Y 1 A LYS 150 ? A LYS 1   
2  1 Y 1 A GLY 151 ? A GLY 2   
3  1 Y 1 A ASN 152 ? A ASN 3   
4  1 Y 1 A ASN 188 ? A ASN 39  
5  1 Y 1 A TYR 274 ? A TYR 125 
6  1 Y 1 A SER 275 ? A SER 126 
7  1 Y 1 A GLN 276 ? A GLN 127 
8  1 Y 1 A ALA 277 ? A ALA 128 
9  1 Y 1 A GLY 278 ? A GLY 129 
10 1 Y 1 A SER 322 ? A SER 173 
11 1 Y 1 A PHE 323 ? A PHE 174 
12 1 Y 1 A GLU 340 ? A GLU 191 
13 1 Y 1 A VAL 341 ? A VAL 192 
14 1 Y 1 A THR 342 ? A THR 193 
15 1 Y 1 A VAL 343 ? A VAL 194 
16 1 Y 1 A GLY 344 ? A GLY 195 
17 1 Y 1 A SER 345 ? A SER 196 
18 1 Y 1 A LEU 346 ? A LEU 197 
19 1 Y 1 A LYS 347 ? A LYS 198 
20 1 Y 1 A THR 348 ? A THR 199 
21 1 Y 1 A SER 349 ? A SER 200 
22 1 Y 1 A ALA 350 ? A ALA 201 
23 1 Y 1 A VAL 351 ? A VAL 202 
24 1 Y 1 A PRO 352 ? A PRO 203 
25 1 Y 1 A SER 353 ? A SER 204 
26 1 Y 1 A THR 354 ? A THR 205 
27 1 Y 1 A SER 355 ? A SER 206 
28 1 Y 1 A THR 356 ? A THR 207 
29 1 Y 1 A MET 357 ? A MET 208 
30 1 Y 1 A SER 358 ? A SER 209 
31 1 Y 1 A GLN 359 ? A GLN 210 
32 1 Y 1 A GLU 360 ? A GLU 211 
33 1 Y 1 A PRO 361 ? A PRO 212 
34 1 Y 1 A GLU 362 ? A GLU 213 
35 1 Y 1 A LEU 363 ? A LEU 214 
36 1 Y 1 A LEU 364 ? A LEU 215 
37 1 Y 1 A ILE 365 ? A ILE 216 
38 1 Y 1 A SER 366 ? A SER 217 
39 1 Y 1 A GLY 367 ? A GLY 218 
40 1 Y 1 A MET 368 ? A MET 219 
41 1 Y 1 A GLU 369 ? A GLU 220 
42 1 Y 1 A LYS 370 ? A LYS 221 
43 1 Y 1 A PRO 371 ? A PRO 222 
44 1 Y 1 A LEU 372 ? A LEU 223 
45 1 Y 1 A PRO 373 ? A PRO 224 
46 1 Y 1 A LEU 374 ? A LEU 225 
47 1 Y 1 A ARG 375 ? A ARG 226 
48 1 Y 1 A THR 376 ? A THR 227 
49 1 Y 1 A ASP 377 ? A ASP 228 
50 1 Y 1 A PHE 378 ? A PHE 229 
51 1 Y 1 A SER 379 ? A SER 230 
# 
loop_
_chem_comp_atom.comp_id 
_chem_comp_atom.atom_id 
_chem_comp_atom.type_symbol 
_chem_comp_atom.pdbx_aromatic_flag 
_chem_comp_atom.pdbx_stereo_config 
_chem_comp_atom.pdbx_ordinal 
A9X C10  C  Y N 1   
A9X C13  C  N R 2   
A9X C15  C  N N 3   
A9X C20  C  Y N 4   
A9X C21  C  Y N 5   
A9X C22  C  Y N 6   
A9X C01  C  N N 7   
A9X C03  C  Y N 8   
A9X C04  C  Y N 9   
A9X C06  C  N N 10  
A9X C07  C  Y N 11  
A9X C08  C  Y N 12  
A9X C11  C  N N 13  
A9X C12  C  N N 14  
A9X C14  C  N N 15  
A9X C16  C  N N 16  
A9X O02  O  N N 17  
A9X O05  O  N N 18  
A9X O17  O  N N 19  
A9X O18  O  N N 20  
A9X O19  O  N N 21  
A9X SE09 SE Y N 22  
A9X H1   H  N N 23  
A9X H2   H  N N 24  
A9X H3   H  N N 25  
A9X H4   H  N N 26  
A9X H5   H  N N 27  
A9X H6   H  N N 28  
A9X H7   H  N N 29  
A9X H8   H  N N 30  
A9X H9   H  N N 31  
A9X H10  H  N N 32  
A9X H11  H  N N 33  
A9X H12  H  N N 34  
A9X H13  H  N N 35  
A9X H14  H  N N 36  
A9X H15  H  N N 37  
A9X H16  H  N N 38  
A9X H17  H  N N 39  
A9X H18  H  N N 40  
ALA N    N  N N 41  
ALA CA   C  N S 42  
ALA C    C  N N 43  
ALA O    O  N N 44  
ALA CB   C  N N 45  
ALA OXT  O  N N 46  
ALA H    H  N N 47  
ALA H2   H  N N 48  
ALA HA   H  N N 49  
ALA HB1  H  N N 50  
ALA HB2  H  N N 51  
ALA HB3  H  N N 52  
ALA HXT  H  N N 53  
ARG N    N  N N 54  
ARG CA   C  N S 55  
ARG C    C  N N 56  
ARG O    O  N N 57  
ARG CB   C  N N 58  
ARG CG   C  N N 59  
ARG CD   C  N N 60  
ARG NE   N  N N 61  
ARG CZ   C  N N 62  
ARG NH1  N  N N 63  
ARG NH2  N  N N 64  
ARG OXT  O  N N 65  
ARG H    H  N N 66  
ARG H2   H  N N 67  
ARG HA   H  N N 68  
ARG HB2  H  N N 69  
ARG HB3  H  N N 70  
ARG HG2  H  N N 71  
ARG HG3  H  N N 72  
ARG HD2  H  N N 73  
ARG HD3  H  N N 74  
ARG HE   H  N N 75  
ARG HH11 H  N N 76  
ARG HH12 H  N N 77  
ARG HH21 H  N N 78  
ARG HH22 H  N N 79  
ARG HXT  H  N N 80  
ASN N    N  N N 81  
ASN CA   C  N S 82  
ASN C    C  N N 83  
ASN O    O  N N 84  
ASN CB   C  N N 85  
ASN CG   C  N N 86  
ASN OD1  O  N N 87  
ASN ND2  N  N N 88  
ASN OXT  O  N N 89  
ASN H    H  N N 90  
ASN H2   H  N N 91  
ASN HA   H  N N 92  
ASN HB2  H  N N 93  
ASN HB3  H  N N 94  
ASN HD21 H  N N 95  
ASN HD22 H  N N 96  
ASN HXT  H  N N 97  
ASP N    N  N N 98  
ASP CA   C  N S 99  
ASP C    C  N N 100 
ASP O    O  N N 101 
ASP CB   C  N N 102 
ASP CG   C  N N 103 
ASP OD1  O  N N 104 
ASP OD2  O  N N 105 
ASP OXT  O  N N 106 
ASP H    H  N N 107 
ASP H2   H  N N 108 
ASP HA   H  N N 109 
ASP HB2  H  N N 110 
ASP HB3  H  N N 111 
ASP HD2  H  N N 112 
ASP HXT  H  N N 113 
CYS N    N  N N 114 
CYS CA   C  N R 115 
CYS C    C  N N 116 
CYS O    O  N N 117 
CYS CB   C  N N 118 
CYS SG   S  N N 119 
CYS OXT  O  N N 120 
CYS H    H  N N 121 
CYS H2   H  N N 122 
CYS HA   H  N N 123 
CYS HB2  H  N N 124 
CYS HB3  H  N N 125 
CYS HG   H  N N 126 
CYS HXT  H  N N 127 
GLN N    N  N N 128 
GLN CA   C  N S 129 
GLN C    C  N N 130 
GLN O    O  N N 131 
GLN CB   C  N N 132 
GLN CG   C  N N 133 
GLN CD   C  N N 134 
GLN OE1  O  N N 135 
GLN NE2  N  N N 136 
GLN OXT  O  N N 137 
GLN H    H  N N 138 
GLN H2   H  N N 139 
GLN HA   H  N N 140 
GLN HB2  H  N N 141 
GLN HB3  H  N N 142 
GLN HG2  H  N N 143 
GLN HG3  H  N N 144 
GLN HE21 H  N N 145 
GLN HE22 H  N N 146 
GLN HXT  H  N N 147 
GLU N    N  N N 148 
GLU CA   C  N S 149 
GLU C    C  N N 150 
GLU O    O  N N 151 
GLU CB   C  N N 152 
GLU CG   C  N N 153 
GLU CD   C  N N 154 
GLU OE1  O  N N 155 
GLU OE2  O  N N 156 
GLU OXT  O  N N 157 
GLU H    H  N N 158 
GLU H2   H  N N 159 
GLU HA   H  N N 160 
GLU HB2  H  N N 161 
GLU HB3  H  N N 162 
GLU HG2  H  N N 163 
GLU HG3  H  N N 164 
GLU HE2  H  N N 165 
GLU HXT  H  N N 166 
GLY N    N  N N 167 
GLY CA   C  N N 168 
GLY C    C  N N 169 
GLY O    O  N N 170 
GLY OXT  O  N N 171 
GLY H    H  N N 172 
GLY H2   H  N N 173 
GLY HA2  H  N N 174 
GLY HA3  H  N N 175 
GLY HXT  H  N N 176 
HIS N    N  N N 177 
HIS CA   C  N S 178 
HIS C    C  N N 179 
HIS O    O  N N 180 
HIS CB   C  N N 181 
HIS CG   C  Y N 182 
HIS ND1  N  Y N 183 
HIS CD2  C  Y N 184 
HIS CE1  C  Y N 185 
HIS NE2  N  Y N 186 
HIS OXT  O  N N 187 
HIS H    H  N N 188 
HIS H2   H  N N 189 
HIS HA   H  N N 190 
HIS HB2  H  N N 191 
HIS HB3  H  N N 192 
HIS HD1  H  N N 193 
HIS HD2  H  N N 194 
HIS HE1  H  N N 195 
HIS HE2  H  N N 196 
HIS HXT  H  N N 197 
HOH O    O  N N 198 
HOH H1   H  N N 199 
HOH H2   H  N N 200 
ILE N    N  N N 201 
ILE CA   C  N S 202 
ILE C    C  N N 203 
ILE O    O  N N 204 
ILE CB   C  N S 205 
ILE CG1  C  N N 206 
ILE CG2  C  N N 207 
ILE CD1  C  N N 208 
ILE OXT  O  N N 209 
ILE H    H  N N 210 
ILE H2   H  N N 211 
ILE HA   H  N N 212 
ILE HB   H  N N 213 
ILE HG12 H  N N 214 
ILE HG13 H  N N 215 
ILE HG21 H  N N 216 
ILE HG22 H  N N 217 
ILE HG23 H  N N 218 
ILE HD11 H  N N 219 
ILE HD12 H  N N 220 
ILE HD13 H  N N 221 
ILE HXT  H  N N 222 
LEU N    N  N N 223 
LEU CA   C  N S 224 
LEU C    C  N N 225 
LEU O    O  N N 226 
LEU CB   C  N N 227 
LEU CG   C  N N 228 
LEU CD1  C  N N 229 
LEU CD2  C  N N 230 
LEU OXT  O  N N 231 
LEU H    H  N N 232 
LEU H2   H  N N 233 
LEU HA   H  N N 234 
LEU HB2  H  N N 235 
LEU HB3  H  N N 236 
LEU HG   H  N N 237 
LEU HD11 H  N N 238 
LEU HD12 H  N N 239 
LEU HD13 H  N N 240 
LEU HD21 H  N N 241 
LEU HD22 H  N N 242 
LEU HD23 H  N N 243 
LEU HXT  H  N N 244 
LYS N    N  N N 245 
LYS CA   C  N S 246 
LYS C    C  N N 247 
LYS O    O  N N 248 
LYS CB   C  N N 249 
LYS CG   C  N N 250 
LYS CD   C  N N 251 
LYS CE   C  N N 252 
LYS NZ   N  N N 253 
LYS OXT  O  N N 254 
LYS H    H  N N 255 
LYS H2   H  N N 256 
LYS HA   H  N N 257 
LYS HB2  H  N N 258 
LYS HB3  H  N N 259 
LYS HG2  H  N N 260 
LYS HG3  H  N N 261 
LYS HD2  H  N N 262 
LYS HD3  H  N N 263 
LYS HE2  H  N N 264 
LYS HE3  H  N N 265 
LYS HZ1  H  N N 266 
LYS HZ2  H  N N 267 
LYS HZ3  H  N N 268 
LYS HXT  H  N N 269 
MET N    N  N N 270 
MET CA   C  N S 271 
MET C    C  N N 272 
MET O    O  N N 273 
MET CB   C  N N 274 
MET CG   C  N N 275 
MET SD   S  N N 276 
MET CE   C  N N 277 
MET OXT  O  N N 278 
MET H    H  N N 279 
MET H2   H  N N 280 
MET HA   H  N N 281 
MET HB2  H  N N 282 
MET HB3  H  N N 283 
MET HG2  H  N N 284 
MET HG3  H  N N 285 
MET HE1  H  N N 286 
MET HE2  H  N N 287 
MET HE3  H  N N 288 
MET HXT  H  N N 289 
PHE N    N  N N 290 
PHE CA   C  N S 291 
PHE C    C  N N 292 
PHE O    O  N N 293 
PHE CB   C  N N 294 
PHE CG   C  Y N 295 
PHE CD1  C  Y N 296 
PHE CD2  C  Y N 297 
PHE CE1  C  Y N 298 
PHE CE2  C  Y N 299 
PHE CZ   C  Y N 300 
PHE OXT  O  N N 301 
PHE H    H  N N 302 
PHE H2   H  N N 303 
PHE HA   H  N N 304 
PHE HB2  H  N N 305 
PHE HB3  H  N N 306 
PHE HD1  H  N N 307 
PHE HD2  H  N N 308 
PHE HE1  H  N N 309 
PHE HE2  H  N N 310 
PHE HZ   H  N N 311 
PHE HXT  H  N N 312 
PRO N    N  N N 313 
PRO CA   C  N S 314 
PRO C    C  N N 315 
PRO O    O  N N 316 
PRO CB   C  N N 317 
PRO CG   C  N N 318 
PRO CD   C  N N 319 
PRO OXT  O  N N 320 
PRO H    H  N N 321 
PRO HA   H  N N 322 
PRO HB2  H  N N 323 
PRO HB3  H  N N 324 
PRO HG2  H  N N 325 
PRO HG3  H  N N 326 
PRO HD2  H  N N 327 
PRO HD3  H  N N 328 
PRO HXT  H  N N 329 
SER N    N  N N 330 
SER CA   C  N S 331 
SER C    C  N N 332 
SER O    O  N N 333 
SER CB   C  N N 334 
SER OG   O  N N 335 
SER OXT  O  N N 336 
SER H    H  N N 337 
SER H2   H  N N 338 
SER HA   H  N N 339 
SER HB2  H  N N 340 
SER HB3  H  N N 341 
SER HG   H  N N 342 
SER HXT  H  N N 343 
THR N    N  N N 344 
THR CA   C  N S 345 
THR C    C  N N 346 
THR O    O  N N 347 
THR CB   C  N R 348 
THR OG1  O  N N 349 
THR CG2  C  N N 350 
THR OXT  O  N N 351 
THR H    H  N N 352 
THR H2   H  N N 353 
THR HA   H  N N 354 
THR HB   H  N N 355 
THR HG1  H  N N 356 
THR HG21 H  N N 357 
THR HG22 H  N N 358 
THR HG23 H  N N 359 
THR HXT  H  N N 360 
TRP N    N  N N 361 
TRP CA   C  N S 362 
TRP C    C  N N 363 
TRP O    O  N N 364 
TRP CB   C  N N 365 
TRP CG   C  Y N 366 
TRP CD1  C  Y N 367 
TRP CD2  C  Y N 368 
TRP NE1  N  Y N 369 
TRP CE2  C  Y N 370 
TRP CE3  C  Y N 371 
TRP CZ2  C  Y N 372 
TRP CZ3  C  Y N 373 
TRP CH2  C  Y N 374 
TRP OXT  O  N N 375 
TRP H    H  N N 376 
TRP H2   H  N N 377 
TRP HA   H  N N 378 
TRP HB2  H  N N 379 
TRP HB3  H  N N 380 
TRP HD1  H  N N 381 
TRP HE1  H  N N 382 
TRP HE3  H  N N 383 
TRP HZ2  H  N N 384 
TRP HZ3  H  N N 385 
TRP HH2  H  N N 386 
TRP HXT  H  N N 387 
TYR N    N  N N 388 
TYR CA   C  N S 389 
TYR C    C  N N 390 
TYR O    O  N N 391 
TYR CB   C  N N 392 
TYR CG   C  Y N 393 
TYR CD1  C  Y N 394 
TYR CD2  C  Y N 395 
TYR CE1  C  Y N 396 
TYR CE2  C  Y N 397 
TYR CZ   C  Y N 398 
TYR OH   O  N N 399 
TYR OXT  O  N N 400 
TYR H    H  N N 401 
TYR H2   H  N N 402 
TYR HA   H  N N 403 
TYR HB2  H  N N 404 
TYR HB3  H  N N 405 
TYR HD1  H  N N 406 
TYR HD2  H  N N 407 
TYR HE1  H  N N 408 
TYR HE2  H  N N 409 
TYR HH   H  N N 410 
TYR HXT  H  N N 411 
VAL N    N  N N 412 
VAL CA   C  N S 413 
VAL C    C  N N 414 
VAL O    O  N N 415 
VAL CB   C  N N 416 
VAL CG1  C  N N 417 
VAL CG2  C  N N 418 
VAL OXT  O  N N 419 
VAL H    H  N N 420 
VAL H2   H  N N 421 
VAL HA   H  N N 422 
VAL HB   H  N N 423 
VAL HG11 H  N N 424 
VAL HG12 H  N N 425 
VAL HG13 H  N N 426 
VAL HG21 H  N N 427 
VAL HG22 H  N N 428 
VAL HG23 H  N N 429 
VAL HXT  H  N N 430 
# 
loop_
_chem_comp_bond.comp_id 
_chem_comp_bond.atom_id_1 
_chem_comp_bond.atom_id_2 
_chem_comp_bond.value_order 
_chem_comp_bond.pdbx_aromatic_flag 
_chem_comp_bond.pdbx_stereo_config 
_chem_comp_bond.pdbx_ordinal 
A9X C15  C14  sing N N 1   
A9X C14  C13  sing N N 2   
A9X C13  C12  sing N N 3   
A9X C13  C16  sing N N 4   
A9X C12  C11  sing N N 5   
A9X C16  O17  doub N N 6   
A9X C16  O18  sing N N 7   
A9X C11  O19  doub N N 8   
A9X C11  C10  sing N N 9   
A9X C20  C10  doub Y N 10  
A9X C20  C21  sing Y N 11  
A9X C10  SE09 sing Y N 12  
A9X C01  O02  sing N N 13  
A9X C22  C21  doub Y N 14  
A9X C22  C03  sing Y N 15  
A9X C21  C08  sing Y N 16  
A9X O02  C03  sing N N 17  
A9X C03  C04  doub Y N 18  
A9X SE09 C08  sing Y N 19  
A9X C08  C07  doub Y N 20  
A9X C04  C07  sing Y N 21  
A9X C04  O05  sing N N 22  
A9X O05  C06  sing N N 23  
A9X C13  H1   sing N N 24  
A9X C15  H2   sing N N 25  
A9X C15  H3   sing N N 26  
A9X C15  H4   sing N N 27  
A9X C20  H5   sing N N 28  
A9X C22  H6   sing N N 29  
A9X C01  H7   sing N N 30  
A9X C01  H8   sing N N 31  
A9X C01  H9   sing N N 32  
A9X C06  H10  sing N N 33  
A9X C06  H11  sing N N 34  
A9X C06  H12  sing N N 35  
A9X C07  H13  sing N N 36  
A9X C12  H14  sing N N 37  
A9X C12  H15  sing N N 38  
A9X C14  H16  sing N N 39  
A9X C14  H17  sing N N 40  
A9X O18  H18  sing N N 41  
ALA N    CA   sing N N 42  
ALA N    H    sing N N 43  
ALA N    H2   sing N N 44  
ALA CA   C    sing N N 45  
ALA CA   CB   sing N N 46  
ALA CA   HA   sing N N 47  
ALA C    O    doub N N 48  
ALA C    OXT  sing N N 49  
ALA CB   HB1  sing N N 50  
ALA CB   HB2  sing N N 51  
ALA CB   HB3  sing N N 52  
ALA OXT  HXT  sing N N 53  
ARG N    CA   sing N N 54  
ARG N    H    sing N N 55  
ARG N    H2   sing N N 56  
ARG CA   C    sing N N 57  
ARG CA   CB   sing N N 58  
ARG CA   HA   sing N N 59  
ARG C    O    doub N N 60  
ARG C    OXT  sing N N 61  
ARG CB   CG   sing N N 62  
ARG CB   HB2  sing N N 63  
ARG CB   HB3  sing N N 64  
ARG CG   CD   sing N N 65  
ARG CG   HG2  sing N N 66  
ARG CG   HG3  sing N N 67  
ARG CD   NE   sing N N 68  
ARG CD   HD2  sing N N 69  
ARG CD   HD3  sing N N 70  
ARG NE   CZ   sing N N 71  
ARG NE   HE   sing N N 72  
ARG CZ   NH1  sing N N 73  
ARG CZ   NH2  doub N N 74  
ARG NH1  HH11 sing N N 75  
ARG NH1  HH12 sing N N 76  
ARG NH2  HH21 sing N N 77  
ARG NH2  HH22 sing N N 78  
ARG OXT  HXT  sing N N 79  
ASN N    CA   sing N N 80  
ASN N    H    sing N N 81  
ASN N    H2   sing N N 82  
ASN CA   C    sing N N 83  
ASN CA   CB   sing N N 84  
ASN CA   HA   sing N N 85  
ASN C    O    doub N N 86  
ASN C    OXT  sing N N 87  
ASN CB   CG   sing N N 88  
ASN CB   HB2  sing N N 89  
ASN CB   HB3  sing N N 90  
ASN CG   OD1  doub N N 91  
ASN CG   ND2  sing N N 92  
ASN ND2  HD21 sing N N 93  
ASN ND2  HD22 sing N N 94  
ASN OXT  HXT  sing N N 95  
ASP N    CA   sing N N 96  
ASP N    H    sing N N 97  
ASP N    H2   sing N N 98  
ASP CA   C    sing N N 99  
ASP CA   CB   sing N N 100 
ASP CA   HA   sing N N 101 
ASP C    O    doub N N 102 
ASP C    OXT  sing N N 103 
ASP CB   CG   sing N N 104 
ASP CB   HB2  sing N N 105 
ASP CB   HB3  sing N N 106 
ASP CG   OD1  doub N N 107 
ASP CG   OD2  sing N N 108 
ASP OD2  HD2  sing N N 109 
ASP OXT  HXT  sing N N 110 
CYS N    CA   sing N N 111 
CYS N    H    sing N N 112 
CYS N    H2   sing N N 113 
CYS CA   C    sing N N 114 
CYS CA   CB   sing N N 115 
CYS CA   HA   sing N N 116 
CYS C    O    doub N N 117 
CYS C    OXT  sing N N 118 
CYS CB   SG   sing N N 119 
CYS CB   HB2  sing N N 120 
CYS CB   HB3  sing N N 121 
CYS SG   HG   sing N N 122 
CYS OXT  HXT  sing N N 123 
GLN N    CA   sing N N 124 
GLN N    H    sing N N 125 
GLN N    H2   sing N N 126 
GLN CA   C    sing N N 127 
GLN CA   CB   sing N N 128 
GLN CA   HA   sing N N 129 
GLN C    O    doub N N 130 
GLN C    OXT  sing N N 131 
GLN CB   CG   sing N N 132 
GLN CB   HB2  sing N N 133 
GLN CB   HB3  sing N N 134 
GLN CG   CD   sing N N 135 
GLN CG   HG2  sing N N 136 
GLN CG   HG3  sing N N 137 
GLN CD   OE1  doub N N 138 
GLN CD   NE2  sing N N 139 
GLN NE2  HE21 sing N N 140 
GLN NE2  HE22 sing N N 141 
GLN OXT  HXT  sing N N 142 
GLU N    CA   sing N N 143 
GLU N    H    sing N N 144 
GLU N    H2   sing N N 145 
GLU CA   C    sing N N 146 
GLU CA   CB   sing N N 147 
GLU CA   HA   sing N N 148 
GLU C    O    doub N N 149 
GLU C    OXT  sing N N 150 
GLU CB   CG   sing N N 151 
GLU CB   HB2  sing N N 152 
GLU CB   HB3  sing N N 153 
GLU CG   CD   sing N N 154 
GLU CG   HG2  sing N N 155 
GLU CG   HG3  sing N N 156 
GLU CD   OE1  doub N N 157 
GLU CD   OE2  sing N N 158 
GLU OE2  HE2  sing N N 159 
GLU OXT  HXT  sing N N 160 
GLY N    CA   sing N N 161 
GLY N    H    sing N N 162 
GLY N    H2   sing N N 163 
GLY CA   C    sing N N 164 
GLY CA   HA2  sing N N 165 
GLY CA   HA3  sing N N 166 
GLY C    O    doub N N 167 
GLY C    OXT  sing N N 168 
GLY OXT  HXT  sing N N 169 
HIS N    CA   sing N N 170 
HIS N    H    sing N N 171 
HIS N    H2   sing N N 172 
HIS CA   C    sing N N 173 
HIS CA   CB   sing N N 174 
HIS CA   HA   sing N N 175 
HIS C    O    doub N N 176 
HIS C    OXT  sing N N 177 
HIS CB   CG   sing N N 178 
HIS CB   HB2  sing N N 179 
HIS CB   HB3  sing N N 180 
HIS CG   ND1  sing Y N 181 
HIS CG   CD2  doub Y N 182 
HIS ND1  CE1  doub Y N 183 
HIS ND1  HD1  sing N N 184 
HIS CD2  NE2  sing Y N 185 
HIS CD2  HD2  sing N N 186 
HIS CE1  NE2  sing Y N 187 
HIS CE1  HE1  sing N N 188 
HIS NE2  HE2  sing N N 189 
HIS OXT  HXT  sing N N 190 
HOH O    H1   sing N N 191 
HOH O    H2   sing N N 192 
ILE N    CA   sing N N 193 
ILE N    H    sing N N 194 
ILE N    H2   sing N N 195 
ILE CA   C    sing N N 196 
ILE CA   CB   sing N N 197 
ILE CA   HA   sing N N 198 
ILE C    O    doub N N 199 
ILE C    OXT  sing N N 200 
ILE CB   CG1  sing N N 201 
ILE CB   CG2  sing N N 202 
ILE CB   HB   sing N N 203 
ILE CG1  CD1  sing N N 204 
ILE CG1  HG12 sing N N 205 
ILE CG1  HG13 sing N N 206 
ILE CG2  HG21 sing N N 207 
ILE CG2  HG22 sing N N 208 
ILE CG2  HG23 sing N N 209 
ILE CD1  HD11 sing N N 210 
ILE CD1  HD12 sing N N 211 
ILE CD1  HD13 sing N N 212 
ILE OXT  HXT  sing N N 213 
LEU N    CA   sing N N 214 
LEU N    H    sing N N 215 
LEU N    H2   sing N N 216 
LEU CA   C    sing N N 217 
LEU CA   CB   sing N N 218 
LEU CA   HA   sing N N 219 
LEU C    O    doub N N 220 
LEU C    OXT  sing N N 221 
LEU CB   CG   sing N N 222 
LEU CB   HB2  sing N N 223 
LEU CB   HB3  sing N N 224 
LEU CG   CD1  sing N N 225 
LEU CG   CD2  sing N N 226 
LEU CG   HG   sing N N 227 
LEU CD1  HD11 sing N N 228 
LEU CD1  HD12 sing N N 229 
LEU CD1  HD13 sing N N 230 
LEU CD2  HD21 sing N N 231 
LEU CD2  HD22 sing N N 232 
LEU CD2  HD23 sing N N 233 
LEU OXT  HXT  sing N N 234 
LYS N    CA   sing N N 235 
LYS N    H    sing N N 236 
LYS N    H2   sing N N 237 
LYS CA   C    sing N N 238 
LYS CA   CB   sing N N 239 
LYS CA   HA   sing N N 240 
LYS C    O    doub N N 241 
LYS C    OXT  sing N N 242 
LYS CB   CG   sing N N 243 
LYS CB   HB2  sing N N 244 
LYS CB   HB3  sing N N 245 
LYS CG   CD   sing N N 246 
LYS CG   HG2  sing N N 247 
LYS CG   HG3  sing N N 248 
LYS CD   CE   sing N N 249 
LYS CD   HD2  sing N N 250 
LYS CD   HD3  sing N N 251 
LYS CE   NZ   sing N N 252 
LYS CE   HE2  sing N N 253 
LYS CE   HE3  sing N N 254 
LYS NZ   HZ1  sing N N 255 
LYS NZ   HZ2  sing N N 256 
LYS NZ   HZ3  sing N N 257 
LYS OXT  HXT  sing N N 258 
MET N    CA   sing N N 259 
MET N    H    sing N N 260 
MET N    H2   sing N N 261 
MET CA   C    sing N N 262 
MET CA   CB   sing N N 263 
MET CA   HA   sing N N 264 
MET C    O    doub N N 265 
MET C    OXT  sing N N 266 
MET CB   CG   sing N N 267 
MET CB   HB2  sing N N 268 
MET CB   HB3  sing N N 269 
MET CG   SD   sing N N 270 
MET CG   HG2  sing N N 271 
MET CG   HG3  sing N N 272 
MET SD   CE   sing N N 273 
MET CE   HE1  sing N N 274 
MET CE   HE2  sing N N 275 
MET CE   HE3  sing N N 276 
MET OXT  HXT  sing N N 277 
PHE N    CA   sing N N 278 
PHE N    H    sing N N 279 
PHE N    H2   sing N N 280 
PHE CA   C    sing N N 281 
PHE CA   CB   sing N N 282 
PHE CA   HA   sing N N 283 
PHE C    O    doub N N 284 
PHE C    OXT  sing N N 285 
PHE CB   CG   sing N N 286 
PHE CB   HB2  sing N N 287 
PHE CB   HB3  sing N N 288 
PHE CG   CD1  doub Y N 289 
PHE CG   CD2  sing Y N 290 
PHE CD1  CE1  sing Y N 291 
PHE CD1  HD1  sing N N 292 
PHE CD2  CE2  doub Y N 293 
PHE CD2  HD2  sing N N 294 
PHE CE1  CZ   doub Y N 295 
PHE CE1  HE1  sing N N 296 
PHE CE2  CZ   sing Y N 297 
PHE CE2  HE2  sing N N 298 
PHE CZ   HZ   sing N N 299 
PHE OXT  HXT  sing N N 300 
PRO N    CA   sing N N 301 
PRO N    CD   sing N N 302 
PRO N    H    sing N N 303 
PRO CA   C    sing N N 304 
PRO CA   CB   sing N N 305 
PRO CA   HA   sing N N 306 
PRO C    O    doub N N 307 
PRO C    OXT  sing N N 308 
PRO CB   CG   sing N N 309 
PRO CB   HB2  sing N N 310 
PRO CB   HB3  sing N N 311 
PRO CG   CD   sing N N 312 
PRO CG   HG2  sing N N 313 
PRO CG   HG3  sing N N 314 
PRO CD   HD2  sing N N 315 
PRO CD   HD3  sing N N 316 
PRO OXT  HXT  sing N N 317 
SER N    CA   sing N N 318 
SER N    H    sing N N 319 
SER N    H2   sing N N 320 
SER CA   C    sing N N 321 
SER CA   CB   sing N N 322 
SER CA   HA   sing N N 323 
SER C    O    doub N N 324 
SER C    OXT  sing N N 325 
SER CB   OG   sing N N 326 
SER CB   HB2  sing N N 327 
SER CB   HB3  sing N N 328 
SER OG   HG   sing N N 329 
SER OXT  HXT  sing N N 330 
THR N    CA   sing N N 331 
THR N    H    sing N N 332 
THR N    H2   sing N N 333 
THR CA   C    sing N N 334 
THR CA   CB   sing N N 335 
THR CA   HA   sing N N 336 
THR C    O    doub N N 337 
THR C    OXT  sing N N 338 
THR CB   OG1  sing N N 339 
THR CB   CG2  sing N N 340 
THR CB   HB   sing N N 341 
THR OG1  HG1  sing N N 342 
THR CG2  HG21 sing N N 343 
THR CG2  HG22 sing N N 344 
THR CG2  HG23 sing N N 345 
THR OXT  HXT  sing N N 346 
TRP N    CA   sing N N 347 
TRP N    H    sing N N 348 
TRP N    H2   sing N N 349 
TRP CA   C    sing N N 350 
TRP CA   CB   sing N N 351 
TRP CA   HA   sing N N 352 
TRP C    O    doub N N 353 
TRP C    OXT  sing N N 354 
TRP CB   CG   sing N N 355 
TRP CB   HB2  sing N N 356 
TRP CB   HB3  sing N N 357 
TRP CG   CD1  doub Y N 358 
TRP CG   CD2  sing Y N 359 
TRP CD1  NE1  sing Y N 360 
TRP CD1  HD1  sing N N 361 
TRP CD2  CE2  doub Y N 362 
TRP CD2  CE3  sing Y N 363 
TRP NE1  CE2  sing Y N 364 
TRP NE1  HE1  sing N N 365 
TRP CE2  CZ2  sing Y N 366 
TRP CE3  CZ3  doub Y N 367 
TRP CE3  HE3  sing N N 368 
TRP CZ2  CH2  doub Y N 369 
TRP CZ2  HZ2  sing N N 370 
TRP CZ3  CH2  sing Y N 371 
TRP CZ3  HZ3  sing N N 372 
TRP CH2  HH2  sing N N 373 
TRP OXT  HXT  sing N N 374 
TYR N    CA   sing N N 375 
TYR N    H    sing N N 376 
TYR N    H2   sing N N 377 
TYR CA   C    sing N N 378 
TYR CA   CB   sing N N 379 
TYR CA   HA   sing N N 380 
TYR C    O    doub N N 381 
TYR C    OXT  sing N N 382 
TYR CB   CG   sing N N 383 
TYR CB   HB2  sing N N 384 
TYR CB   HB3  sing N N 385 
TYR CG   CD1  doub Y N 386 
TYR CG   CD2  sing Y N 387 
TYR CD1  CE1  sing Y N 388 
TYR CD1  HD1  sing N N 389 
TYR CD2  CE2  doub Y N 390 
TYR CD2  HD2  sing N N 391 
TYR CE1  CZ   doub Y N 392 
TYR CE1  HE1  sing N N 393 
TYR CE2  CZ   sing Y N 394 
TYR CE2  HE2  sing N N 395 
TYR CZ   OH   sing N N 396 
TYR OH   HH   sing N N 397 
TYR OXT  HXT  sing N N 398 
VAL N    CA   sing N N 399 
VAL N    H    sing N N 400 
VAL N    H2   sing N N 401 
VAL CA   C    sing N N 402 
VAL CA   CB   sing N N 403 
VAL CA   HA   sing N N 404 
VAL C    O    doub N N 405 
VAL C    OXT  sing N N 406 
VAL CB   CG1  sing N N 407 
VAL CB   CG2  sing N N 408 
VAL CB   HB   sing N N 409 
VAL CG1  HG11 sing N N 410 
VAL CG1  HG12 sing N N 411 
VAL CG1  HG13 sing N N 412 
VAL CG2  HG21 sing N N 413 
VAL CG2  HG22 sing N N 414 
VAL CG2  HG23 sing N N 415 
VAL OXT  HXT  sing N N 416 
# 
loop_
_pdbx_audit_support.funding_organization 
_pdbx_audit_support.country 
_pdbx_audit_support.grant_number 
_pdbx_audit_support.ordinal 
'National Natural Science Foundation of China (NSFC)' China 31860245 1 
'National Natural Science Foundation of China (NSFC)' China 31960203 2 
'National Natural Science Foundation of China (NSFC)' China 82073702 3 
'National Natural Science Foundation of China (NSFC)' China 32070387 4 
'National Natural Science Foundation of China (NSFC)' China 81872746 5 
# 
_pdbx_entity_instance_feature.ordinal        1 
_pdbx_entity_instance_feature.comp_id        A9X 
_pdbx_entity_instance_feature.asym_id        ? 
_pdbx_entity_instance_feature.seq_num        ? 
_pdbx_entity_instance_feature.auth_comp_id   A9X 
_pdbx_entity_instance_feature.auth_asym_id   ? 
_pdbx_entity_instance_feature.auth_seq_num   ? 
_pdbx_entity_instance_feature.feature_type   'SUBJECT OF INVESTIGATION' 
_pdbx_entity_instance_feature.details        ? 
# 
loop_
_pdbx_entity_nonpoly.entity_id 
_pdbx_entity_nonpoly.name 
_pdbx_entity_nonpoly.comp_id 
2 '(2R)-4-(5,6-dimethoxy-1-benzoselenophen-2-yl)-2-ethyl-4-oxidanylidene-butanoic acid' A9X 
3 water                                                                                 HOH 
# 
_pdbx_initial_refinement_model.id               1 
_pdbx_initial_refinement_model.entity_id_list   ? 
_pdbx_initial_refinement_model.type             'experimental model' 
_pdbx_initial_refinement_model.source_name      PDB 
_pdbx_initial_refinement_model.accession_code   6UKM 
_pdbx_initial_refinement_model.details          ? 
# 
_pdbx_struct_assembly_auth_evidence.id                     1 
_pdbx_struct_assembly_auth_evidence.assembly_id            1 
_pdbx_struct_assembly_auth_evidence.experimental_support   'gel filtration' 
_pdbx_struct_assembly_auth_evidence.details                ? 
# 
